data_2ZY6
# 
_entry.id   2ZY6 
# 
_audit_conform.dict_name       mmcif_pdbx.dic 
_audit_conform.dict_version    5.388 
_audit_conform.dict_location   http://mmcif.pdb.org/dictionaries/ascii/mmcif_pdbx.dic 
# 
loop_
_database_2.database_id 
_database_2.database_code 
_database_2.pdbx_database_accession 
_database_2.pdbx_DOI 
PDB   2ZY6         pdb_00002zy6 10.2210/pdb2zy6/pdb 
NDB   UR0182       ?            ?                   
RCSB  RCSB028573   ?            ?                   
WWPDB D_1000028573 ?            ?                   
# 
loop_
_pdbx_audit_revision_history.ordinal 
_pdbx_audit_revision_history.data_content_type 
_pdbx_audit_revision_history.major_revision 
_pdbx_audit_revision_history.minor_revision 
_pdbx_audit_revision_history.revision_date 
1 'Structure model' 1 0 2009-06-30 
2 'Structure model' 1 1 2011-07-13 
3 'Structure model' 1 2 2024-03-13 
# 
_pdbx_audit_revision_details.ordinal             1 
_pdbx_audit_revision_details.revision_ordinal    1 
_pdbx_audit_revision_details.data_content_type   'Structure model' 
_pdbx_audit_revision_details.provider            repository 
_pdbx_audit_revision_details.type                'Initial release' 
_pdbx_audit_revision_details.description         ? 
_pdbx_audit_revision_details.details             ? 
# 
loop_
_pdbx_audit_revision_group.ordinal 
_pdbx_audit_revision_group.revision_ordinal 
_pdbx_audit_revision_group.data_content_type 
_pdbx_audit_revision_group.group 
1 2 'Structure model' 'Version format compliance' 
2 3 'Structure model' 'Data collection'           
3 3 'Structure model' 'Database references'       
4 3 'Structure model' 'Derived calculations'      
# 
loop_
_pdbx_audit_revision_category.ordinal 
_pdbx_audit_revision_category.revision_ordinal 
_pdbx_audit_revision_category.data_content_type 
_pdbx_audit_revision_category.category 
1 3 'Structure model' chem_comp_atom               
2 3 'Structure model' chem_comp_bond               
3 3 'Structure model' database_2                   
4 3 'Structure model' pdbx_struct_conn_angle       
5 3 'Structure model' pdbx_struct_special_symmetry 
6 3 'Structure model' struct_conn                  
7 3 'Structure model' struct_site                  
# 
loop_
_pdbx_audit_revision_item.ordinal 
_pdbx_audit_revision_item.revision_ordinal 
_pdbx_audit_revision_item.data_content_type 
_pdbx_audit_revision_item.item 
1  3 'Structure model' '_database_2.pdbx_DOI'                        
2  3 'Structure model' '_database_2.pdbx_database_accession'         
3  3 'Structure model' '_pdbx_struct_conn_angle.ptnr1_auth_comp_id'  
4  3 'Structure model' '_pdbx_struct_conn_angle.ptnr1_auth_seq_id'   
5  3 'Structure model' '_pdbx_struct_conn_angle.ptnr1_label_asym_id' 
6  3 'Structure model' '_pdbx_struct_conn_angle.ptnr1_label_atom_id' 
7  3 'Structure model' '_pdbx_struct_conn_angle.ptnr1_label_comp_id' 
8  3 'Structure model' '_pdbx_struct_conn_angle.ptnr1_label_seq_id'  
9  3 'Structure model' '_pdbx_struct_conn_angle.ptnr2_auth_comp_id'  
10 3 'Structure model' '_pdbx_struct_conn_angle.ptnr2_auth_seq_id'   
11 3 'Structure model' '_pdbx_struct_conn_angle.ptnr2_label_asym_id' 
12 3 'Structure model' '_pdbx_struct_conn_angle.ptnr2_label_atom_id' 
13 3 'Structure model' '_pdbx_struct_conn_angle.ptnr2_label_comp_id' 
14 3 'Structure model' '_pdbx_struct_conn_angle.ptnr3_auth_comp_id'  
15 3 'Structure model' '_pdbx_struct_conn_angle.ptnr3_auth_seq_id'   
16 3 'Structure model' '_pdbx_struct_conn_angle.ptnr3_label_asym_id' 
17 3 'Structure model' '_pdbx_struct_conn_angle.ptnr3_label_atom_id' 
18 3 'Structure model' '_pdbx_struct_conn_angle.ptnr3_label_comp_id' 
19 3 'Structure model' '_pdbx_struct_conn_angle.ptnr3_label_seq_id'  
20 3 'Structure model' '_pdbx_struct_conn_angle.value'               
21 3 'Structure model' '_struct_conn.pdbx_dist_value'                
22 3 'Structure model' '_struct_conn.ptnr1_auth_comp_id'             
23 3 'Structure model' '_struct_conn.ptnr1_auth_seq_id'              
24 3 'Structure model' '_struct_conn.ptnr1_label_asym_id'            
25 3 'Structure model' '_struct_conn.ptnr1_label_atom_id'            
26 3 'Structure model' '_struct_conn.ptnr1_label_comp_id'            
27 3 'Structure model' '_struct_conn.ptnr2_auth_comp_id'             
28 3 'Structure model' '_struct_conn.ptnr2_auth_seq_id'              
29 3 'Structure model' '_struct_conn.ptnr2_label_asym_id'            
30 3 'Structure model' '_struct_conn.ptnr2_label_atom_id'            
31 3 'Structure model' '_struct_conn.ptnr2_label_comp_id'            
32 3 'Structure model' '_struct_site.pdbx_auth_asym_id'              
33 3 'Structure model' '_struct_site.pdbx_auth_comp_id'              
34 3 'Structure model' '_struct_site.pdbx_auth_seq_id'               
# 
_pdbx_database_status.status_code                     REL 
_pdbx_database_status.entry_id                        2ZY6 
_pdbx_database_status.recvd_initial_deposition_date   2009-01-14 
_pdbx_database_status.deposit_site                    PDBJ 
_pdbx_database_status.process_site                    PDBJ 
_pdbx_database_status.status_code_sf                  REL 
_pdbx_database_status.status_code_mr                  ? 
_pdbx_database_status.SG_entry                        . 
_pdbx_database_status.pdb_format_compatible           Y 
_pdbx_database_status.status_code_cs                  ? 
_pdbx_database_status.status_code_nmr_data            ? 
_pdbx_database_status.methods_development_category    ? 
# 
loop_
_audit_author.name 
_audit_author.pdbx_ordinal 
'Tanaka, I.'  1 
'Yao, M.'     2 
'Tanaka, Y.'  3 
'Kitago, Y.'  4 
'Ymagata, S.' 5 
# 
_citation.id                        primary 
_citation.title                     
'Deduced RNA binding mechanism of ThiI based on structural and binding analyses of a minimal RNA ligand' 
_citation.journal_abbrev            Rna 
_citation.journal_volume            15 
_citation.page_first                1498 
_citation.page_last                 1506 
_citation.year                      2009 
_citation.journal_id_ASTM           RNARFU 
_citation.country                   UK 
_citation.journal_id_ISSN           1355-8382 
_citation.journal_id_CSD            2122 
_citation.book_publisher            ? 
_citation.pdbx_database_id_PubMed   19509301 
_citation.pdbx_database_id_DOI      10.1261/rna.1614709 
# 
loop_
_citation_author.citation_id 
_citation_author.name 
_citation_author.ordinal 
_citation_author.identifier_ORCID 
primary 'Tanaka, Y.'     1 ? 
primary 'Yamagata, S.'   2 ? 
primary 'Kitago, Y.'     3 ? 
primary 'Yamada, Y.'     4 ? 
primary 'Chimnaronk, S.' 5 ? 
primary 'Yao, M.'        6 ? 
primary 'Tanaka, I.'     7 ? 
# 
loop_
_entity.id 
_entity.type 
_entity.src_method 
_entity.pdbx_description 
_entity.formula_weight 
_entity.pdbx_number_of_molecules 
_entity.pdbx_ec 
_entity.pdbx_mutation 
_entity.pdbx_fragment 
_entity.details 
1 polymer     syn 'phenylalanyl transfer RNA' 12575.541 1   ? ? ? ? 
2 non-polymer syn 'MAGNESIUM ION'             24.305    1   ? ? ? ? 
3 non-polymer syn 'CHLORIDE ION'              35.453    1   ? ? ? ? 
4 non-polymer syn 'CALCIUM ION'               40.078    7   ? ? ? ? 
5 water       nat water                       18.015    161 ? ? ? ? 
# 
_entity_poly.entity_id                      1 
_entity_poly.type                           polyribonucleotide 
_entity_poly.nstd_linkage                   no 
_entity_poly.nstd_monomer                   no 
_entity_poly.pdbx_seq_one_letter_code       GCCCGGAUAGUGUCCUUGGGAAACCGAGUCCGGGCACCA 
_entity_poly.pdbx_seq_one_letter_code_can   GCCCGGAUAGUGUCCUUGGGAAACCGAGUCCGGGCACCA 
_entity_poly.pdbx_strand_id                 A 
_entity_poly.pdbx_target_identifier         ? 
# 
loop_
_pdbx_entity_nonpoly.entity_id 
_pdbx_entity_nonpoly.name 
_pdbx_entity_nonpoly.comp_id 
2 'MAGNESIUM ION' MG  
3 'CHLORIDE ION'  CL  
4 'CALCIUM ION'   CA  
5 water           HOH 
# 
loop_
_entity_poly_seq.entity_id 
_entity_poly_seq.num 
_entity_poly_seq.mon_id 
_entity_poly_seq.hetero 
1 1  G n 
1 2  C n 
1 3  C n 
1 4  C n 
1 5  G n 
1 6  G n 
1 7  A n 
1 8  U n 
1 9  A n 
1 10 G n 
1 11 U n 
1 12 G n 
1 13 U n 
1 14 C n 
1 15 C n 
1 16 U n 
1 17 U n 
1 18 G n 
1 19 G n 
1 20 G n 
1 21 A n 
1 22 A n 
1 23 A n 
1 24 C n 
1 25 C n 
1 26 G n 
1 27 A n 
1 28 G n 
1 29 U n 
1 30 C n 
1 31 C n 
1 32 G n 
1 33 G n 
1 34 G n 
1 35 C n 
1 36 A n 
1 37 C n 
1 38 C n 
1 39 A n 
# 
_pdbx_entity_src_syn.entity_id              1 
_pdbx_entity_src_syn.pdbx_src_id            1 
_pdbx_entity_src_syn.pdbx_alt_source_flag   sample 
_pdbx_entity_src_syn.pdbx_beg_seq_num       ? 
_pdbx_entity_src_syn.pdbx_end_seq_num       ? 
_pdbx_entity_src_syn.organism_scientific    ? 
_pdbx_entity_src_syn.organism_common_name   ? 
_pdbx_entity_src_syn.ncbi_taxonomy_id       ? 
_pdbx_entity_src_syn.details                'Nucleotide synthesis' 
# 
loop_
_chem_comp.id 
_chem_comp.type 
_chem_comp.mon_nstd_flag 
_chem_comp.name 
_chem_comp.pdbx_synonyms 
_chem_comp.formula 
_chem_comp.formula_weight 
A   'RNA linking' y "ADENOSINE-5'-MONOPHOSPHATE" ? 'C10 H14 N5 O7 P' 347.221 
C   'RNA linking' y "CYTIDINE-5'-MONOPHOSPHATE"  ? 'C9 H14 N3 O8 P'  323.197 
CA  non-polymer   . 'CALCIUM ION'                ? 'Ca 2'            40.078  
CL  non-polymer   . 'CHLORIDE ION'               ? 'Cl -1'           35.453  
G   'RNA linking' y "GUANOSINE-5'-MONOPHOSPHATE" ? 'C10 H14 N5 O8 P' 363.221 
HOH non-polymer   . WATER                        ? 'H2 O'            18.015  
MG  non-polymer   . 'MAGNESIUM ION'              ? 'Mg 2'            24.305  
U   'RNA linking' y "URIDINE-5'-MONOPHOSPHATE"   ? 'C9 H13 N2 O9 P'  324.181 
# 
loop_
_pdbx_poly_seq_scheme.asym_id 
_pdbx_poly_seq_scheme.entity_id 
_pdbx_poly_seq_scheme.seq_id 
_pdbx_poly_seq_scheme.mon_id 
_pdbx_poly_seq_scheme.ndb_seq_num 
_pdbx_poly_seq_scheme.pdb_seq_num 
_pdbx_poly_seq_scheme.auth_seq_num 
_pdbx_poly_seq_scheme.pdb_mon_id 
_pdbx_poly_seq_scheme.auth_mon_id 
_pdbx_poly_seq_scheme.pdb_strand_id 
_pdbx_poly_seq_scheme.pdb_ins_code 
_pdbx_poly_seq_scheme.hetero 
A 1 1  G 1  1  1  G G A . n 
A 1 2  C 2  2  2  C C A . n 
A 1 3  C 3  3  3  C C A . n 
A 1 4  C 4  4  4  C C A . n 
A 1 5  G 5  5  5  G G A . n 
A 1 6  G 6  6  6  G G A . n 
A 1 7  A 7  7  7  A A A . n 
A 1 8  U 8  8  8  U U A . n 
A 1 9  A 9  9  9  A A A . n 
A 1 10 G 10 10 10 G G A . n 
A 1 11 U 11 11 11 U U A . n 
A 1 12 G 12 12 12 G G A . n 
A 1 13 U 13 13 13 U U A . n 
A 1 14 C 14 14 14 C C A . n 
A 1 15 C 15 15 15 C C A . n 
A 1 16 U 16 16 16 U U A . n 
A 1 17 U 17 17 17 U U A . n 
A 1 18 G 18 18 18 G G A . n 
A 1 19 G 19 19 19 G G A . n 
A 1 20 G 20 20 20 G G A . n 
A 1 21 A 21 21 21 A A A . n 
A 1 22 A 22 22 22 A A A . n 
A 1 23 A 23 23 23 A A A . n 
A 1 24 C 24 24 24 C C A . n 
A 1 25 C 25 25 25 C C A . n 
A 1 26 G 26 26 26 G G A . n 
A 1 27 A 27 27 27 A A A . n 
A 1 28 G 28 28 28 G G A . n 
A 1 29 U 29 29 29 U U A . n 
A 1 30 C 30 30 30 C C A . n 
A 1 31 C 31 31 31 C C A . n 
A 1 32 G 32 32 32 G G A . n 
A 1 33 G 33 33 33 G G A . n 
A 1 34 G 34 34 34 G G A . n 
A 1 35 C 35 35 35 C C A . n 
A 1 36 A 36 36 36 A A A . n 
A 1 37 C 37 37 37 C C A . n 
A 1 38 C 38 38 38 C C A . n 
A 1 39 A 39 39 ?  ? ? A . n 
# 
loop_
_pdbx_nonpoly_scheme.asym_id 
_pdbx_nonpoly_scheme.entity_id 
_pdbx_nonpoly_scheme.mon_id 
_pdbx_nonpoly_scheme.ndb_seq_num 
_pdbx_nonpoly_scheme.pdb_seq_num 
_pdbx_nonpoly_scheme.auth_seq_num 
_pdbx_nonpoly_scheme.pdb_mon_id 
_pdbx_nonpoly_scheme.auth_mon_id 
_pdbx_nonpoly_scheme.pdb_strand_id 
_pdbx_nonpoly_scheme.pdb_ins_code 
B 2 MG  1   100 100 MG  MG  A . 
C 3 CL  1   101 101 CL  CL  A . 
D 4 CA  1   102 102 CA  CA  A . 
E 4 CA  1   103 103 CA  CA  A . 
F 4 CA  1   104 104 CA  CA  A . 
G 4 CA  1   105 105 CA  CA  A . 
H 4 CA  1   106 106 CA  CA  A . 
I 4 CA  1   107 107 CA  CA  A . 
J 4 CA  1   108 108 CA  CA  A . 
K 5 HOH 1   40  40  HOH HOH A . 
K 5 HOH 2   41  41  HOH HOH A . 
K 5 HOH 3   42  42  HOH HOH A . 
K 5 HOH 4   43  43  HOH HOH A . 
K 5 HOH 5   44  44  HOH HOH A . 
K 5 HOH 6   45  45  HOH HOH A . 
K 5 HOH 7   46  46  HOH HOH A . 
K 5 HOH 8   47  47  HOH HOH A . 
K 5 HOH 9   48  48  HOH HOH A . 
K 5 HOH 10  49  49  HOH HOH A . 
K 5 HOH 11  50  50  HOH HOH A . 
K 5 HOH 12  51  51  HOH HOH A . 
K 5 HOH 13  52  52  HOH HOH A . 
K 5 HOH 14  53  53  HOH HOH A . 
K 5 HOH 15  54  54  HOH HOH A . 
K 5 HOH 16  55  55  HOH HOH A . 
K 5 HOH 17  56  56  HOH HOH A . 
K 5 HOH 18  57  57  HOH HOH A . 
K 5 HOH 19  58  58  HOH HOH A . 
K 5 HOH 20  59  59  HOH HOH A . 
K 5 HOH 21  60  60  HOH HOH A . 
K 5 HOH 22  61  61  HOH HOH A . 
K 5 HOH 23  62  62  HOH HOH A . 
K 5 HOH 24  63  63  HOH HOH A . 
K 5 HOH 25  64  64  HOH HOH A . 
K 5 HOH 26  65  65  HOH HOH A . 
K 5 HOH 27  66  66  HOH HOH A . 
K 5 HOH 28  67  67  HOH HOH A . 
K 5 HOH 29  68  68  HOH HOH A . 
K 5 HOH 30  69  69  HOH HOH A . 
K 5 HOH 31  70  70  HOH HOH A . 
K 5 HOH 32  71  71  HOH HOH A . 
K 5 HOH 33  72  72  HOH HOH A . 
K 5 HOH 34  73  73  HOH HOH A . 
K 5 HOH 35  74  74  HOH HOH A . 
K 5 HOH 36  75  75  HOH HOH A . 
K 5 HOH 37  76  76  HOH HOH A . 
K 5 HOH 38  77  77  HOH HOH A . 
K 5 HOH 39  78  78  HOH HOH A . 
K 5 HOH 40  79  79  HOH HOH A . 
K 5 HOH 41  80  80  HOH HOH A . 
K 5 HOH 42  81  81  HOH HOH A . 
K 5 HOH 43  82  82  HOH HOH A . 
K 5 HOH 44  83  83  HOH HOH A . 
K 5 HOH 45  84  84  HOH HOH A . 
K 5 HOH 46  85  85  HOH HOH A . 
K 5 HOH 47  86  86  HOH HOH A . 
K 5 HOH 48  87  87  HOH HOH A . 
K 5 HOH 49  88  88  HOH HOH A . 
K 5 HOH 50  89  89  HOH HOH A . 
K 5 HOH 51  90  90  HOH HOH A . 
K 5 HOH 52  91  91  HOH HOH A . 
K 5 HOH 53  92  92  HOH HOH A . 
K 5 HOH 54  93  93  HOH HOH A . 
K 5 HOH 55  94  94  HOH HOH A . 
K 5 HOH 56  95  95  HOH HOH A . 
K 5 HOH 57  96  96  HOH HOH A . 
K 5 HOH 58  97  97  HOH HOH A . 
K 5 HOH 59  98  98  HOH HOH A . 
K 5 HOH 60  99  99  HOH HOH A . 
K 5 HOH 61  109 109 HOH HOH A . 
K 5 HOH 62  110 110 HOH HOH A . 
K 5 HOH 63  111 111 HOH HOH A . 
K 5 HOH 64  112 112 HOH HOH A . 
K 5 HOH 65  113 113 HOH HOH A . 
K 5 HOH 66  114 114 HOH HOH A . 
K 5 HOH 67  115 115 HOH HOH A . 
K 5 HOH 68  116 116 HOH HOH A . 
K 5 HOH 69  117 117 HOH HOH A . 
K 5 HOH 70  118 118 HOH HOH A . 
K 5 HOH 71  119 119 HOH HOH A . 
K 5 HOH 72  120 120 HOH HOH A . 
K 5 HOH 73  121 121 HOH HOH A . 
K 5 HOH 74  122 122 HOH HOH A . 
K 5 HOH 75  123 123 HOH HOH A . 
K 5 HOH 76  124 124 HOH HOH A . 
K 5 HOH 77  125 125 HOH HOH A . 
K 5 HOH 78  126 126 HOH HOH A . 
K 5 HOH 79  127 127 HOH HOH A . 
K 5 HOH 80  128 128 HOH HOH A . 
K 5 HOH 81  129 129 HOH HOH A . 
K 5 HOH 82  130 130 HOH HOH A . 
K 5 HOH 83  131 131 HOH HOH A . 
K 5 HOH 84  132 132 HOH HOH A . 
K 5 HOH 85  133 133 HOH HOH A . 
K 5 HOH 86  134 134 HOH HOH A . 
K 5 HOH 87  135 135 HOH HOH A . 
K 5 HOH 88  136 136 HOH HOH A . 
K 5 HOH 89  137 137 HOH HOH A . 
K 5 HOH 90  138 138 HOH HOH A . 
K 5 HOH 91  139 139 HOH HOH A . 
K 5 HOH 92  140 140 HOH HOH A . 
K 5 HOH 93  141 141 HOH HOH A . 
K 5 HOH 94  142 142 HOH HOH A . 
K 5 HOH 95  143 143 HOH HOH A . 
K 5 HOH 96  144 144 HOH HOH A . 
K 5 HOH 97  145 145 HOH HOH A . 
K 5 HOH 98  146 146 HOH HOH A . 
K 5 HOH 99  147 147 HOH HOH A . 
K 5 HOH 100 148 148 HOH HOH A . 
K 5 HOH 101 149 149 HOH HOH A . 
K 5 HOH 102 150 150 HOH HOH A . 
K 5 HOH 103 151 151 HOH HOH A . 
K 5 HOH 104 152 152 HOH HOH A . 
K 5 HOH 105 153 153 HOH HOH A . 
K 5 HOH 106 154 154 HOH HOH A . 
K 5 HOH 107 155 155 HOH HOH A . 
K 5 HOH 108 156 156 HOH HOH A . 
K 5 HOH 109 157 157 HOH HOH A . 
K 5 HOH 110 158 158 HOH HOH A . 
K 5 HOH 111 159 159 HOH HOH A . 
K 5 HOH 112 160 160 HOH HOH A . 
K 5 HOH 113 161 161 HOH HOH A . 
K 5 HOH 114 162 1   HOH HOH A . 
K 5 HOH 115 163 2   HOH HOH A . 
K 5 HOH 116 164 3   HOH HOH A . 
K 5 HOH 117 165 4   HOH HOH A . 
K 5 HOH 118 166 5   HOH HOH A . 
K 5 HOH 119 167 6   HOH HOH A . 
K 5 HOH 120 168 7   HOH HOH A . 
K 5 HOH 121 169 8   HOH HOH A . 
K 5 HOH 122 170 9   HOH HOH A . 
K 5 HOH 123 171 10  HOH HOH A . 
K 5 HOH 124 172 11  HOH HOH A . 
K 5 HOH 125 173 12  HOH HOH A . 
K 5 HOH 126 174 13  HOH HOH A . 
K 5 HOH 127 175 14  HOH HOH A . 
K 5 HOH 128 176 15  HOH HOH A . 
K 5 HOH 129 177 16  HOH HOH A . 
K 5 HOH 130 178 17  HOH HOH A . 
K 5 HOH 131 179 18  HOH HOH A . 
K 5 HOH 132 180 19  HOH HOH A . 
K 5 HOH 133 181 20  HOH HOH A . 
K 5 HOH 134 182 21  HOH HOH A . 
K 5 HOH 135 183 22  HOH HOH A . 
K 5 HOH 136 184 23  HOH HOH A . 
K 5 HOH 137 185 24  HOH HOH A . 
K 5 HOH 138 186 25  HOH HOH A . 
K 5 HOH 139 187 26  HOH HOH A . 
K 5 HOH 140 188 27  HOH HOH A . 
K 5 HOH 141 189 28  HOH HOH A . 
K 5 HOH 142 190 29  HOH HOH A . 
K 5 HOH 143 191 30  HOH HOH A . 
K 5 HOH 144 192 31  HOH HOH A . 
K 5 HOH 145 193 32  HOH HOH A . 
K 5 HOH 146 194 33  HOH HOH A . 
K 5 HOH 147 195 34  HOH HOH A . 
K 5 HOH 148 196 35  HOH HOH A . 
K 5 HOH 149 197 36  HOH HOH A . 
K 5 HOH 150 198 37  HOH HOH A . 
K 5 HOH 151 199 38  HOH HOH A . 
K 5 HOH 152 200 39  HOH HOH A . 
K 5 HOH 153 201 100 HOH HOH A . 
K 5 HOH 154 202 101 HOH HOH A . 
K 5 HOH 155 203 102 HOH HOH A . 
K 5 HOH 156 204 103 HOH HOH A . 
K 5 HOH 157 205 104 HOH HOH A . 
K 5 HOH 158 206 105 HOH HOH A . 
K 5 HOH 159 207 106 HOH HOH A . 
K 5 HOH 160 208 107 HOH HOH A . 
K 5 HOH 161 209 108 HOH HOH A . 
# 
loop_
_software.name 
_software.classification 
_software.version 
_software.citation_id 
_software.pdbx_ordinal 
REFMAC   refinement        5.2.0019 ? 1 
HKL-2000 'data collection' .        ? 2 
HKL-2000 'data reduction'  .        ? 3 
HKL-2000 'data scaling'    .        ? 4 
SHELXE   'model building'  .        ? 5 
# 
_cell.entry_id           2ZY6 
_cell.length_a           62.366 
_cell.length_b           62.366 
_cell.length_c           115.200 
_cell.angle_alpha        90.00 
_cell.angle_beta         90.00 
_cell.angle_gamma        120.00 
_cell.Z_PDB              12 
_cell.pdbx_unique_axis   ? 
_cell.length_a_esd       ? 
_cell.length_b_esd       ? 
_cell.length_c_esd       ? 
_cell.angle_alpha_esd    ? 
_cell.angle_beta_esd     ? 
_cell.angle_gamma_esd    ? 
# 
_symmetry.entry_id                         2ZY6 
_symmetry.space_group_name_H-M             'P 61 2 2' 
_symmetry.pdbx_full_space_group_name_H-M   ? 
_symmetry.cell_setting                     ? 
_symmetry.Int_Tables_number                178 
_symmetry.space_group_name_Hall            ? 
# 
_exptl.entry_id          2ZY6 
_exptl.method            'X-RAY DIFFRACTION' 
_exptl.crystals_number   1 
# 
_exptl_crystal.id                    1 
_exptl_crystal.density_meas          ? 
_exptl_crystal.density_Matthews      2.57 
_exptl_crystal.density_percent_sol   52.17 
_exptl_crystal.description           ? 
_exptl_crystal.F_000                 ? 
_exptl_crystal.preparation           ? 
# 
_exptl_crystal_grow.crystal_id      1 
_exptl_crystal_grow.method          'VAPOR DIFFUSION, SITTING DROP' 
_exptl_crystal_grow.temp            293 
_exptl_crystal_grow.temp_details    ? 
_exptl_crystal_grow.pH              7.00 
_exptl_crystal_grow.pdbx_details    
'40% MPD, 0.1M HEPES, 0.2M Sodium Chloride, 0.2M Calcium acetate, pH7.00, VAPOR DIFFUSION, SITTING DROP, temperature 293K' 
_exptl_crystal_grow.pdbx_pH_range   . 
# 
loop_
_exptl_crystal_grow_comp.crystal_id 
_exptl_crystal_grow_comp.id 
_exptl_crystal_grow_comp.sol_id 
_exptl_crystal_grow_comp.name 
_exptl_crystal_grow_comp.volume 
_exptl_crystal_grow_comp.conc 
_exptl_crystal_grow_comp.details 
1 1  1 MPD               ? ? ? 
1 2  1 HEPES             ? ? ? 
1 3  1 'Sodium Chloride' ? ? ? 
1 4  1 'Calcium acetate' ? ? ? 
1 5  1 HOH               ? ? ? 
1 6  2 MPD               ? ? ? 
1 7  2 HEPES             ? ? ? 
1 8  2 'Sodium Chloride' ? ? ? 
1 9  2 'Calcium acetate' ? ? ? 
1 10 2 HOH               ? ? ? 
# 
_diffrn.id                     1 
_diffrn.ambient_temp           100 
_diffrn.ambient_temp_details   ? 
_diffrn.crystal_id             1 
# 
_diffrn_detector.diffrn_id              1 
_diffrn_detector.detector               CCD 
_diffrn_detector.type                   'ADSC QUANTUM 210' 
_diffrn_detector.pdbx_collection_date   2008-11-11 
_diffrn_detector.details                mirrors 
# 
_diffrn_radiation.diffrn_id                        1 
_diffrn_radiation.wavelength_id                    1 
_diffrn_radiation.pdbx_monochromatic_or_laue_m_l   M 
_diffrn_radiation.monochromator                    'Si 111' 
_diffrn_radiation.pdbx_diffrn_protocol             'SINGLE WAVELENGTH' 
_diffrn_radiation.pdbx_scattering_type             x-ray 
# 
_diffrn_radiation_wavelength.id           1 
_diffrn_radiation_wavelength.wavelength   1.70 
_diffrn_radiation_wavelength.wt           1.0 
# 
_diffrn_source.diffrn_id                   1 
_diffrn_source.source                      SYNCHROTRON 
_diffrn_source.type                        'PHOTON FACTORY BEAMLINE AR-NW12A' 
_diffrn_source.pdbx_synchrotron_site       'Photon Factory' 
_diffrn_source.pdbx_synchrotron_beamline   AR-NW12A 
_diffrn_source.pdbx_wavelength             ? 
_diffrn_source.pdbx_wavelength_list        1.70 
# 
_reflns.entry_id                     2ZY6 
_reflns.observed_criterion_sigma_F   ? 
_reflns.observed_criterion_sigma_I   ? 
_reflns.d_resolution_high            1.75 
_reflns.d_resolution_low             50.0 
_reflns.number_all                   13064 
_reflns.number_obs                   13064 
_reflns.percent_possible_obs         94.1 
_reflns.pdbx_Rmerge_I_obs            ? 
_reflns.pdbx_Rsym_value              0.076 
_reflns.pdbx_netI_over_sigmaI        23.9 
_reflns.B_iso_Wilson_estimate        23.8 
_reflns.pdbx_redundancy              15.3 
_reflns.R_free_details               ? 
_reflns.limit_h_max                  ? 
_reflns.limit_h_min                  ? 
_reflns.limit_k_max                  ? 
_reflns.limit_k_min                  ? 
_reflns.limit_l_max                  ? 
_reflns.limit_l_min                  ? 
_reflns.observed_criterion_F_max     ? 
_reflns.observed_criterion_F_min     ? 
_reflns.pdbx_chi_squared             ? 
_reflns.pdbx_scaling_rejects         ? 
_reflns.pdbx_diffrn_id               1 
_reflns.pdbx_ordinal                 1 
# 
_reflns_shell.d_res_high             1.75 
_reflns_shell.d_res_low              1.81 
_reflns_shell.percent_possible_all   90.3 
_reflns_shell.Rmerge_I_obs           ? 
_reflns_shell.pdbx_Rsym_value        0.276 
_reflns_shell.meanI_over_sigI_obs    12.7 
_reflns_shell.pdbx_redundancy        14.7 
_reflns_shell.percent_possible_obs   ? 
_reflns_shell.number_unique_all      246 
_reflns_shell.number_measured_all    ? 
_reflns_shell.number_measured_obs    ? 
_reflns_shell.number_unique_obs      ? 
_reflns_shell.pdbx_chi_squared       ? 
_reflns_shell.pdbx_diffrn_id         ? 
_reflns_shell.pdbx_ordinal           1 
# 
_refine.entry_id                                 2ZY6 
_refine.ls_number_reflns_obs                     12408 
_refine.ls_number_reflns_all                     ? 
_refine.pdbx_ls_sigma_I                          ? 
_refine.pdbx_ls_sigma_F                          ? 
_refine.pdbx_data_cutoff_high_absF               ? 
_refine.pdbx_data_cutoff_low_absF                ? 
_refine.pdbx_data_cutoff_high_rms_absF           ? 
_refine.ls_d_res_low                             27.42 
_refine.ls_d_res_high                            1.75 
_refine.ls_percent_reflns_obs                    93.22 
_refine.ls_R_factor_obs                          0.20860 
_refine.ls_R_factor_all                          ? 
_refine.ls_R_factor_R_work                       0.20700 
_refine.ls_R_factor_R_free                       0.24037 
_refine.ls_R_factor_R_free_error                 ? 
_refine.ls_R_factor_R_free_error_details         ? 
_refine.ls_percent_reflns_R_free                 4.9 
_refine.ls_number_reflns_R_free                  641 
_refine.ls_number_parameters                     ? 
_refine.ls_number_restraints                     ? 
_refine.occupancy_min                            ? 
_refine.occupancy_max                            ? 
_refine.correlation_coeff_Fo_to_Fc               0.953 
_refine.correlation_coeff_Fo_to_Fc_free          0.949 
_refine.B_iso_mean                               25.072 
_refine.aniso_B[1][1]                            0.41 
_refine.aniso_B[2][2]                            0.41 
_refine.aniso_B[3][3]                            -0.61 
_refine.aniso_B[1][2]                            0.20 
_refine.aniso_B[1][3]                            0.00 
_refine.aniso_B[2][3]                            0.00 
_refine.solvent_model_details                    MASK 
_refine.solvent_model_param_ksol                 ? 
_refine.solvent_model_param_bsol                 ? 
_refine.pdbx_solvent_vdw_probe_radii             1.20 
_refine.pdbx_solvent_ion_probe_radii             0.80 
_refine.pdbx_solvent_shrinkage_radii             0.80 
_refine.pdbx_ls_cross_valid_method               THROUGHOUT 
_refine.details                                  'HYDROGENS HAVE BEEN ADDED IN THE RIDING POSITIONS' 
_refine.pdbx_starting_model                      ? 
_refine.pdbx_method_to_determine_struct          SAD 
_refine.pdbx_isotropic_thermal_model             ? 
_refine.pdbx_stereochemistry_target_values       'MAXIMUM LIKELIHOOD' 
_refine.pdbx_stereochem_target_val_spec_case     ? 
_refine.pdbx_R_Free_selection_details            RANDOM 
_refine.pdbx_overall_ESU_R                       0.130 
_refine.pdbx_overall_ESU_R_Free                  0.123 
_refine.overall_SU_ML                            0.078 
_refine.overall_SU_B                             2.372 
_refine.ls_redundancy_reflns_obs                 ? 
_refine.B_iso_min                                ? 
_refine.B_iso_max                                ? 
_refine.overall_SU_R_Cruickshank_DPI             ? 
_refine.overall_SU_R_free                        ? 
_refine.ls_wR_factor_R_free                      ? 
_refine.ls_wR_factor_R_work                      ? 
_refine.overall_FOM_free_R_set                   ? 
_refine.overall_FOM_work_R_set                   ? 
_refine.pdbx_refine_id                           'X-RAY DIFFRACTION' 
_refine.pdbx_overall_phase_error                 ? 
_refine.pdbx_diffrn_id                           1 
_refine.pdbx_TLS_residual_ADP_flag               ? 
_refine.pdbx_overall_SU_R_free_Cruickshank_DPI   ? 
_refine.pdbx_overall_SU_R_Blow_DPI               ? 
_refine.pdbx_overall_SU_R_free_Blow_DPI          ? 
# 
_refine_hist.pdbx_refine_id                   'X-RAY DIFFRACTION' 
_refine_hist.cycle_id                         LAST 
_refine_hist.pdbx_number_atoms_protein        0 
_refine_hist.pdbx_number_atoms_nucleic_acid   813 
_refine_hist.pdbx_number_atoms_ligand         9 
_refine_hist.number_atoms_solvent             161 
_refine_hist.number_atoms_total               983 
_refine_hist.d_res_high                       1.75 
_refine_hist.d_res_low                        27.42 
# 
loop_
_refine_ls_restr.type 
_refine_ls_restr.dev_ideal 
_refine_ls_restr.dev_ideal_target 
_refine_ls_restr.weight 
_refine_ls_restr.number 
_refine_ls_restr.pdbx_refine_id 
_refine_ls_restr.pdbx_restraint_function 
r_bond_refined_d             0.005 0.021 ? 908  'X-RAY DIFFRACTION' ? 
r_bond_other_d               ?     ?     ? ?    'X-RAY DIFFRACTION' ? 
r_angle_refined_deg          1.213 3.000 ? 1414 'X-RAY DIFFRACTION' ? 
r_angle_other_deg            ?     ?     ? ?    'X-RAY DIFFRACTION' ? 
r_dihedral_angle_1_deg       ?     ?     ? ?    'X-RAY DIFFRACTION' ? 
r_dihedral_angle_2_deg       ?     ?     ? ?    'X-RAY DIFFRACTION' ? 
r_dihedral_angle_3_deg       ?     ?     ? ?    'X-RAY DIFFRACTION' ? 
r_dihedral_angle_4_deg       ?     ?     ? ?    'X-RAY DIFFRACTION' ? 
r_chiral_restr               0.050 0.200 ? 190  'X-RAY DIFFRACTION' ? 
r_gen_planes_refined         0.005 0.020 ? 395  'X-RAY DIFFRACTION' ? 
r_gen_planes_other           ?     ?     ? ?    'X-RAY DIFFRACTION' ? 
r_nbd_refined                0.154 0.200 ? 310  'X-RAY DIFFRACTION' ? 
r_nbd_other                  ?     ?     ? ?    'X-RAY DIFFRACTION' ? 
r_nbtor_refined              0.267 0.200 ? 565  'X-RAY DIFFRACTION' ? 
r_nbtor_other                ?     ?     ? ?    'X-RAY DIFFRACTION' ? 
r_xyhbond_nbd_refined        0.102 0.200 ? 131  'X-RAY DIFFRACTION' ? 
r_xyhbond_nbd_other          ?     ?     ? ?    'X-RAY DIFFRACTION' ? 
r_metal_ion_refined          0.113 0.200 ? 22   'X-RAY DIFFRACTION' ? 
r_metal_ion_other            ?     ?     ? ?    'X-RAY DIFFRACTION' ? 
r_symmetry_vdw_refined       0.131 0.200 ? 60   'X-RAY DIFFRACTION' ? 
r_symmetry_vdw_other         ?     ?     ? ?    'X-RAY DIFFRACTION' ? 
r_symmetry_hbond_refined     0.112 0.200 ? 27   'X-RAY DIFFRACTION' ? 
r_symmetry_hbond_other       ?     ?     ? ?    'X-RAY DIFFRACTION' ? 
r_symmetry_metal_ion_refined 0.089 0.200 ? 3    'X-RAY DIFFRACTION' ? 
r_symmetry_metal_ion_other   ?     ?     ? ?    'X-RAY DIFFRACTION' ? 
r_mcbond_it                  ?     ?     ? ?    'X-RAY DIFFRACTION' ? 
r_mcbond_other               ?     ?     ? ?    'X-RAY DIFFRACTION' ? 
r_mcangle_it                 ?     ?     ? ?    'X-RAY DIFFRACTION' ? 
r_scbond_it                  0.831 3.000 ? 1296 'X-RAY DIFFRACTION' ? 
r_scangle_it                 1.358 4.500 ? 1414 'X-RAY DIFFRACTION' ? 
r_rigid_bond_restr           ?     ?     ? ?    'X-RAY DIFFRACTION' ? 
r_sphericity_free            ?     ?     ? ?    'X-RAY DIFFRACTION' ? 
r_sphericity_bonded          ?     ?     ? ?    'X-RAY DIFFRACTION' ? 
# 
_refine_ls_shell.pdbx_total_number_of_bins_used   20 
_refine_ls_shell.d_res_high                       1.751 
_refine_ls_shell.d_res_low                        1.796 
_refine_ls_shell.number_reflns_R_work             834 
_refine_ls_shell.R_factor_R_work                  0.273 
_refine_ls_shell.percent_reflns_obs               88.62 
_refine_ls_shell.R_factor_R_free                  0.307 
_refine_ls_shell.R_factor_R_free_error            ? 
_refine_ls_shell.percent_reflns_R_free            ? 
_refine_ls_shell.number_reflns_R_free             54 
_refine_ls_shell.number_reflns_all                ? 
_refine_ls_shell.R_factor_all                     ? 
_refine_ls_shell.number_reflns_obs                ? 
_refine_ls_shell.redundancy_reflns_obs            ? 
_refine_ls_shell.pdbx_refine_id                   'X-RAY DIFFRACTION' 
# 
_struct.entry_id                  2ZY6 
_struct.title                     'Crystal structure of a truncated tRNA, TPHE39A' 
_struct.pdbx_model_details        ? 
_struct.pdbx_CASP_flag            ? 
_struct.pdbx_model_type_details   ? 
# 
_struct_keywords.entry_id        2ZY6 
_struct_keywords.pdbx_keywords   RNA 
_struct_keywords.text            'truncated tRNA, RNA' 
# 
loop_
_struct_asym.id 
_struct_asym.pdbx_blank_PDB_chainid_flag 
_struct_asym.pdbx_modified 
_struct_asym.entity_id 
_struct_asym.details 
A N N 1 ? 
B N N 2 ? 
C N N 3 ? 
D N N 4 ? 
E N N 4 ? 
F N N 4 ? 
G N N 4 ? 
H N N 4 ? 
I N N 4 ? 
J N N 4 ? 
K N N 5 ? 
# 
_struct_ref.id                         1 
_struct_ref.db_name                    PDB 
_struct_ref.db_code                    2ZY6 
_struct_ref.entity_id                  1 
_struct_ref.pdbx_seq_one_letter_code   GCCCGGAUAGUGUCCUUGGGAAACCGAGUCCGGGCACCA 
_struct_ref.pdbx_align_begin           1 
_struct_ref.pdbx_db_accession          2ZY6 
_struct_ref.pdbx_db_isoform            ? 
# 
_struct_ref_seq.align_id                      1 
_struct_ref_seq.ref_id                        1 
_struct_ref_seq.pdbx_PDB_id_code              2ZY6 
_struct_ref_seq.pdbx_strand_id                A 
_struct_ref_seq.seq_align_beg                 1 
_struct_ref_seq.pdbx_seq_align_beg_ins_code   ? 
_struct_ref_seq.seq_align_end                 39 
_struct_ref_seq.pdbx_seq_align_end_ins_code   ? 
_struct_ref_seq.pdbx_db_accession             2ZY6 
_struct_ref_seq.db_align_beg                  1 
_struct_ref_seq.pdbx_db_align_beg_ins_code    ? 
_struct_ref_seq.db_align_end                  39 
_struct_ref_seq.pdbx_db_align_end_ins_code    ? 
_struct_ref_seq.pdbx_auth_seq_align_beg       1 
_struct_ref_seq.pdbx_auth_seq_align_end       39 
# 
_pdbx_struct_assembly.id                   1 
_pdbx_struct_assembly.details              author_defined_assembly 
_pdbx_struct_assembly.method_details       ? 
_pdbx_struct_assembly.oligomeric_details   monomeric 
_pdbx_struct_assembly.oligomeric_count     1 
# 
_pdbx_struct_assembly_gen.assembly_id       1 
_pdbx_struct_assembly_gen.oper_expression   1 
_pdbx_struct_assembly_gen.asym_id_list      A,B,C,D,E,F,G,H,I,J,K 
# 
_pdbx_struct_oper_list.id                   1 
_pdbx_struct_oper_list.type                 'identity operation' 
_pdbx_struct_oper_list.name                 1_555 
_pdbx_struct_oper_list.symmetry_operation   x,y,z 
_pdbx_struct_oper_list.matrix[1][1]         1.0000000000 
_pdbx_struct_oper_list.matrix[1][2]         0.0000000000 
_pdbx_struct_oper_list.matrix[1][3]         0.0000000000 
_pdbx_struct_oper_list.vector[1]            0.0000000000 
_pdbx_struct_oper_list.matrix[2][1]         0.0000000000 
_pdbx_struct_oper_list.matrix[2][2]         1.0000000000 
_pdbx_struct_oper_list.matrix[2][3]         0.0000000000 
_pdbx_struct_oper_list.vector[2]            0.0000000000 
_pdbx_struct_oper_list.matrix[3][1]         0.0000000000 
_pdbx_struct_oper_list.matrix[3][2]         0.0000000000 
_pdbx_struct_oper_list.matrix[3][3]         1.0000000000 
_pdbx_struct_oper_list.vector[3]            0.0000000000 
# 
_struct_biol.id        1 
_struct_biol.details   ? 
# 
loop_
_struct_conn.id 
_struct_conn.conn_type_id 
_struct_conn.pdbx_leaving_atom_flag 
_struct_conn.pdbx_PDB_id 
_struct_conn.ptnr1_label_asym_id 
_struct_conn.ptnr1_label_comp_id 
_struct_conn.ptnr1_label_seq_id 
_struct_conn.ptnr1_label_atom_id 
_struct_conn.pdbx_ptnr1_label_alt_id 
_struct_conn.pdbx_ptnr1_PDB_ins_code 
_struct_conn.pdbx_ptnr1_standard_comp_id 
_struct_conn.ptnr1_symmetry 
_struct_conn.ptnr2_label_asym_id 
_struct_conn.ptnr2_label_comp_id 
_struct_conn.ptnr2_label_seq_id 
_struct_conn.ptnr2_label_atom_id 
_struct_conn.pdbx_ptnr2_label_alt_id 
_struct_conn.pdbx_ptnr2_PDB_ins_code 
_struct_conn.ptnr1_auth_asym_id 
_struct_conn.ptnr1_auth_comp_id 
_struct_conn.ptnr1_auth_seq_id 
_struct_conn.ptnr2_auth_asym_id 
_struct_conn.ptnr2_auth_comp_id 
_struct_conn.ptnr2_auth_seq_id 
_struct_conn.ptnr2_symmetry 
_struct_conn.pdbx_ptnr3_label_atom_id 
_struct_conn.pdbx_ptnr3_label_seq_id 
_struct_conn.pdbx_ptnr3_label_comp_id 
_struct_conn.pdbx_ptnr3_label_asym_id 
_struct_conn.pdbx_ptnr3_label_alt_id 
_struct_conn.pdbx_ptnr3_PDB_ins_code 
_struct_conn.details 
_struct_conn.pdbx_dist_value 
_struct_conn.pdbx_value_order 
_struct_conn.pdbx_role 
metalc1  metalc ? ? A U   8  OP1 ? ? ? 1_555 H CA  .  CA ? ? A U   8   A CA  106 1_555 ? ? ? ? ? ? ?                    2.276 ? ? 
metalc2  metalc ? ? A U   11 O4  ? ? ? 1_555 G CA  .  CA ? ? A U   11  A CA  105 1_555 ? ? ? ? ? ? ?                    2.575 ? ? 
metalc3  metalc ? ? A G   12 OP2 ? ? ? 1_555 E CA  .  CA ? ? A G   12  A CA  103 1_555 ? ? ? ? ? ? ?                    2.212 ? ? 
metalc4  metalc ? ? A U   13 O4  ? ? ? 1_555 B MG  .  MG ? ? A U   13  A MG  100 1_555 ? ? ? ? ? ? ?                    2.092 ? ? 
metalc5  metalc ? ? A U   13 OP2 ? ? ? 1_555 D CA  .  CA ? ? A U   13  A CA  102 1_555 ? ? ? ? ? ? ?                    2.307 ? ? 
metalc6  metalc ? ? A U   17 O4  ? ? ? 1_555 B MG  .  MG ? ? A U   17  A MG  100 1_555 ? ? ? ? ? ? ?                    2.286 ? ? 
metalc7  metalc ? ? A G   18 O6  ? ? ? 1_555 B MG  .  MG ? ? A G   18  A MG  100 1_555 ? ? ? ? ? ? ?                    2.264 ? ? 
metalc8  metalc ? ? A G   19 O6  ? ? ? 1_555 E CA  .  CA ? ? A G   19  A CA  103 1_555 ? ? ? ? ? ? ?                    2.561 ? ? 
metalc9  metalc ? ? A G   26 O6  ? ? ? 1_555 J CA  .  CA ? ? A G   26  A CA  108 1_555 ? ? ? ? ? ? ?                    2.368 ? ? 
metalc10 metalc ? ? K HOH .  O   ? ? ? 1_555 E CA  .  CA ? ? A HOH 40  A CA  103 1_555 ? ? ? ? ? ? ?                    2.302 ? ? 
metalc11 metalc ? ? K HOH .  O   ? ? ? 1_555 D CA  .  CA ? ? A HOH 44  A CA  102 1_555 ? ? ? ? ? ? ?                    2.430 ? ? 
metalc12 metalc ? ? K HOH .  O   ? ? ? 1_555 G CA  .  CA ? ? A HOH 50  A CA  105 1_555 ? ? ? ? ? ? ?                    2.195 ? ? 
metalc13 metalc ? ? K HOH .  O   ? ? ? 1_555 F CA  .  CA ? ? A HOH 52  A CA  104 1_555 ? ? ? ? ? ? ?                    2.495 ? ? 
metalc14 metalc ? ? K HOH .  O   ? ? ? 1_555 F CA  .  CA ? ? A HOH 56  A CA  104 1_555 ? ? ? ? ? ? ?                    2.398 ? ? 
metalc15 metalc ? ? K HOH .  O   ? ? ? 1_555 G CA  .  CA ? ? A HOH 75  A CA  105 1_555 ? ? ? ? ? ? ?                    2.303 ? ? 
metalc16 metalc ? ? K HOH .  O   ? ? ? 1_555 G CA  .  CA ? ? A HOH 76  A CA  105 1_555 ? ? ? ? ? ? ?                    2.672 ? ? 
metalc17 metalc ? ? B MG  .  MG  ? ? ? 1_555 K HOH .  O  ? ? A MG  100 A HOH 164 1_555 ? ? ? ? ? ? ?                    2.198 ? ? 
metalc18 metalc ? ? D CA  .  CA  ? ? ? 1_555 K HOH .  O  ? ? A CA  102 A HOH 162 1_555 ? ? ? ? ? ? ?                    2.346 ? ? 
metalc19 metalc ? ? D CA  .  CA  ? ? ? 1_555 K HOH .  O  ? ? A CA  102 A HOH 172 1_555 ? ? ? ? ? ? ?                    2.383 ? ? 
metalc20 metalc ? ? D CA  .  CA  ? ? ? 1_555 K HOH .  O  ? ? A CA  102 A HOH 179 1_555 ? ? ? ? ? ? ?                    2.345 ? ? 
metalc21 metalc ? ? D CA  .  CA  ? ? ? 1_555 K HOH .  O  ? ? A CA  102 A HOH 194 1_555 ? ? ? ? ? ? ?                    2.373 ? ? 
metalc22 metalc ? ? E CA  .  CA  ? ? ? 1_555 K HOH .  O  ? ? A CA  103 A HOH 166 1_555 ? ? ? ? ? ? ?                    2.474 ? ? 
metalc23 metalc ? ? E CA  .  CA  ? ? ? 1_555 K HOH .  O  ? ? A CA  103 A HOH 170 1_555 ? ? ? ? ? ? ?                    2.393 ? ? 
metalc24 metalc ? ? E CA  .  CA  ? ? ? 1_555 K HOH .  O  ? ? A CA  103 A HOH 181 1_555 ? ? ? ? ? ? ?                    2.416 ? ? 
metalc25 metalc ? ? F CA  .  CA  ? ? ? 1_555 K HOH .  O  ? ? A CA  104 A HOH 187 1_555 ? ? ? ? ? ? ?                    2.518 ? ? 
metalc26 metalc ? ? F CA  .  CA  ? ? ? 1_555 K HOH .  O  ? ? A CA  104 A HOH 200 1_555 ? ? ? ? ? ? ?                    2.421 ? ? 
metalc27 metalc ? ? G CA  .  CA  ? ? ? 1_555 K HOH .  O  ? ? A CA  105 A HOH 195 1_555 ? ? ? ? ? ? ?                    2.254 ? ? 
metalc28 metalc ? ? H CA  .  CA  ? ? ? 1_555 K HOH .  O  ? ? A CA  106 A HOH 109 1_555 ? ? ? ? ? ? ?                    2.553 ? ? 
metalc29 metalc ? ? H CA  .  CA  ? ? ? 1_555 K HOH .  O  ? ? A CA  106 A HOH 110 1_555 ? ? ? ? ? ? ?                    2.282 ? ? 
metalc30 metalc ? ? H CA  .  CA  ? ? ? 1_555 K HOH .  O  ? ? A CA  106 A HOH 111 1_555 ? ? ? ? ? ? ?                    2.407 ? ? 
metalc31 metalc ? ? I CA  .  CA  ? ? ? 1_555 K HOH .  O  ? ? A CA  107 A HOH 114 1_555 ? ? ? ? ? ? ?                    2.387 ? ? 
metalc32 metalc ? ? I CA  .  CA  ? ? ? 1_555 K HOH .  O  ? ? A CA  107 A HOH 197 1_555 ? ? ? ? ? ? ?                    2.355 ? ? 
metalc33 metalc ? ? I CA  .  CA  ? ? ? 1_555 K HOH .  O  ? ? A CA  107 A HOH 203 1_555 ? ? ? ? ? ? ?                    2.485 ? ? 
metalc34 metalc ? ? I CA  .  CA  ? ? ? 1_555 K HOH .  O  ? ? A CA  107 A HOH 204 1_555 ? ? ? ? ? ? ?                    2.704 ? ? 
metalc35 metalc ? ? I CA  .  CA  ? ? ? 1_555 K HOH .  O  ? ? A CA  107 A HOH 205 1_555 ? ? ? ? ? ? ?                    2.304 ? ? 
metalc36 metalc ? ? J CA  .  CA  ? ? ? 1_555 K HOH .  O  ? ? A CA  108 A HOH 115 1_555 ? ? ? ? ? ? ?                    2.225 ? ? 
metalc37 metalc ? ? J CA  .  CA  ? ? ? 1_555 K HOH .  O  ? ? A CA  108 A HOH 206 1_555 ? ? ? ? ? ? ?                    2.364 ? ? 
metalc38 metalc ? ? J CA  .  CA  ? ? ? 1_555 K HOH .  O  ? ? A CA  108 A HOH 207 1_555 ? ? ? ? ? ? ?                    2.455 ? ? 
hydrog1  hydrog ? ? A G   1  N1  ? ? ? 1_555 A C   35 N3 ? ? A G   1   A C   35  1_555 ? ? ? ? ? ? WATSON-CRICK         ?     ? ? 
hydrog2  hydrog ? ? A G   1  N2  ? ? ? 1_555 A C   35 O2 ? ? A G   1   A C   35  1_555 ? ? ? ? ? ? WATSON-CRICK         ?     ? ? 
hydrog3  hydrog ? ? A G   1  O6  ? ? ? 1_555 A C   35 N4 ? ? A G   1   A C   35  1_555 ? ? ? ? ? ? WATSON-CRICK         ?     ? ? 
hydrog4  hydrog ? ? A C   2  N3  ? ? ? 1_555 A G   34 N1 ? ? A C   2   A G   34  1_555 ? ? ? ? ? ? WATSON-CRICK         ?     ? ? 
hydrog5  hydrog ? ? A C   2  N4  ? ? ? 1_555 A G   34 O6 ? ? A C   2   A G   34  1_555 ? ? ? ? ? ? WATSON-CRICK         ?     ? ? 
hydrog6  hydrog ? ? A C   2  O2  ? ? ? 1_555 A G   34 N2 ? ? A C   2   A G   34  1_555 ? ? ? ? ? ? WATSON-CRICK         ?     ? ? 
hydrog7  hydrog ? ? A C   3  N3  ? ? ? 1_555 A G   33 N1 ? ? A C   3   A G   33  1_555 ? ? ? ? ? ? WATSON-CRICK         ?     ? ? 
hydrog8  hydrog ? ? A C   3  N4  ? ? ? 1_555 A G   33 O6 ? ? A C   3   A G   33  1_555 ? ? ? ? ? ? WATSON-CRICK         ?     ? ? 
hydrog9  hydrog ? ? A C   3  O2  ? ? ? 1_555 A G   33 N2 ? ? A C   3   A G   33  1_555 ? ? ? ? ? ? WATSON-CRICK         ?     ? ? 
hydrog10 hydrog ? ? A C   4  N3  ? ? ? 1_555 A G   32 N1 ? ? A C   4   A G   32  1_555 ? ? ? ? ? ? WATSON-CRICK         ?     ? ? 
hydrog11 hydrog ? ? A C   4  N4  ? ? ? 1_555 A G   32 O6 ? ? A C   4   A G   32  1_555 ? ? ? ? ? ? WATSON-CRICK         ?     ? ? 
hydrog12 hydrog ? ? A C   4  O2  ? ? ? 1_555 A G   32 N2 ? ? A C   4   A G   32  1_555 ? ? ? ? ? ? WATSON-CRICK         ?     ? ? 
hydrog13 hydrog ? ? A G   5  N1  ? ? ? 1_555 A C   31 N3 ? ? A G   5   A C   31  1_555 ? ? ? ? ? ? WATSON-CRICK         ?     ? ? 
hydrog14 hydrog ? ? A G   5  N2  ? ? ? 1_555 A C   31 O2 ? ? A G   5   A C   31  1_555 ? ? ? ? ? ? WATSON-CRICK         ?     ? ? 
hydrog15 hydrog ? ? A G   5  O6  ? ? ? 1_555 A C   31 N4 ? ? A G   5   A C   31  1_555 ? ? ? ? ? ? WATSON-CRICK         ?     ? ? 
hydrog16 hydrog ? ? A G   6  N1  ? ? ? 1_555 A C   30 N3 ? ? A G   6   A C   30  1_555 ? ? ? ? ? ? WATSON-CRICK         ?     ? ? 
hydrog17 hydrog ? ? A G   6  N2  ? ? ? 1_555 A C   30 O2 ? ? A G   6   A C   30  1_555 ? ? ? ? ? ? WATSON-CRICK         ?     ? ? 
hydrog18 hydrog ? ? A G   6  O6  ? ? ? 1_555 A C   30 N4 ? ? A G   6   A C   30  1_555 ? ? ? ? ? ? WATSON-CRICK         ?     ? ? 
hydrog19 hydrog ? ? A A   7  N1  ? ? ? 1_555 A U   29 N3 ? ? A A   7   A U   29  1_555 ? ? ? ? ? ? WATSON-CRICK         ?     ? ? 
hydrog20 hydrog ? ? A A   7  N6  ? ? ? 1_555 A U   29 O4 ? ? A A   7   A U   29  1_555 ? ? ? ? ? ? WATSON-CRICK         ?     ? ? 
hydrog21 hydrog ? ? A U   8  N3  ? ? ? 1_555 A A   27 N7 ? ? A U   8   A A   27  1_555 ? ? ? ? ? ? 'REVERSED HOOGSTEEN' ?     ? ? 
hydrog22 hydrog ? ? A U   8  O2  ? ? ? 1_555 A A   27 N6 ? ? A U   8   A A   27  1_555 ? ? ? ? ? ? 'REVERSED HOOGSTEEN' ?     ? ? 
hydrog23 hydrog ? ? A A   9  N7  ? ? ? 1_555 A G   26 N2 ? ? A A   9   A G   26  1_555 ? ? ? ? ? ? 'A-G MISPAIR'        ?     ? ? 
hydrog24 hydrog ? ? A G   10 N1  ? ? ? 1_555 A C   25 N3 ? ? A G   10  A C   25  1_555 ? ? ? ? ? ? WATSON-CRICK         ?     ? ? 
hydrog25 hydrog ? ? A G   10 N2  ? ? ? 1_555 A C   25 O2 ? ? A G   10  A C   25  1_555 ? ? ? ? ? ? WATSON-CRICK         ?     ? ? 
hydrog26 hydrog ? ? A G   10 O6  ? ? ? 1_555 A C   25 N4 ? ? A G   10  A C   25  1_555 ? ? ? ? ? ? WATSON-CRICK         ?     ? ? 
hydrog27 hydrog ? ? A G   12 N7  ? ? ? 1_555 A G   19 N1 ? ? A G   12  A G   19  1_555 ? ? ? ? ? ? TYPE_7_PAIR          ?     ? ? 
hydrog28 hydrog ? ? A G   12 O6  ? ? ? 1_555 A G   19 N2 ? ? A G   12  A G   19  1_555 ? ? ? ? ? ? TYPE_7_PAIR          ?     ? ? 
hydrog29 hydrog ? ? A G   12 N1  ? ? ? 1_555 A C   24 N3 ? ? A G   12  A C   24  1_555 ? ? ? ? ? ? WATSON-CRICK         ?     ? ? 
hydrog30 hydrog ? ? A G   12 N2  ? ? ? 1_555 A C   24 O2 ? ? A G   12  A C   24  1_555 ? ? ? ? ? ? WATSON-CRICK         ?     ? ? 
hydrog31 hydrog ? ? A G   12 O6  ? ? ? 1_555 A C   24 N4 ? ? A G   12  A C   24  1_555 ? ? ? ? ? ? WATSON-CRICK         ?     ? ? 
# 
loop_
_struct_conn_type.id 
_struct_conn_type.criteria 
_struct_conn_type.reference 
metalc ? ? 
hydrog ? ? 
# 
loop_
_pdbx_struct_conn_angle.id 
_pdbx_struct_conn_angle.ptnr1_label_atom_id 
_pdbx_struct_conn_angle.ptnr1_label_alt_id 
_pdbx_struct_conn_angle.ptnr1_label_asym_id 
_pdbx_struct_conn_angle.ptnr1_label_comp_id 
_pdbx_struct_conn_angle.ptnr1_label_seq_id 
_pdbx_struct_conn_angle.ptnr1_auth_atom_id 
_pdbx_struct_conn_angle.ptnr1_auth_asym_id 
_pdbx_struct_conn_angle.ptnr1_auth_comp_id 
_pdbx_struct_conn_angle.ptnr1_auth_seq_id 
_pdbx_struct_conn_angle.ptnr1_PDB_ins_code 
_pdbx_struct_conn_angle.ptnr1_symmetry 
_pdbx_struct_conn_angle.ptnr2_label_atom_id 
_pdbx_struct_conn_angle.ptnr2_label_alt_id 
_pdbx_struct_conn_angle.ptnr2_label_asym_id 
_pdbx_struct_conn_angle.ptnr2_label_comp_id 
_pdbx_struct_conn_angle.ptnr2_label_seq_id 
_pdbx_struct_conn_angle.ptnr2_auth_atom_id 
_pdbx_struct_conn_angle.ptnr2_auth_asym_id 
_pdbx_struct_conn_angle.ptnr2_auth_comp_id 
_pdbx_struct_conn_angle.ptnr2_auth_seq_id 
_pdbx_struct_conn_angle.ptnr2_PDB_ins_code 
_pdbx_struct_conn_angle.ptnr2_symmetry 
_pdbx_struct_conn_angle.ptnr3_label_atom_id 
_pdbx_struct_conn_angle.ptnr3_label_alt_id 
_pdbx_struct_conn_angle.ptnr3_label_asym_id 
_pdbx_struct_conn_angle.ptnr3_label_comp_id 
_pdbx_struct_conn_angle.ptnr3_label_seq_id 
_pdbx_struct_conn_angle.ptnr3_auth_atom_id 
_pdbx_struct_conn_angle.ptnr3_auth_asym_id 
_pdbx_struct_conn_angle.ptnr3_auth_comp_id 
_pdbx_struct_conn_angle.ptnr3_auth_seq_id 
_pdbx_struct_conn_angle.ptnr3_PDB_ins_code 
_pdbx_struct_conn_angle.ptnr3_symmetry 
_pdbx_struct_conn_angle.value 
_pdbx_struct_conn_angle.value_esd 
1  OP1 ? A U   8  ? A U   8   ? 1_555 CA ? H CA . ? A CA 106 ? 1_555 O  ? K HOH .  ? A HOH 109 ? 1_555 84.6  ? 
2  OP1 ? A U   8  ? A U   8   ? 1_555 CA ? H CA . ? A CA 106 ? 1_555 O  ? K HOH .  ? A HOH 110 ? 1_555 87.8  ? 
3  O   ? K HOH .  ? A HOH 109 ? 1_555 CA ? H CA . ? A CA 106 ? 1_555 O  ? K HOH .  ? A HOH 110 ? 1_555 123.7 ? 
4  OP1 ? A U   8  ? A U   8   ? 1_555 CA ? H CA . ? A CA 106 ? 1_555 O  ? K HOH .  ? A HOH 111 ? 1_555 86.6  ? 
5  O   ? K HOH .  ? A HOH 109 ? 1_555 CA ? H CA . ? A CA 106 ? 1_555 O  ? K HOH .  ? A HOH 111 ? 1_555 147.8 ? 
6  O   ? K HOH .  ? A HOH 110 ? 1_555 CA ? H CA . ? A CA 106 ? 1_555 O  ? K HOH .  ? A HOH 111 ? 1_555 86.8  ? 
7  O4  ? A U   11 ? A U   11  ? 1_555 CA ? G CA . ? A CA 105 ? 1_555 O  ? K HOH .  ? A HOH 50  ? 1_555 74.2  ? 
8  O4  ? A U   11 ? A U   11  ? 1_555 CA ? G CA . ? A CA 105 ? 1_555 O  ? K HOH .  ? A HOH 75  ? 1_555 133.3 ? 
9  O   ? K HOH .  ? A HOH 50  ? 1_555 CA ? G CA . ? A CA 105 ? 1_555 O  ? K HOH .  ? A HOH 75  ? 1_555 152.5 ? 
10 O4  ? A U   11 ? A U   11  ? 1_555 CA ? G CA . ? A CA 105 ? 1_555 O  ? K HOH .  ? A HOH 76  ? 1_555 137.9 ? 
11 O   ? K HOH .  ? A HOH 50  ? 1_555 CA ? G CA . ? A CA 105 ? 1_555 O  ? K HOH .  ? A HOH 76  ? 1_555 72.9  ? 
12 O   ? K HOH .  ? A HOH 75  ? 1_555 CA ? G CA . ? A CA 105 ? 1_555 O  ? K HOH .  ? A HOH 76  ? 1_555 82.1  ? 
13 O4  ? A U   11 ? A U   11  ? 1_555 CA ? G CA . ? A CA 105 ? 1_555 O  ? K HOH .  ? A HOH 195 ? 1_555 83.6  ? 
14 O   ? K HOH .  ? A HOH 50  ? 1_555 CA ? G CA . ? A CA 105 ? 1_555 O  ? K HOH .  ? A HOH 195 ? 1_555 93.8  ? 
15 O   ? K HOH .  ? A HOH 75  ? 1_555 CA ? G CA . ? A CA 105 ? 1_555 O  ? K HOH .  ? A HOH 195 ? 1_555 89.7  ? 
16 O   ? K HOH .  ? A HOH 76  ? 1_555 CA ? G CA . ? A CA 105 ? 1_555 O  ? K HOH .  ? A HOH 195 ? 1_555 73.1  ? 
17 OP2 ? A G   12 ? A G   12  ? 1_555 CA ? E CA . ? A CA 103 ? 1_555 O6 ? A G   19 ? A G   19  ? 1_555 90.5  ? 
18 OP2 ? A G   12 ? A G   12  ? 1_555 CA ? E CA . ? A CA 103 ? 1_555 O  ? K HOH .  ? A HOH 40  ? 1_555 96.0  ? 
19 O6  ? A G   19 ? A G   19  ? 1_555 CA ? E CA . ? A CA 103 ? 1_555 O  ? K HOH .  ? A HOH 40  ? 1_555 169.2 ? 
20 OP2 ? A G   12 ? A G   12  ? 1_555 CA ? E CA . ? A CA 103 ? 1_555 O  ? K HOH .  ? A HOH 166 ? 1_555 94.0  ? 
21 O6  ? A G   19 ? A G   19  ? 1_555 CA ? E CA . ? A CA 103 ? 1_555 O  ? K HOH .  ? A HOH 166 ? 1_555 82.3  ? 
22 O   ? K HOH .  ? A HOH 40  ? 1_555 CA ? E CA . ? A CA 103 ? 1_555 O  ? K HOH .  ? A HOH 166 ? 1_555 88.6  ? 
23 OP2 ? A G   12 ? A G   12  ? 1_555 CA ? E CA . ? A CA 103 ? 1_555 O  ? K HOH .  ? A HOH 170 ? 1_555 177.3 ? 
24 O6  ? A G   19 ? A G   19  ? 1_555 CA ? E CA . ? A CA 103 ? 1_555 O  ? K HOH .  ? A HOH 170 ? 1_555 89.1  ? 
25 O   ? K HOH .  ? A HOH 40  ? 1_555 CA ? E CA . ? A CA 103 ? 1_555 O  ? K HOH .  ? A HOH 170 ? 1_555 84.0  ? 
26 O   ? K HOH .  ? A HOH 166 ? 1_555 CA ? E CA . ? A CA 103 ? 1_555 O  ? K HOH .  ? A HOH 170 ? 1_555 83.3  ? 
27 OP2 ? A G   12 ? A G   12  ? 1_555 CA ? E CA . ? A CA 103 ? 1_555 O  ? K HOH .  ? A HOH 181 ? 1_555 97.6  ? 
28 O6  ? A G   19 ? A G   19  ? 1_555 CA ? E CA . ? A CA 103 ? 1_555 O  ? K HOH .  ? A HOH 181 ? 1_555 89.0  ? 
29 O   ? K HOH .  ? A HOH 40  ? 1_555 CA ? E CA . ? A CA 103 ? 1_555 O  ? K HOH .  ? A HOH 181 ? 1_555 98.7  ? 
30 O   ? K HOH .  ? A HOH 166 ? 1_555 CA ? E CA . ? A CA 103 ? 1_555 O  ? K HOH .  ? A HOH 181 ? 1_555 165.5 ? 
31 O   ? K HOH .  ? A HOH 170 ? 1_555 CA ? E CA . ? A CA 103 ? 1_555 O  ? K HOH .  ? A HOH 181 ? 1_555 85.0  ? 
32 O4  ? A U   13 ? A U   13  ? 1_555 MG ? B MG . ? A MG 100 ? 1_555 O4 ? A U   17 ? A U   17  ? 1_555 166.0 ? 
33 O4  ? A U   13 ? A U   13  ? 1_555 MG ? B MG . ? A MG 100 ? 1_555 O6 ? A G   18 ? A G   18  ? 1_555 88.0  ? 
34 O4  ? A U   17 ? A U   17  ? 1_555 MG ? B MG . ? A MG 100 ? 1_555 O6 ? A G   18 ? A G   18  ? 1_555 84.2  ? 
35 O4  ? A U   13 ? A U   13  ? 1_555 MG ? B MG . ? A MG 100 ? 1_555 O  ? K HOH .  ? A HOH 164 ? 1_555 99.5  ? 
36 O4  ? A U   17 ? A U   17  ? 1_555 MG ? B MG . ? A MG 100 ? 1_555 O  ? K HOH .  ? A HOH 164 ? 1_555 92.9  ? 
37 O6  ? A G   18 ? A G   18  ? 1_555 MG ? B MG . ? A MG 100 ? 1_555 O  ? K HOH .  ? A HOH 164 ? 1_555 96.7  ? 
38 OP2 ? A U   13 ? A U   13  ? 1_555 CA ? D CA . ? A CA 102 ? 1_555 O  ? K HOH .  ? A HOH 44  ? 1_555 173.8 ? 
39 OP2 ? A U   13 ? A U   13  ? 1_555 CA ? D CA . ? A CA 102 ? 1_555 O  ? K HOH .  ? A HOH 162 ? 1_555 97.7  ? 
40 O   ? K HOH .  ? A HOH 44  ? 1_555 CA ? D CA . ? A CA 102 ? 1_555 O  ? K HOH .  ? A HOH 162 ? 1_555 81.9  ? 
41 OP2 ? A U   13 ? A U   13  ? 1_555 CA ? D CA . ? A CA 102 ? 1_555 O  ? K HOH .  ? A HOH 172 ? 1_555 103.5 ? 
42 O   ? K HOH .  ? A HOH 44  ? 1_555 CA ? D CA . ? A CA 102 ? 1_555 O  ? K HOH .  ? A HOH 172 ? 1_555 77.6  ? 
43 O   ? K HOH .  ? A HOH 162 ? 1_555 CA ? D CA . ? A CA 102 ? 1_555 O  ? K HOH .  ? A HOH 172 ? 1_555 158.4 ? 
44 OP2 ? A U   13 ? A U   13  ? 1_555 CA ? D CA . ? A CA 102 ? 1_555 O  ? K HOH .  ? A HOH 179 ? 1_555 90.1  ? 
45 O   ? K HOH .  ? A HOH 44  ? 1_555 CA ? D CA . ? A CA 102 ? 1_555 O  ? K HOH .  ? A HOH 179 ? 1_555 96.0  ? 
46 O   ? K HOH .  ? A HOH 162 ? 1_555 CA ? D CA . ? A CA 102 ? 1_555 O  ? K HOH .  ? A HOH 179 ? 1_555 89.4  ? 
47 O   ? K HOH .  ? A HOH 172 ? 1_555 CA ? D CA . ? A CA 102 ? 1_555 O  ? K HOH .  ? A HOH 179 ? 1_555 86.1  ? 
48 OP2 ? A U   13 ? A U   13  ? 1_555 CA ? D CA . ? A CA 102 ? 1_555 O  ? K HOH .  ? A HOH 194 ? 1_555 85.3  ? 
49 O   ? K HOH .  ? A HOH 44  ? 1_555 CA ? D CA . ? A CA 102 ? 1_555 O  ? K HOH .  ? A HOH 194 ? 1_555 88.6  ? 
50 O   ? K HOH .  ? A HOH 162 ? 1_555 CA ? D CA . ? A CA 102 ? 1_555 O  ? K HOH .  ? A HOH 194 ? 1_555 95.8  ? 
51 O   ? K HOH .  ? A HOH 172 ? 1_555 CA ? D CA . ? A CA 102 ? 1_555 O  ? K HOH .  ? A HOH 194 ? 1_555 90.4  ? 
52 O   ? K HOH .  ? A HOH 179 ? 1_555 CA ? D CA . ? A CA 102 ? 1_555 O  ? K HOH .  ? A HOH 194 ? 1_555 173.5 ? 
53 O6  ? A G   26 ? A G   26  ? 1_555 CA ? J CA . ? A CA 108 ? 1_555 O  ? K HOH .  ? A HOH 115 ? 1_555 72.2  ? 
54 O6  ? A G   26 ? A G   26  ? 1_555 CA ? J CA . ? A CA 108 ? 1_555 O  ? K HOH .  ? A HOH 206 ? 1_555 79.9  ? 
55 O   ? K HOH .  ? A HOH 115 ? 1_555 CA ? J CA . ? A CA 108 ? 1_555 O  ? K HOH .  ? A HOH 206 ? 1_555 141.8 ? 
56 O6  ? A G   26 ? A G   26  ? 1_555 CA ? J CA . ? A CA 108 ? 1_555 O  ? K HOH .  ? A HOH 207 ? 1_555 111.4 ? 
57 O   ? K HOH .  ? A HOH 115 ? 1_555 CA ? J CA . ? A CA 108 ? 1_555 O  ? K HOH .  ? A HOH 207 ? 1_555 89.5  ? 
58 O   ? K HOH .  ? A HOH 206 ? 1_555 CA ? J CA . ? A CA 108 ? 1_555 O  ? K HOH .  ? A HOH 207 ? 1_555 76.7  ? 
59 O   ? K HOH .  ? A HOH 52  ? 1_555 CA ? F CA . ? A CA 104 ? 1_555 O  ? K HOH .  ? A HOH 56  ? 1_555 70.2  ? 
60 O   ? K HOH .  ? A HOH 52  ? 1_555 CA ? F CA . ? A CA 104 ? 1_555 O  ? K HOH .  ? A HOH 187 ? 1_555 142.7 ? 
61 O   ? K HOH .  ? A HOH 56  ? 1_555 CA ? F CA . ? A CA 104 ? 1_555 O  ? K HOH .  ? A HOH 187 ? 1_555 75.4  ? 
62 O   ? K HOH .  ? A HOH 52  ? 1_555 CA ? F CA . ? A CA 104 ? 1_555 O  ? K HOH .  ? A HOH 200 ? 1_555 78.7  ? 
63 O   ? K HOH .  ? A HOH 56  ? 1_555 CA ? F CA . ? A CA 104 ? 1_555 O  ? K HOH .  ? A HOH 200 ? 1_555 88.6  ? 
64 O   ? K HOH .  ? A HOH 187 ? 1_555 CA ? F CA . ? A CA 104 ? 1_555 O  ? K HOH .  ? A HOH 200 ? 1_555 86.7  ? 
65 O   ? K HOH .  ? A HOH 114 ? 1_555 CA ? I CA . ? A CA 107 ? 1_555 O  ? K HOH .  ? A HOH 197 ? 1_555 140.6 ? 
66 O   ? K HOH .  ? A HOH 114 ? 1_555 CA ? I CA . ? A CA 107 ? 1_555 O  ? K HOH .  ? A HOH 203 ? 1_555 69.5  ? 
67 O   ? K HOH .  ? A HOH 197 ? 1_555 CA ? I CA . ? A CA 107 ? 1_555 O  ? K HOH .  ? A HOH 203 ? 1_555 79.3  ? 
68 O   ? K HOH .  ? A HOH 114 ? 1_555 CA ? I CA . ? A CA 107 ? 1_555 O  ? K HOH .  ? A HOH 204 ? 1_555 145.2 ? 
69 O   ? K HOH .  ? A HOH 197 ? 1_555 CA ? I CA . ? A CA 107 ? 1_555 O  ? K HOH .  ? A HOH 204 ? 1_555 68.5  ? 
70 O   ? K HOH .  ? A HOH 203 ? 1_555 CA ? I CA . ? A CA 107 ? 1_555 O  ? K HOH .  ? A HOH 204 ? 1_555 111.0 ? 
71 O   ? K HOH .  ? A HOH 114 ? 1_555 CA ? I CA . ? A CA 107 ? 1_555 O  ? K HOH .  ? A HOH 205 ? 1_555 107.9 ? 
72 O   ? K HOH .  ? A HOH 197 ? 1_555 CA ? I CA . ? A CA 107 ? 1_555 O  ? K HOH .  ? A HOH 205 ? 1_555 77.2  ? 
73 O   ? K HOH .  ? A HOH 203 ? 1_555 CA ? I CA . ? A CA 107 ? 1_555 O  ? K HOH .  ? A HOH 205 ? 1_555 134.1 ? 
74 O   ? K HOH .  ? A HOH 204 ? 1_555 CA ? I CA . ? A CA 107 ? 1_555 O  ? K HOH .  ? A HOH 205 ? 1_555 96.1  ? 
# 
loop_
_struct_site.id 
_struct_site.pdbx_evidence_code 
_struct_site.pdbx_auth_asym_id 
_struct_site.pdbx_auth_comp_id 
_struct_site.pdbx_auth_seq_id 
_struct_site.pdbx_auth_ins_code 
_struct_site.pdbx_num_residues 
_struct_site.details 
AC1 Software A MG 100 ? 6 'BINDING SITE FOR RESIDUE MG A 100' 
AC2 Software A CL 101 ? 5 'BINDING SITE FOR RESIDUE CL A 101' 
AC3 Software A CA 102 ? 6 'BINDING SITE FOR RESIDUE CA A 102' 
AC4 Software A CA 103 ? 6 'BINDING SITE FOR RESIDUE CA A 103' 
AC5 Software A CA 104 ? 8 'BINDING SITE FOR RESIDUE CA A 104' 
AC6 Software A CA 105 ? 7 'BINDING SITE FOR RESIDUE CA A 105' 
AC7 Software A CA 106 ? 6 'BINDING SITE FOR RESIDUE CA A 106' 
AC8 Software A CA 107 ? 6 'BINDING SITE FOR RESIDUE CA A 107' 
AC9 Software A CA 108 ? 4 'BINDING SITE FOR RESIDUE CA A 108' 
# 
loop_
_struct_site_gen.id 
_struct_site_gen.site_id 
_struct_site_gen.pdbx_num_res 
_struct_site_gen.label_comp_id 
_struct_site_gen.label_asym_id 
_struct_site_gen.label_seq_id 
_struct_site_gen.pdbx_auth_ins_code 
_struct_site_gen.auth_comp_id 
_struct_site_gen.auth_asym_id 
_struct_site_gen.auth_seq_id 
_struct_site_gen.label_atom_id 
_struct_site_gen.label_alt_id 
_struct_site_gen.symmetry 
_struct_site_gen.details 
1  AC1 6 U   A 13 ? U   A 13  . ? 1_555  ? 
2  AC1 6 U   A 16 ? U   A 16  . ? 12_566 ? 
3  AC1 6 U   A 16 ? U   A 16  . ? 1_555  ? 
4  AC1 6 U   A 17 ? U   A 17  . ? 1_555  ? 
5  AC1 6 G   A 18 ? G   A 18  . ? 1_555  ? 
6  AC1 6 HOH K .  ? HOH A 164 . ? 1_555  ? 
7  AC2 5 C   A 15 ? C   A 15  . ? 12_566 ? 
8  AC2 5 A   A 21 ? A   A 21  . ? 1_555  ? 
9  AC2 5 A   A 22 ? A   A 22  . ? 1_555  ? 
10 AC2 5 HOH K .  ? HOH A 56  . ? 12_566 ? 
11 AC2 5 HOH K .  ? HOH A 172 . ? 5_564  ? 
12 AC3 6 U   A 13 ? U   A 13  . ? 1_555  ? 
13 AC3 6 HOH K .  ? HOH A 44  . ? 1_555  ? 
14 AC3 6 HOH K .  ? HOH A 162 . ? 1_555  ? 
15 AC3 6 HOH K .  ? HOH A 172 . ? 1_555  ? 
16 AC3 6 HOH K .  ? HOH A 179 . ? 1_555  ? 
17 AC3 6 HOH K .  ? HOH A 194 . ? 1_555  ? 
18 AC4 6 G   A 12 ? G   A 12  . ? 1_555  ? 
19 AC4 6 G   A 19 ? G   A 19  . ? 1_555  ? 
20 AC4 6 HOH K .  ? HOH A 40  . ? 1_555  ? 
21 AC4 6 HOH K .  ? HOH A 166 . ? 1_555  ? 
22 AC4 6 HOH K .  ? HOH A 170 . ? 1_555  ? 
23 AC4 6 HOH K .  ? HOH A 181 . ? 1_555  ? 
24 AC5 8 HOH K .  ? HOH A 52  . ? 1_555  ? 
25 AC5 8 HOH K .  ? HOH A 52  . ? 7_556  ? 
26 AC5 8 HOH K .  ? HOH A 56  . ? 1_555  ? 
27 AC5 8 HOH K .  ? HOH A 56  . ? 7_556  ? 
28 AC5 8 HOH K .  ? HOH A 187 . ? 1_555  ? 
29 AC5 8 HOH K .  ? HOH A 187 . ? 7_556  ? 
30 AC5 8 HOH K .  ? HOH A 200 . ? 7_556  ? 
31 AC5 8 HOH K .  ? HOH A 200 . ? 1_555  ? 
32 AC6 7 U   A 11 ? U   A 11  . ? 1_555  ? 
33 AC6 7 HOH K .  ? HOH A 43  . ? 6_655  ? 
34 AC6 7 HOH K .  ? HOH A 50  . ? 1_555  ? 
35 AC6 7 HOH K .  ? HOH A 75  . ? 1_555  ? 
36 AC6 7 HOH K .  ? HOH A 76  . ? 1_555  ? 
37 AC6 7 HOH K .  ? HOH A 184 . ? 6_655  ? 
38 AC6 7 HOH K .  ? HOH A 195 . ? 1_555  ? 
39 AC7 6 C   A 3  ? C   A 3   . ? 5_564  ? 
40 AC7 6 U   A 8  ? U   A 8   . ? 1_555  ? 
41 AC7 6 C   A 37 ? C   A 37  . ? 8_566  ? 
42 AC7 6 HOH K .  ? HOH A 109 . ? 1_555  ? 
43 AC7 6 HOH K .  ? HOH A 110 . ? 1_555  ? 
44 AC7 6 HOH K .  ? HOH A 111 . ? 1_555  ? 
45 AC8 6 A   A 9  ? A   A 9   . ? 1_555  ? 
46 AC8 6 HOH K .  ? HOH A 114 . ? 1_555  ? 
47 AC8 6 HOH K .  ? HOH A 197 . ? 1_555  ? 
48 AC8 6 HOH K .  ? HOH A 203 . ? 1_555  ? 
49 AC8 6 HOH K .  ? HOH A 204 . ? 1_555  ? 
50 AC8 6 HOH K .  ? HOH A 205 . ? 1_555  ? 
51 AC9 4 G   A 26 ? G   A 26  . ? 1_555  ? 
52 AC9 4 HOH K .  ? HOH A 115 . ? 1_555  ? 
53 AC9 4 HOH K .  ? HOH A 206 . ? 1_555  ? 
54 AC9 4 HOH K .  ? HOH A 207 . ? 1_555  ? 
# 
loop_
_pdbx_validate_rmsd_angle.id 
_pdbx_validate_rmsd_angle.PDB_model_num 
_pdbx_validate_rmsd_angle.auth_atom_id_1 
_pdbx_validate_rmsd_angle.auth_asym_id_1 
_pdbx_validate_rmsd_angle.auth_comp_id_1 
_pdbx_validate_rmsd_angle.auth_seq_id_1 
_pdbx_validate_rmsd_angle.PDB_ins_code_1 
_pdbx_validate_rmsd_angle.label_alt_id_1 
_pdbx_validate_rmsd_angle.auth_atom_id_2 
_pdbx_validate_rmsd_angle.auth_asym_id_2 
_pdbx_validate_rmsd_angle.auth_comp_id_2 
_pdbx_validate_rmsd_angle.auth_seq_id_2 
_pdbx_validate_rmsd_angle.PDB_ins_code_2 
_pdbx_validate_rmsd_angle.label_alt_id_2 
_pdbx_validate_rmsd_angle.auth_atom_id_3 
_pdbx_validate_rmsd_angle.auth_asym_id_3 
_pdbx_validate_rmsd_angle.auth_comp_id_3 
_pdbx_validate_rmsd_angle.auth_seq_id_3 
_pdbx_validate_rmsd_angle.PDB_ins_code_3 
_pdbx_validate_rmsd_angle.label_alt_id_3 
_pdbx_validate_rmsd_angle.angle_value 
_pdbx_validate_rmsd_angle.angle_target_value 
_pdbx_validate_rmsd_angle.angle_deviation 
_pdbx_validate_rmsd_angle.angle_standard_deviation 
_pdbx_validate_rmsd_angle.linker_flag 
1 1 "O4'" A G 18 ? ? "C1'" A G 18 ? ? N9    A G 18 ? ? 115.17 108.50 6.67  0.70 N 
2 1 "C3'" A G 19 ? ? "C2'" A G 19 ? ? "C1'" A G 19 ? ? 97.09  101.30 -4.21 0.70 N 
3 1 "C1'" A G 20 ? ? "O4'" A G 20 ? ? "C4'" A G 20 ? ? 101.40 109.70 -8.30 0.70 N 
4 1 "O4'" A G 20 ? ? "C1'" A G 20 ? ? N9    A G 20 ? ? 113.82 108.50 5.32  0.70 N 
# 
loop_
_pdbx_struct_special_symmetry.id 
_pdbx_struct_special_symmetry.PDB_model_num 
_pdbx_struct_special_symmetry.auth_asym_id 
_pdbx_struct_special_symmetry.auth_comp_id 
_pdbx_struct_special_symmetry.auth_seq_id 
_pdbx_struct_special_symmetry.PDB_ins_code 
_pdbx_struct_special_symmetry.label_asym_id 
_pdbx_struct_special_symmetry.label_comp_id 
_pdbx_struct_special_symmetry.label_seq_id 
1 1 A CA  104 ? F CA  . 
2 1 A HOH 52  ? K HOH . 
# 
_pdbx_unobs_or_zero_occ_residues.id               1 
_pdbx_unobs_or_zero_occ_residues.PDB_model_num    1 
_pdbx_unobs_or_zero_occ_residues.polymer_flag     Y 
_pdbx_unobs_or_zero_occ_residues.occupancy_flag   1 
_pdbx_unobs_or_zero_occ_residues.auth_asym_id     A 
_pdbx_unobs_or_zero_occ_residues.auth_comp_id     A 
_pdbx_unobs_or_zero_occ_residues.auth_seq_id      39 
_pdbx_unobs_or_zero_occ_residues.PDB_ins_code     ? 
_pdbx_unobs_or_zero_occ_residues.label_asym_id    A 
_pdbx_unobs_or_zero_occ_residues.label_comp_id    A 
_pdbx_unobs_or_zero_occ_residues.label_seq_id     39 
# 
loop_
_chem_comp_atom.comp_id 
_chem_comp_atom.atom_id 
_chem_comp_atom.type_symbol 
_chem_comp_atom.pdbx_aromatic_flag 
_chem_comp_atom.pdbx_stereo_config 
_chem_comp_atom.pdbx_ordinal 
A   OP3    O  N N 1   
A   P      P  N N 2   
A   OP1    O  N N 3   
A   OP2    O  N N 4   
A   "O5'"  O  N N 5   
A   "C5'"  C  N N 6   
A   "C4'"  C  N R 7   
A   "O4'"  O  N N 8   
A   "C3'"  C  N S 9   
A   "O3'"  O  N N 10  
A   "C2'"  C  N R 11  
A   "O2'"  O  N N 12  
A   "C1'"  C  N R 13  
A   N9     N  Y N 14  
A   C8     C  Y N 15  
A   N7     N  Y N 16  
A   C5     C  Y N 17  
A   C6     C  Y N 18  
A   N6     N  N N 19  
A   N1     N  Y N 20  
A   C2     C  Y N 21  
A   N3     N  Y N 22  
A   C4     C  Y N 23  
A   HOP3   H  N N 24  
A   HOP2   H  N N 25  
A   "H5'"  H  N N 26  
A   "H5''" H  N N 27  
A   "H4'"  H  N N 28  
A   "H3'"  H  N N 29  
A   "HO3'" H  N N 30  
A   "H2'"  H  N N 31  
A   "HO2'" H  N N 32  
A   "H1'"  H  N N 33  
A   H8     H  N N 34  
A   H61    H  N N 35  
A   H62    H  N N 36  
A   H2     H  N N 37  
C   OP3    O  N N 38  
C   P      P  N N 39  
C   OP1    O  N N 40  
C   OP2    O  N N 41  
C   "O5'"  O  N N 42  
C   "C5'"  C  N N 43  
C   "C4'"  C  N R 44  
C   "O4'"  O  N N 45  
C   "C3'"  C  N S 46  
C   "O3'"  O  N N 47  
C   "C2'"  C  N R 48  
C   "O2'"  O  N N 49  
C   "C1'"  C  N R 50  
C   N1     N  N N 51  
C   C2     C  N N 52  
C   O2     O  N N 53  
C   N3     N  N N 54  
C   C4     C  N N 55  
C   N4     N  N N 56  
C   C5     C  N N 57  
C   C6     C  N N 58  
C   HOP3   H  N N 59  
C   HOP2   H  N N 60  
C   "H5'"  H  N N 61  
C   "H5''" H  N N 62  
C   "H4'"  H  N N 63  
C   "H3'"  H  N N 64  
C   "HO3'" H  N N 65  
C   "H2'"  H  N N 66  
C   "HO2'" H  N N 67  
C   "H1'"  H  N N 68  
C   H41    H  N N 69  
C   H42    H  N N 70  
C   H5     H  N N 71  
C   H6     H  N N 72  
CA  CA     CA N N 73  
CL  CL     CL N N 74  
G   OP3    O  N N 75  
G   P      P  N N 76  
G   OP1    O  N N 77  
G   OP2    O  N N 78  
G   "O5'"  O  N N 79  
G   "C5'"  C  N N 80  
G   "C4'"  C  N R 81  
G   "O4'"  O  N N 82  
G   "C3'"  C  N S 83  
G   "O3'"  O  N N 84  
G   "C2'"  C  N R 85  
G   "O2'"  O  N N 86  
G   "C1'"  C  N R 87  
G   N9     N  Y N 88  
G   C8     C  Y N 89  
G   N7     N  Y N 90  
G   C5     C  Y N 91  
G   C6     C  N N 92  
G   O6     O  N N 93  
G   N1     N  N N 94  
G   C2     C  N N 95  
G   N2     N  N N 96  
G   N3     N  N N 97  
G   C4     C  Y N 98  
G   HOP3   H  N N 99  
G   HOP2   H  N N 100 
G   "H5'"  H  N N 101 
G   "H5''" H  N N 102 
G   "H4'"  H  N N 103 
G   "H3'"  H  N N 104 
G   "HO3'" H  N N 105 
G   "H2'"  H  N N 106 
G   "HO2'" H  N N 107 
G   "H1'"  H  N N 108 
G   H8     H  N N 109 
G   H1     H  N N 110 
G   H21    H  N N 111 
G   H22    H  N N 112 
HOH O      O  N N 113 
HOH H1     H  N N 114 
HOH H2     H  N N 115 
MG  MG     MG N N 116 
U   OP3    O  N N 117 
U   P      P  N N 118 
U   OP1    O  N N 119 
U   OP2    O  N N 120 
U   "O5'"  O  N N 121 
U   "C5'"  C  N N 122 
U   "C4'"  C  N R 123 
U   "O4'"  O  N N 124 
U   "C3'"  C  N S 125 
U   "O3'"  O  N N 126 
U   "C2'"  C  N R 127 
U   "O2'"  O  N N 128 
U   "C1'"  C  N R 129 
U   N1     N  N N 130 
U   C2     C  N N 131 
U   O2     O  N N 132 
U   N3     N  N N 133 
U   C4     C  N N 134 
U   O4     O  N N 135 
U   C5     C  N N 136 
U   C6     C  N N 137 
U   HOP3   H  N N 138 
U   HOP2   H  N N 139 
U   "H5'"  H  N N 140 
U   "H5''" H  N N 141 
U   "H4'"  H  N N 142 
U   "H3'"  H  N N 143 
U   "HO3'" H  N N 144 
U   "H2'"  H  N N 145 
U   "HO2'" H  N N 146 
U   "H1'"  H  N N 147 
U   H3     H  N N 148 
U   H5     H  N N 149 
U   H6     H  N N 150 
# 
loop_
_chem_comp_bond.comp_id 
_chem_comp_bond.atom_id_1 
_chem_comp_bond.atom_id_2 
_chem_comp_bond.value_order 
_chem_comp_bond.pdbx_aromatic_flag 
_chem_comp_bond.pdbx_stereo_config 
_chem_comp_bond.pdbx_ordinal 
A   OP3   P      sing N N 1   
A   OP3   HOP3   sing N N 2   
A   P     OP1    doub N N 3   
A   P     OP2    sing N N 4   
A   P     "O5'"  sing N N 5   
A   OP2   HOP2   sing N N 6   
A   "O5'" "C5'"  sing N N 7   
A   "C5'" "C4'"  sing N N 8   
A   "C5'" "H5'"  sing N N 9   
A   "C5'" "H5''" sing N N 10  
A   "C4'" "O4'"  sing N N 11  
A   "C4'" "C3'"  sing N N 12  
A   "C4'" "H4'"  sing N N 13  
A   "O4'" "C1'"  sing N N 14  
A   "C3'" "O3'"  sing N N 15  
A   "C3'" "C2'"  sing N N 16  
A   "C3'" "H3'"  sing N N 17  
A   "O3'" "HO3'" sing N N 18  
A   "C2'" "O2'"  sing N N 19  
A   "C2'" "C1'"  sing N N 20  
A   "C2'" "H2'"  sing N N 21  
A   "O2'" "HO2'" sing N N 22  
A   "C1'" N9     sing N N 23  
A   "C1'" "H1'"  sing N N 24  
A   N9    C8     sing Y N 25  
A   N9    C4     sing Y N 26  
A   C8    N7     doub Y N 27  
A   C8    H8     sing N N 28  
A   N7    C5     sing Y N 29  
A   C5    C6     sing Y N 30  
A   C5    C4     doub Y N 31  
A   C6    N6     sing N N 32  
A   C6    N1     doub Y N 33  
A   N6    H61    sing N N 34  
A   N6    H62    sing N N 35  
A   N1    C2     sing Y N 36  
A   C2    N3     doub Y N 37  
A   C2    H2     sing N N 38  
A   N3    C4     sing Y N 39  
C   OP3   P      sing N N 40  
C   OP3   HOP3   sing N N 41  
C   P     OP1    doub N N 42  
C   P     OP2    sing N N 43  
C   P     "O5'"  sing N N 44  
C   OP2   HOP2   sing N N 45  
C   "O5'" "C5'"  sing N N 46  
C   "C5'" "C4'"  sing N N 47  
C   "C5'" "H5'"  sing N N 48  
C   "C5'" "H5''" sing N N 49  
C   "C4'" "O4'"  sing N N 50  
C   "C4'" "C3'"  sing N N 51  
C   "C4'" "H4'"  sing N N 52  
C   "O4'" "C1'"  sing N N 53  
C   "C3'" "O3'"  sing N N 54  
C   "C3'" "C2'"  sing N N 55  
C   "C3'" "H3'"  sing N N 56  
C   "O3'" "HO3'" sing N N 57  
C   "C2'" "O2'"  sing N N 58  
C   "C2'" "C1'"  sing N N 59  
C   "C2'" "H2'"  sing N N 60  
C   "O2'" "HO2'" sing N N 61  
C   "C1'" N1     sing N N 62  
C   "C1'" "H1'"  sing N N 63  
C   N1    C2     sing N N 64  
C   N1    C6     sing N N 65  
C   C2    O2     doub N N 66  
C   C2    N3     sing N N 67  
C   N3    C4     doub N N 68  
C   C4    N4     sing N N 69  
C   C4    C5     sing N N 70  
C   N4    H41    sing N N 71  
C   N4    H42    sing N N 72  
C   C5    C6     doub N N 73  
C   C5    H5     sing N N 74  
C   C6    H6     sing N N 75  
G   OP3   P      sing N N 76  
G   OP3   HOP3   sing N N 77  
G   P     OP1    doub N N 78  
G   P     OP2    sing N N 79  
G   P     "O5'"  sing N N 80  
G   OP2   HOP2   sing N N 81  
G   "O5'" "C5'"  sing N N 82  
G   "C5'" "C4'"  sing N N 83  
G   "C5'" "H5'"  sing N N 84  
G   "C5'" "H5''" sing N N 85  
G   "C4'" "O4'"  sing N N 86  
G   "C4'" "C3'"  sing N N 87  
G   "C4'" "H4'"  sing N N 88  
G   "O4'" "C1'"  sing N N 89  
G   "C3'" "O3'"  sing N N 90  
G   "C3'" "C2'"  sing N N 91  
G   "C3'" "H3'"  sing N N 92  
G   "O3'" "HO3'" sing N N 93  
G   "C2'" "O2'"  sing N N 94  
G   "C2'" "C1'"  sing N N 95  
G   "C2'" "H2'"  sing N N 96  
G   "O2'" "HO2'" sing N N 97  
G   "C1'" N9     sing N N 98  
G   "C1'" "H1'"  sing N N 99  
G   N9    C8     sing Y N 100 
G   N9    C4     sing Y N 101 
G   C8    N7     doub Y N 102 
G   C8    H8     sing N N 103 
G   N7    C5     sing Y N 104 
G   C5    C6     sing N N 105 
G   C5    C4     doub Y N 106 
G   C6    O6     doub N N 107 
G   C6    N1     sing N N 108 
G   N1    C2     sing N N 109 
G   N1    H1     sing N N 110 
G   C2    N2     sing N N 111 
G   C2    N3     doub N N 112 
G   N2    H21    sing N N 113 
G   N2    H22    sing N N 114 
G   N3    C4     sing N N 115 
HOH O     H1     sing N N 116 
HOH O     H2     sing N N 117 
U   OP3   P      sing N N 118 
U   OP3   HOP3   sing N N 119 
U   P     OP1    doub N N 120 
U   P     OP2    sing N N 121 
U   P     "O5'"  sing N N 122 
U   OP2   HOP2   sing N N 123 
U   "O5'" "C5'"  sing N N 124 
U   "C5'" "C4'"  sing N N 125 
U   "C5'" "H5'"  sing N N 126 
U   "C5'" "H5''" sing N N 127 
U   "C4'" "O4'"  sing N N 128 
U   "C4'" "C3'"  sing N N 129 
U   "C4'" "H4'"  sing N N 130 
U   "O4'" "C1'"  sing N N 131 
U   "C3'" "O3'"  sing N N 132 
U   "C3'" "C2'"  sing N N 133 
U   "C3'" "H3'"  sing N N 134 
U   "O3'" "HO3'" sing N N 135 
U   "C2'" "O2'"  sing N N 136 
U   "C2'" "C1'"  sing N N 137 
U   "C2'" "H2'"  sing N N 138 
U   "O2'" "HO2'" sing N N 139 
U   "C1'" N1     sing N N 140 
U   "C1'" "H1'"  sing N N 141 
U   N1    C2     sing N N 142 
U   N1    C6     sing N N 143 
U   C2    O2     doub N N 144 
U   C2    N3     sing N N 145 
U   N3    C4     sing N N 146 
U   N3    H3     sing N N 147 
U   C4    O4     doub N N 148 
U   C4    C5     sing N N 149 
U   C5    C6     doub N N 150 
U   C5    H5     sing N N 151 
U   C6    H6     sing N N 152 
# 
loop_
_ndb_struct_conf_na.entry_id 
_ndb_struct_conf_na.feature 
2ZY6 'double helix'         
2ZY6 'a-form double helix'  
2ZY6 'hairpin loop'         
2ZY6 'bulge loop'           
2ZY6 'mismatched base pair' 
# 
loop_
_ndb_struct_na_base_pair.model_number 
_ndb_struct_na_base_pair.i_label_asym_id 
_ndb_struct_na_base_pair.i_label_comp_id 
_ndb_struct_na_base_pair.i_label_seq_id 
_ndb_struct_na_base_pair.i_symmetry 
_ndb_struct_na_base_pair.j_label_asym_id 
_ndb_struct_na_base_pair.j_label_comp_id 
_ndb_struct_na_base_pair.j_label_seq_id 
_ndb_struct_na_base_pair.j_symmetry 
_ndb_struct_na_base_pair.shear 
_ndb_struct_na_base_pair.stretch 
_ndb_struct_na_base_pair.stagger 
_ndb_struct_na_base_pair.buckle 
_ndb_struct_na_base_pair.propeller 
_ndb_struct_na_base_pair.opening 
_ndb_struct_na_base_pair.pair_number 
_ndb_struct_na_base_pair.pair_name 
_ndb_struct_na_base_pair.i_auth_asym_id 
_ndb_struct_na_base_pair.i_auth_seq_id 
_ndb_struct_na_base_pair.i_PDB_ins_code 
_ndb_struct_na_base_pair.j_auth_asym_id 
_ndb_struct_na_base_pair.j_auth_seq_id 
_ndb_struct_na_base_pair.j_PDB_ins_code 
_ndb_struct_na_base_pair.hbond_type_28 
_ndb_struct_na_base_pair.hbond_type_12 
1 A G 1  1_555 A C 35 1_555 -0.266 -0.168 0.544  12.333  -8.978  -3.680  1  A_G1:C35_A  A 1  ? A 35 ? 19 1  
1 A C 2  1_555 A G 34 1_555 0.240  -0.077 -0.107 18.268  -19.845 1.371   2  A_C2:G34_A  A 2  ? A 34 ? 19 1  
1 A C 3  1_555 A G 33 1_555 0.229  -0.216 -0.165 6.300   -13.931 0.052   3  A_C3:G33_A  A 3  ? A 33 ? 19 1  
1 A C 4  1_555 A G 32 1_555 0.261  -0.122 -0.032 3.469   -8.081  0.801   4  A_C4:G32_A  A 4  ? A 32 ? 19 1  
1 A G 5  1_555 A C 31 1_555 -0.222 -0.107 -0.069 -0.920  -5.018  2.897   5  A_G5:C31_A  A 5  ? A 31 ? 19 1  
1 A G 6  1_555 A C 30 1_555 -0.169 -0.177 -0.248 -13.131 -14.218 1.139   6  A_G6:C30_A  A 6  ? A 30 ? 19 1  
1 A A 7  1_555 A U 29 1_555 -0.043 -0.151 -0.004 -12.049 -0.973  -0.593  7  A_A7:U29_A  A 7  ? A 29 ? 20 1  
1 A U 8  1_555 A A 27 1_555 4.261  -2.384 0.126  8.501   0.133   -93.543 8  A_U8:A27_A  A 8  ? A 27 ? 24 4  
1 A A 9  1_555 A G 26 1_555 -7.145 -5.456 -0.346 -7.172  -19.957 -28.274 9  A_A9:G26_A  A 9  ? A 26 ? ?  10 
1 A G 10 1_555 A C 25 1_555 -0.302 -0.121 0.126  -6.042  -21.016 0.570   10 A_G10:C25_A A 10 ? A 25 ? 19 1  
1 A G 12 1_555 A C 24 1_555 -0.297 -0.128 -0.529 -25.516 -15.366 -0.313  11 A_G12:C24_A A 12 ? A 24 ? 19 1  
# 
loop_
_ndb_struct_na_base_pair_step.model_number 
_ndb_struct_na_base_pair_step.i_label_asym_id_1 
_ndb_struct_na_base_pair_step.i_label_comp_id_1 
_ndb_struct_na_base_pair_step.i_label_seq_id_1 
_ndb_struct_na_base_pair_step.i_symmetry_1 
_ndb_struct_na_base_pair_step.j_label_asym_id_1 
_ndb_struct_na_base_pair_step.j_label_comp_id_1 
_ndb_struct_na_base_pair_step.j_label_seq_id_1 
_ndb_struct_na_base_pair_step.j_symmetry_1 
_ndb_struct_na_base_pair_step.i_label_asym_id_2 
_ndb_struct_na_base_pair_step.i_label_comp_id_2 
_ndb_struct_na_base_pair_step.i_label_seq_id_2 
_ndb_struct_na_base_pair_step.i_symmetry_2 
_ndb_struct_na_base_pair_step.j_label_asym_id_2 
_ndb_struct_na_base_pair_step.j_label_comp_id_2 
_ndb_struct_na_base_pair_step.j_label_seq_id_2 
_ndb_struct_na_base_pair_step.j_symmetry_2 
_ndb_struct_na_base_pair_step.shift 
_ndb_struct_na_base_pair_step.slide 
_ndb_struct_na_base_pair_step.rise 
_ndb_struct_na_base_pair_step.tilt 
_ndb_struct_na_base_pair_step.roll 
_ndb_struct_na_base_pair_step.twist 
_ndb_struct_na_base_pair_step.x_displacement 
_ndb_struct_na_base_pair_step.y_displacement 
_ndb_struct_na_base_pair_step.helical_rise 
_ndb_struct_na_base_pair_step.inclination 
_ndb_struct_na_base_pair_step.tip 
_ndb_struct_na_base_pair_step.helical_twist 
_ndb_struct_na_base_pair_step.step_number 
_ndb_struct_na_base_pair_step.step_name 
_ndb_struct_na_base_pair_step.i_auth_asym_id_1 
_ndb_struct_na_base_pair_step.i_auth_seq_id_1 
_ndb_struct_na_base_pair_step.i_PDB_ins_code_1 
_ndb_struct_na_base_pair_step.j_auth_asym_id_1 
_ndb_struct_na_base_pair_step.j_auth_seq_id_1 
_ndb_struct_na_base_pair_step.j_PDB_ins_code_1 
_ndb_struct_na_base_pair_step.i_auth_asym_id_2 
_ndb_struct_na_base_pair_step.i_auth_seq_id_2 
_ndb_struct_na_base_pair_step.i_PDB_ins_code_2 
_ndb_struct_na_base_pair_step.j_auth_asym_id_2 
_ndb_struct_na_base_pair_step.j_auth_seq_id_2 
_ndb_struct_na_base_pair_step.j_PDB_ins_code_2 
1 A G 1  1_555 A C 35 1_555 A C 2  1_555 A G 34 1_555 0.308  -1.274 3.170 0.803  5.000  36.130  -2.690 -0.387 2.980 8.013   -1.287 
36.472  1  AA_G1C2:G34C35_AA   A 1  ? A 35 ? A 2  ? A 34 ? 
1 A C 2  1_555 A G 34 1_555 A C 3  1_555 A G 33 1_555 -0.320 -1.897 3.418 -1.592 13.395 33.128  -4.919 0.304  2.501 22.372  2.660  
35.698  2  AA_C2C3:G33G34_AA   A 2  ? A 34 ? A 3  ? A 33 ? 
1 A C 3  1_555 A G 33 1_555 A C 4  1_555 A G 32 1_555 -0.150 -1.643 3.272 -0.942 10.954 31.926  -4.473 0.118  2.587 19.217  1.653  
33.719  3  AA_C3C4:G32G33_AA   A 3  ? A 33 ? A 4  ? A 32 ? 
1 A C 4  1_555 A G 32 1_555 A G 5  1_555 A C 31 1_555 0.422  -1.997 3.240 0.724  11.005 28.295  -5.772 -0.679 2.327 21.506  -1.414 
30.328  4  AA_C4G5:C31G32_AA   A 4  ? A 32 ? A 5  ? A 31 ? 
1 A G 5  1_555 A C 31 1_555 A G 6  1_555 A C 30 1_555 0.312  -2.190 3.507 3.078  9.890  30.548  -5.666 -0.026 2.703 18.128  -5.641 
32.217  5  AA_G5G6:C30C31_AA   A 5  ? A 31 ? A 6  ? A 30 ? 
1 A G 6  1_555 A C 30 1_555 A A 7  1_555 A U 29 1_555 -0.162 -2.017 3.224 -0.418 5.475  34.348  -4.160 0.212  2.879 9.199   0.703  
34.771  6  AA_G6A7:U29C30_AA   A 6  ? A 30 ? A 7  ? A 29 ? 
1 A A 7  1_555 A U 29 1_555 A U 8  1_555 A A 27 1_555 -1.739 -2.510 3.010 -1.675 -3.338 79.038  -1.886 1.323  3.127 -2.622  1.315  
79.112  7  AA_A7U8:A27U29_AA   A 7  ? A 29 ? A 8  ? A 27 ? 
1 A U 8  1_555 A A 27 1_555 A A 9  1_555 A G 26 1_555 3.801  -0.463 3.595 5.438  6.907  -14.695 -2.557 16.012 2.074 -24.364 19.182 
-17.112 8  AA_U8A9:G26A27_AA   A 8  ? A 27 ? A 9  ? A 26 ? 
1 A A 9  1_555 A G 26 1_555 A G 10 1_555 A C 25 1_555 1.883  -0.949 3.729 4.223  0.482  69.972  -0.846 -1.467 3.817 0.420   -3.680 
70.085  9  AA_A9G10:C25G26_AA  A 9  ? A 26 ? A 10 ? A 25 ? 
1 A G 10 1_555 A C 25 1_555 A G 12 1_555 A C 24 1_555 -1.374 -1.955 3.626 3.504  11.138 48.146  -3.190 1.910  3.030 13.424  -4.223 
49.459  10 AA_G10G12:C24C25_AA A 10 ? A 25 ? A 12 ? A 24 ? 
# 
_atom_sites.entry_id                    2ZY6 
_atom_sites.fract_transf_matrix[1][1]   0.00265377 
_atom_sites.fract_transf_matrix[1][2]   -0.00713738 
_atom_sites.fract_transf_matrix[1][3]   -0.01687591 
_atom_sites.fract_transf_matrix[2][1]   -0.01032541 
_atom_sites.fract_transf_matrix[2][2]   0.00579910 
_atom_sites.fract_transf_matrix[2][3]   -0.01423241 
_atom_sites.fract_transf_matrix[3][1]   0.00583220 
_atom_sites.fract_transf_matrix[3][2]   0.00619985 
_atom_sites.fract_transf_matrix[3][3]   -0.00170500 
_atom_sites.fract_transf_vector[1]      0.880047 
_atom_sites.fract_transf_vector[2]      0.679928 
_atom_sites.fract_transf_vector[3]      0.533955 
# 
loop_
_atom_type.symbol 
C  
CA 
CL 
MG 
N  
O  
P  
# 
loop_
_atom_site.group_PDB 
_atom_site.id 
_atom_site.type_symbol 
_atom_site.label_atom_id 
_atom_site.label_alt_id 
_atom_site.label_comp_id 
_atom_site.label_asym_id 
_atom_site.label_entity_id 
_atom_site.label_seq_id 
_atom_site.pdbx_PDB_ins_code 
_atom_site.Cartn_x 
_atom_site.Cartn_y 
_atom_site.Cartn_z 
_atom_site.occupancy 
_atom_site.B_iso_or_equiv 
_atom_site.pdbx_formal_charge 
_atom_site.auth_seq_id 
_atom_site.auth_comp_id 
_atom_site.auth_asym_id 
_atom_site.auth_atom_id 
_atom_site.pdbx_PDB_model_num 
ATOM   1   P  P     . G   A 1 1  ? 13.200  -4.463  -0.609  1.00 37.76 ? 1   G   A P     1 
ATOM   2   O  OP1   . G   A 1 1  ? 12.984  -3.197  0.129   1.00 37.92 ? 1   G   A OP1   1 
ATOM   3   O  OP2   . G   A 1 1  ? 12.173  -5.533  -0.559  1.00 37.36 ? 1   G   A OP2   1 
ATOM   4   O  "O5'" . G   A 1 1  ? 13.458  -4.135  -2.155  1.00 34.89 ? 1   G   A "O5'" 1 
ATOM   5   C  "C5'" . G   A 1 1  ? 14.469  -3.215  -2.556  1.00 31.37 ? 1   G   A "C5'" 1 
ATOM   6   C  "C4'" . G   A 1 1  ? 14.878  -3.472  -3.997  1.00 28.92 ? 1   G   A "C4'" 1 
ATOM   7   O  "O4'" . G   A 1 1  ? 15.707  -4.662  -4.058  1.00 28.10 ? 1   G   A "O4'" 1 
ATOM   8   C  "C3'" . G   A 1 1  ? 13.739  -3.751  -4.974  1.00 27.84 ? 1   G   A "C3'" 1 
ATOM   9   O  "O3'" . G   A 1 1  ? 13.217  -2.537  -5.509  1.00 27.93 ? 1   G   A "O3'" 1 
ATOM   10  C  "C2'" . G   A 1 1  ? 14.439  -4.568  -6.050  1.00 27.54 ? 1   G   A "C2'" 1 
ATOM   11  O  "O2'" . G   A 1 1  ? 15.213  -3.752  -6.909  1.00 27.93 ? 1   G   A "O2'" 1 
ATOM   12  C  "C1'" . G   A 1 1  ? 15.370  -5.426  -5.206  1.00 26.89 ? 1   G   A "C1'" 1 
ATOM   13  N  N9    . G   A 1 1  ? 14.859  -6.732  -4.773  1.00 26.22 ? 1   G   A N9    1 
ATOM   14  C  C8    . G   A 1 1  ? 14.446  -7.076  -3.507  1.00 26.11 ? 1   G   A C8    1 
ATOM   15  N  N7    . G   A 1 1  ? 14.068  -8.317  -3.401  1.00 26.49 ? 1   G   A N7    1 
ATOM   16  C  C5    . G   A 1 1  ? 14.245  -8.838  -4.675  1.00 26.07 ? 1   G   A C5    1 
ATOM   17  C  C6    . G   A 1 1  ? 14.005  -10.146 -5.169  1.00 26.70 ? 1   G   A C6    1 
ATOM   18  O  O6    . G   A 1 1  ? 13.570  -11.119 -4.541  1.00 26.24 ? 1   G   A O6    1 
ATOM   19  N  N1    . G   A 1 1  ? 14.312  -10.268 -6.525  1.00 25.88 ? 1   G   A N1    1 
ATOM   20  C  C2    . G   A 1 1  ? 14.799  -9.241  -7.305  1.00 26.33 ? 1   G   A C2    1 
ATOM   21  N  N2    . G   A 1 1  ? 15.046  -9.528  -8.591  1.00 26.12 ? 1   G   A N2    1 
ATOM   22  N  N3    . G   A 1 1  ? 15.033  -8.015  -6.848  1.00 25.53 ? 1   G   A N3    1 
ATOM   23  C  C4    . G   A 1 1  ? 14.733  -7.877  -5.532  1.00 26.24 ? 1   G   A C4    1 
ATOM   24  P  P     . C   A 1 2  ? 11.650  -2.396  -5.784  1.00 27.88 ? 2   C   A P     1 
ATOM   25  O  OP1   . C   A 1 2  ? 11.393  -0.969  -6.103  1.00 28.18 ? 2   C   A OP1   1 
ATOM   26  O  OP2   . C   A 1 2  ? 10.902  -3.035  -4.680  1.00 27.77 ? 2   C   A OP2   1 
ATOM   27  O  "O5'" . C   A 1 2  ? 11.417  -3.288  -7.080  1.00 27.08 ? 2   C   A "O5'" 1 
ATOM   28  C  "C5'" . C   A 1 2  ? 11.992  -2.932  -8.329  1.00 26.62 ? 2   C   A "C5'" 1 
ATOM   29  C  "C4'" . C   A 1 2  ? 11.876  -4.099  -9.282  1.00 26.40 ? 2   C   A "C4'" 1 
ATOM   30  O  "O4'" . C   A 1 2  ? 12.686  -5.204  -8.799  1.00 25.78 ? 2   C   A "O4'" 1 
ATOM   31  C  "C3'" . C   A 1 2  ? 10.491  -4.713  -9.375  1.00 25.90 ? 2   C   A "C3'" 1 
ATOM   32  O  "O3'" . C   A 1 2  ? 9.611   -3.940  -10.182 1.00 25.90 ? 2   C   A "O3'" 1 
ATOM   33  C  "C2'" . C   A 1 2  ? 10.842  -6.064  -9.977  1.00 25.81 ? 2   C   A "C2'" 1 
ATOM   34  O  "O2'" . C   A 1 2  ? 11.216  -5.982  -11.338 1.00 25.99 ? 2   C   A "O2'" 1 
ATOM   35  C  "C1'" . C   A 1 2  ? 12.057  -6.427  -9.130  1.00 25.56 ? 2   C   A "C1'" 1 
ATOM   36  N  N1    . C   A 1 2  ? 11.717  -7.203  -7.881  1.00 25.00 ? 2   C   A N1    1 
ATOM   37  C  C2    . C   A 1 2  ? 11.574  -8.597  -7.973  1.00 25.01 ? 2   C   A C2    1 
ATOM   38  O  O2    . C   A 1 2  ? 11.728  -9.164  -9.064  1.00 24.73 ? 2   C   A O2    1 
ATOM   39  N  N3    . C   A 1 2  ? 11.266  -9.293  -6.850  1.00 24.67 ? 2   C   A N3    1 
ATOM   40  C  C4    . C   A 1 2  ? 11.097  -8.664  -5.682  1.00 24.64 ? 2   C   A C4    1 
ATOM   41  N  N4    . C   A 1 2  ? 10.801  -9.413  -4.615  1.00 24.85 ? 2   C   A N4    1 
ATOM   42  C  C5    . C   A 1 2  ? 11.237  -7.246  -5.556  1.00 24.83 ? 2   C   A C5    1 
ATOM   43  C  C6    . C   A 1 2  ? 11.541  -6.568  -6.674  1.00 24.81 ? 2   C   A C6    1 
ATOM   44  P  P     . C   A 1 3  ? 8.029   -3.998  -9.943  1.00 26.16 ? 3   C   A P     1 
ATOM   45  O  OP1   . C   A 1 3  ? 7.392   -2.994  -10.829 1.00 25.53 ? 3   C   A OP1   1 
ATOM   46  O  OP2   . C   A 1 3  ? 7.763   -3.961  -8.487  1.00 26.71 ? 3   C   A OP2   1 
ATOM   47  O  "O5'" . C   A 1 3  ? 7.647   -5.448  -10.480 1.00 26.34 ? 3   C   A "O5'" 1 
ATOM   48  C  "C5'" . C   A 1 3  ? 7.671   -5.758  -11.867 1.00 26.60 ? 3   C   A "C5'" 1 
ATOM   49  C  "C4'" . C   A 1 3  ? 7.195   -7.178  -12.067 1.00 27.24 ? 3   C   A "C4'" 1 
ATOM   50  O  "O4'" . C   A 1 3  ? 8.108   -8.071  -11.377 1.00 26.63 ? 3   C   A "O4'" 1 
ATOM   51  C  "C3'" . C   A 1 3  ? 5.845   -7.491  -11.433 1.00 28.17 ? 3   C   A "C3'" 1 
ATOM   52  O  "O3'" . C   A 1 3  ? 4.751   -7.038  -12.227 1.00 29.26 ? 3   C   A "O3'" 1 
ATOM   53  C  "C2'" . C   A 1 3  ? 5.928   -9.012  -11.307 1.00 27.80 ? 3   C   A "C2'" 1 
ATOM   54  O  "O2'" . C   A 1 3  ? 5.695   -9.711  -12.515 1.00 28.69 ? 3   C   A "O2'" 1 
ATOM   55  C  "C1'" . C   A 1 3  ? 7.384   -9.183  -10.869 1.00 26.97 ? 3   C   A "C1'" 1 
ATOM   56  N  N1    . C   A 1 3  ? 7.536   -9.283  -9.375  1.00 26.69 ? 3   C   A N1    1 
ATOM   57  C  C2    . C   A 1 3  ? 7.267   -10.507 -8.736  1.00 26.18 ? 3   C   A C2    1 
ATOM   58  O  O2    . C   A 1 3  ? 6.918   -11.484 -9.411  1.00 26.33 ? 3   C   A O2    1 
ATOM   59  N  N3    . C   A 1 3  ? 7.402   -10.588 -7.385  1.00 26.04 ? 3   C   A N3    1 
ATOM   60  C  C4    . C   A 1 3  ? 7.780   -9.519  -6.676  1.00 26.33 ? 3   C   A C4    1 
ATOM   61  N  N4    . C   A 1 3  ? 7.892   -9.656  -5.352  1.00 26.34 ? 3   C   A N4    1 
ATOM   62  C  C5    . C   A 1 3  ? 8.050   -8.260  -7.298  1.00 26.37 ? 3   C   A C5    1 
ATOM   63  C  C6    . C   A 1 3  ? 7.920   -8.194  -8.630  1.00 26.33 ? 3   C   A C6    1 
ATOM   64  P  P     . C   A 1 4  ? 3.405   -6.535  -11.518 1.00 31.05 ? 4   C   A P     1 
ATOM   65  O  OP1   . C   A 1 4  ? 2.563   -5.854  -12.532 1.00 31.54 ? 4   C   A OP1   1 
ATOM   66  O  OP2   . C   A 1 4  ? 3.754   -5.826  -10.263 1.00 31.19 ? 4   C   A OP2   1 
ATOM   67  O  "O5'" . C   A 1 4  ? 2.707   -7.910  -11.098 1.00 31.39 ? 4   C   A "O5'" 1 
ATOM   68  C  "C5'" . C   A 1 4  ? 2.188   -8.805  -12.073 1.00 30.96 ? 4   C   A "C5'" 1 
ATOM   69  C  "C4'" . C   A 1 4  ? 1.667   -10.058 -11.397 1.00 30.69 ? 4   C   A "C4'" 1 
ATOM   70  O  "O4'" . C   A 1 4  ? 2.781   -10.771 -10.794 1.00 30.58 ? 4   C   A "O4'" 1 
ATOM   71  C  "C3'" . C   A 1 4  ? 0.729   -9.831  -10.218 1.00 30.91 ? 4   C   A "C3'" 1 
ATOM   72  O  "O3'" . C   A 1 4  ? -0.606  -9.505  -10.607 1.00 31.52 ? 4   C   A "O3'" 1 
ATOM   73  C  "C2'" . C   A 1 4  ? 0.830   -11.191 -9.542  1.00 30.39 ? 4   C   A "C2'" 1 
ATOM   74  O  "O2'" . C   A 1 4  ? 0.135   -12.203 -10.248 1.00 30.58 ? 4   C   A "O2'" 1 
ATOM   75  C  "C1'" . C   A 1 4  ? 2.342   -11.411 -9.606  1.00 29.56 ? 4   C   A "C1'" 1 
ATOM   76  N  N1    . C   A 1 4  ? 3.043   -10.861 -8.380  1.00 29.02 ? 4   C   A N1    1 
ATOM   77  C  C2    . C   A 1 4  ? 3.041   -11.615 -7.191  1.00 28.39 ? 4   C   A C2    1 
ATOM   78  O  O2    . C   A 1 4  ? 2.480   -12.716 -7.172  1.00 28.26 ? 4   C   A O2    1 
ATOM   79  N  N3    . C   A 1 4  ? 3.659   -11.117 -6.088  1.00 28.26 ? 4   C   A N3    1 
ATOM   80  C  C4    . C   A 1 4  ? 4.256   -9.922  -6.132  1.00 28.82 ? 4   C   A C4    1 
ATOM   81  N  N4    . C   A 1 4  ? 4.849   -9.472  -5.020  1.00 28.46 ? 4   C   A N4    1 
ATOM   82  C  C5    . C   A 1 4  ? 4.267   -9.131  -7.322  1.00 28.63 ? 4   C   A C5    1 
ATOM   83  C  C6    . C   A 1 4  ? 3.657   -9.634  -8.405  1.00 29.19 ? 4   C   A C6    1 
ATOM   84  P  P     . G   A 1 5  ? -1.490  -8.557  -9.665  1.00 33.05 ? 5   G   A P     1 
ATOM   85  O  OP1   . G   A 1 5  ? -2.737  -8.247  -10.403 1.00 32.65 ? 5   G   A OP1   1 
ATOM   86  O  OP2   . G   A 1 5  ? -0.646  -7.446  -9.170  1.00 32.88 ? 5   G   A OP2   1 
ATOM   87  O  "O5'" . G   A 1 5  ? -1.828  -9.487  -8.400  1.00 32.54 ? 5   G   A "O5'" 1 
ATOM   88  C  "C5'" . G   A 1 5  ? -2.745  -10.577 -8.517  1.00 32.23 ? 5   G   A "C5'" 1 
ATOM   89  C  "C4'" . G   A 1 5  ? -2.796  -11.424 -7.255  1.00 31.48 ? 5   G   A "C4'" 1 
ATOM   90  O  "O4'" . G   A 1 5  ? -1.472  -11.925 -6.930  1.00 31.10 ? 5   G   A "O4'" 1 
ATOM   91  C  "C3'" . G   A 1 5  ? -3.206  -10.713 -5.974  1.00 31.75 ? 5   G   A "C3'" 1 
ATOM   92  O  "O3'" . G   A 1 5  ? -4.607  -10.458 -5.883  1.00 32.66 ? 5   G   A "O3'" 1 
ATOM   93  C  "C2'" . G   A 1 5  ? -2.722  -11.722 -4.937  1.00 31.00 ? 5   G   A "C2'" 1 
ATOM   94  O  "O2'" . G   A 1 5  ? -3.536  -12.875 -4.828  1.00 32.08 ? 5   G   A "O2'" 1 
ATOM   95  C  "C1'" . G   A 1 5  ? -1.352  -12.061 -5.524  1.00 29.73 ? 5   G   A "C1'" 1 
ATOM   96  N  N9    . G   A 1 5  ? -0.331  -11.151 -5.002  1.00 29.06 ? 5   G   A N9    1 
ATOM   97  C  C8    . G   A 1 5  ? 0.286   -10.099 -5.639  1.00 28.88 ? 5   G   A C8    1 
ATOM   98  N  N7    . G   A 1 5  ? 1.141   -9.461  -4.887  1.00 28.54 ? 5   G   A N7    1 
ATOM   99  C  C5    . G   A 1 5  ? 1.087   -10.126 -3.668  1.00 28.66 ? 5   G   A C5    1 
ATOM   100 C  C6    . G   A 1 5  ? 1.791   -9.899  -2.455  1.00 28.91 ? 5   G   A C6    1 
ATOM   101 O  O6    . G   A 1 5  ? 2.635   -9.030  -2.209  1.00 28.84 ? 5   G   A O6    1 
ATOM   102 N  N1    . G   A 1 5  ? 1.432   -10.809 -1.456  1.00 28.71 ? 5   G   A N1    1 
ATOM   103 C  C2    . G   A 1 5  ? 0.506   -11.816 -1.618  1.00 28.75 ? 5   G   A C2    1 
ATOM   104 N  N2    . G   A 1 5  ? 0.273   -12.611 -0.565  1.00 28.84 ? 5   G   A N2    1 
ATOM   105 N  N3    . G   A 1 5  ? -0.157  -12.040 -2.746  1.00 28.63 ? 5   G   A N3    1 
ATOM   106 C  C4    . G   A 1 5  ? 0.181   -11.161 -3.724  1.00 29.08 ? 5   G   A C4    1 
ATOM   107 P  P     . G   A 1 6  ? -5.087  -9.143  -5.103  1.00 33.38 ? 6   G   A P     1 
ATOM   108 O  OP1   . G   A 1 6  ? -6.541  -8.993  -5.354  1.00 33.97 ? 6   G   A OP1   1 
ATOM   109 O  OP2   . G   A 1 6  ? -4.167  -8.028  -5.419  1.00 33.61 ? 6   G   A OP2   1 
ATOM   110 O  "O5'" . G   A 1 6  ? -4.847  -9.495  -3.559  1.00 32.53 ? 6   G   A "O5'" 1 
ATOM   111 C  "C5'" . G   A 1 6  ? -5.647  -10.468 -2.895  1.00 31.08 ? 6   G   A "C5'" 1 
ATOM   112 C  "C4'" . G   A 1 6  ? -5.044  -10.847 -1.554  1.00 30.09 ? 6   G   A "C4'" 1 
ATOM   113 O  "O4'" . G   A 1 6  ? -3.627  -11.150 -1.677  1.00 28.55 ? 6   G   A "O4'" 1 
ATOM   114 C  "C3'" . G   A 1 6  ? -5.061  -9.771  -0.481  1.00 29.76 ? 6   G   A "C3'" 1 
ATOM   115 O  "O3'" . G   A 1 6  ? -6.364  -9.573  0.069   1.00 31.07 ? 6   G   A "O3'" 1 
ATOM   116 C  "C2'" . G   A 1 6  ? -4.083  -10.396 0.509   1.00 28.83 ? 6   G   A "C2'" 1 
ATOM   117 O  "O2'" . G   A 1 6  ? -4.622  -11.499 1.214   1.00 28.70 ? 6   G   A "O2'" 1 
ATOM   118 C  "C1'" . G   A 1 6  ? -2.977  -10.834 -0.455  1.00 27.16 ? 6   G   A "C1'" 1 
ATOM   119 N  N9    . G   A 1 6  ? -2.002  -9.760  -0.649  1.00 26.30 ? 6   G   A N9    1 
ATOM   120 C  C8    . G   A 1 6  ? -1.763  -9.031  -1.793  1.00 26.27 ? 6   G   A C8    1 
ATOM   121 N  N7    . G   A 1 6  ? -0.836  -8.123  -1.650  1.00 25.72 ? 6   G   A N7    1 
ATOM   122 C  C5    . G   A 1 6  ? -0.438  -8.249  -0.323  1.00 26.03 ? 6   G   A C5    1 
ATOM   123 C  C6    . G   A 1 6  ? 0.535   -7.530  0.418   1.00 26.22 ? 6   G   A C6    1 
ATOM   124 O  O6    . G   A 1 6  ? 1.262   -6.609  0.028   1.00 25.96 ? 6   G   A O6    1 
ATOM   125 N  N1    . G   A 1 6  ? 0.630   -7.971  1.741   1.00 26.29 ? 6   G   A N1    1 
ATOM   126 C  C2    . G   A 1 6  ? -0.128  -8.987  2.282   1.00 26.07 ? 6   G   A C2    1 
ATOM   127 N  N2    . G   A 1 6  ? 0.099   -9.281  3.571   1.00 26.08 ? 6   G   A N2    1 
ATOM   128 N  N3    . G   A 1 6  ? -1.039  -9.669  1.600   1.00 25.75 ? 6   G   A N3    1 
ATOM   129 C  C4    . G   A 1 6  ? -1.147  -9.250  0.308   1.00 25.98 ? 6   G   A C4    1 
ATOM   130 P  P     . A   A 1 7  ? -6.751  -8.150  0.700   1.00 32.11 ? 7   A   A P     1 
ATOM   131 O  OP1   . A   A 1 7  ? -8.194  -8.196  1.045   1.00 33.11 ? 7   A   A OP1   1 
ATOM   132 O  OP2   . A   A 1 7  ? -6.240  -7.079  -0.184  1.00 32.37 ? 7   A   A OP2   1 
ATOM   133 O  "O5'" . A   A 1 7  ? -5.887  -8.080  2.045   1.00 31.03 ? 7   A   A "O5'" 1 
ATOM   134 C  "C5'" . A   A 1 7  ? -6.272  -8.830  3.188   1.00 29.40 ? 7   A   A "C5'" 1 
ATOM   135 C  "C4'" . A   A 1 7  ? -5.445  -8.419  4.386   1.00 27.79 ? 7   A   A "C4'" 1 
ATOM   136 O  "O4'" . A   A 1 7  ? -4.036  -8.656  4.124   1.00 27.16 ? 7   A   A "O4'" 1 
ATOM   137 C  "C3'" . A   A 1 7  ? -5.484  -6.945  4.746   1.00 27.28 ? 7   A   A "C3'" 1 
ATOM   138 O  "O3'" . A   A 1 7  ? -6.697  -6.619  5.410   1.00 27.50 ? 7   A   A "O3'" 1 
ATOM   139 C  "C2'" . A   A 1 7  ? -4.251  -6.868  5.640   1.00 26.42 ? 7   A   A "C2'" 1 
ATOM   140 O  "O2'" . A   A 1 7  ? -4.442  -7.459  6.918   1.00 26.10 ? 7   A   A "O2'" 1 
ATOM   141 C  "C1'" . A   A 1 7  ? -3.264  -7.674  4.795   1.00 25.41 ? 7   A   A "C1'" 1 
ATOM   142 N  N9    . A   A 1 7  ? -2.552  -6.847  3.813   1.00 24.36 ? 7   A   A N9    1 
ATOM   143 C  C8    . A   A 1 7  ? -2.798  -6.750  2.469   1.00 24.09 ? 7   A   A C8    1 
ATOM   144 N  N7    . A   A 1 7  ? -1.996  -5.921  1.840   1.00 23.94 ? 7   A   A N7    1 
ATOM   145 C  C5    . A   A 1 7  ? -1.159  -5.447  2.834   1.00 23.54 ? 7   A   A C5    1 
ATOM   146 C  C6    . A   A 1 7  ? -0.082  -4.532  2.823   1.00 24.47 ? 7   A   A C6    1 
ATOM   147 N  N6    . A   A 1 7  ? 0.342   -3.912  1.716   1.00 24.32 ? 7   A   A N6    1 
ATOM   148 N  N1    . A   A 1 7  ? 0.541   -4.270  3.998   1.00 24.14 ? 7   A   A N1    1 
ATOM   149 C  C2    . A   A 1 7  ? 0.118   -4.887  5.113   1.00 24.56 ? 7   A   A C2    1 
ATOM   150 N  N3    . A   A 1 7  ? -0.882  -5.763  5.240   1.00 23.92 ? 7   A   A N3    1 
ATOM   151 C  C4    . A   A 1 7  ? -1.487  -6.006  4.060   1.00 23.52 ? 7   A   A C4    1 
ATOM   152 P  P     . U   A 1 8  ? -7.345  -5.161  5.262   1.00 28.73 ? 8   U   A P     1 
ATOM   153 O  OP1   . U   A 1 8  ? -8.598  -5.166  6.052   1.00 29.06 ? 8   U   A OP1   1 
ATOM   154 O  OP2   . U   A 1 8  ? -7.456  -4.840  3.818   1.00 28.06 ? 8   U   A OP2   1 
ATOM   155 O  "O5'" . U   A 1 8  ? -6.275  -4.196  5.952   1.00 27.14 ? 8   U   A "O5'" 1 
ATOM   156 C  "C5'" . U   A 1 8  ? -6.071  -4.212  7.364   1.00 28.79 ? 8   U   A "C5'" 1 
ATOM   157 C  "C4'" . U   A 1 8  ? -4.793  -3.520  7.802   1.00 29.33 ? 8   U   A "C4'" 1 
ATOM   158 O  "O4'" . U   A 1 8  ? -3.659  -4.015  7.037   1.00 29.23 ? 8   U   A "O4'" 1 
ATOM   159 C  "C3'" . U   A 1 8  ? -4.723  -2.011  7.583   1.00 29.93 ? 8   U   A "C3'" 1 
ATOM   160 O  "O3'" . U   A 1 8  ? -5.427  -1.260  8.561   1.00 30.95 ? 8   U   A "O3'" 1 
ATOM   161 C  "C2'" . U   A 1 8  ? -3.220  -1.799  7.708   1.00 29.05 ? 8   U   A "C2'" 1 
ATOM   162 O  "O2'" . U   A 1 8  ? -2.745  -1.863  9.042   1.00 29.90 ? 8   U   A "O2'" 1 
ATOM   163 C  "C1'" . U   A 1 8  ? -2.716  -2.967  6.867   1.00 27.38 ? 8   U   A "C1'" 1 
ATOM   164 N  N1    . U   A 1 8  ? -2.575  -2.571  5.411   1.00 26.37 ? 8   U   A N1    1 
ATOM   165 C  C2    . U   A 1 8  ? -1.485  -1.794  5.052   1.00 25.22 ? 8   U   A C2    1 
ATOM   166 O  O2    . U   A 1 8  ? -0.634  -1.426  5.844   1.00 26.01 ? 8   U   A O2    1 
ATOM   167 N  N3    . U   A 1 8  ? -1.418  -1.465  3.720   1.00 24.32 ? 8   U   A N3    1 
ATOM   168 C  C4    . U   A 1 8  ? -2.312  -1.823  2.727   1.00 25.37 ? 8   U   A C4    1 
ATOM   169 O  O4    . U   A 1 8  ? -2.111  -1.448  1.578   1.00 25.26 ? 8   U   A O4    1 
ATOM   170 C  C5    . U   A 1 8  ? -3.430  -2.627  3.167   1.00 25.21 ? 8   U   A C5    1 
ATOM   171 C  C6    . U   A 1 8  ? -3.515  -2.959  4.464   1.00 25.43 ? 8   U   A C6    1 
ATOM   172 P  P     . A   A 1 9  ? -5.849  0.255   8.262   1.00 32.59 ? 9   A   A P     1 
ATOM   173 O  OP1   . A   A 1 9  ? -6.901  0.599   9.242   1.00 33.05 ? 9   A   A OP1   1 
ATOM   174 O  OP2   . A   A 1 9  ? -6.138  0.381   6.815   1.00 31.63 ? 9   A   A OP2   1 
ATOM   175 O  "O5'" . A   A 1 9  ? -4.535  1.146   8.509   1.00 31.11 ? 9   A   A "O5'" 1 
ATOM   176 C  "C5'" . A   A 1 9  ? -3.849  1.278   9.749   1.00 30.12 ? 9   A   A "C5'" 1 
ATOM   177 C  "C4'" . A   A 1 9  ? -2.403  1.718   9.535   1.00 27.71 ? 9   A   A "C4'" 1 
ATOM   178 O  "O4'" . A   A 1 9  ? -1.789  0.997   8.427   1.00 27.47 ? 9   A   A "O4'" 1 
ATOM   179 C  "C3'" . A   A 1 9  ? -2.140  3.173   9.153   1.00 26.05 ? 9   A   A "C3'" 1 
ATOM   180 O  "O3'" . A   A 1 9  ? -2.265  4.089   10.241  1.00 23.72 ? 9   A   A "O3'" 1 
ATOM   181 C  "C2'" . A   A 1 9  ? -0.688  3.067   8.695   1.00 26.33 ? 9   A   A "C2'" 1 
ATOM   182 O  "O2'" . A   A 1 9  ? 0.243   2.956   9.756   1.00 28.84 ? 9   A   A "O2'" 1 
ATOM   183 C  "C1'" . A   A 1 9  ? -0.736  1.781   7.880   1.00 25.46 ? 9   A   A "C1'" 1 
ATOM   184 N  N9    . A   A 1 9  ? -1.014  2.047   6.468   1.00 24.54 ? 9   A   A N9    1 
ATOM   185 C  C8    . A   A 1 9  ? -2.099  1.618   5.751   1.00 24.35 ? 9   A   A C8    1 
ATOM   186 N  N7    . A   A 1 9  ? -2.102  2.007   4.498   1.00 24.24 ? 9   A   A N7    1 
ATOM   187 C  C5    . A   A 1 9  ? -0.937  2.747   4.386   1.00 23.97 ? 9   A   A C5    1 
ATOM   188 C  C6    . A   A 1 9  ? -0.360  3.441   3.303   1.00 24.10 ? 9   A   A C6    1 
ATOM   189 N  N6    . A   A 1 9  ? -0.918  3.474   2.096   1.00 24.42 ? 9   A   A N6    1 
ATOM   190 N  N1    . A   A 1 9  ? 0.808   4.087   3.510   1.00 24.35 ? 9   A   A N1    1 
ATOM   191 C  C2    . A   A 1 9  ? 1.360   4.047   4.729   1.00 24.42 ? 9   A   A C2    1 
ATOM   192 N  N3    . A   A 1 9  ? 0.912   3.428   5.823   1.00 23.99 ? 9   A   A N3    1 
ATOM   193 C  C4    . A   A 1 9  ? -0.252  2.788   5.586   1.00 24.50 ? 9   A   A C4    1 
ATOM   194 P  P     . G   A 1 10 ? -2.602  5.634   9.954   1.00 22.78 ? 10  G   A P     1 
ATOM   195 O  OP1   . G   A 1 10 ? -2.632  6.331   11.260  1.00 22.59 ? 10  G   A OP1   1 
ATOM   196 O  OP2   . G   A 1 10 ? -3.798  5.673   9.087   1.00 22.94 ? 10  G   A OP2   1 
ATOM   197 O  "O5'" . G   A 1 10 ? -1.335  6.153   9.114   1.00 22.75 ? 10  G   A "O5'" 1 
ATOM   198 C  "C5'" . G   A 1 10 ? -1.476  7.181   8.126   1.00 20.64 ? 10  G   A "C5'" 1 
ATOM   199 C  "C4'" . G   A 1 10 ? -0.882  6.722   6.803   1.00 19.91 ? 10  G   A "C4'" 1 
ATOM   200 O  "O4'" . G   A 1 10 ? -1.643  5.619   6.254   1.00 18.78 ? 10  G   A "O4'" 1 
ATOM   201 C  "C3'" . G   A 1 10 ? -0.894  7.760   5.692   1.00 19.70 ? 10  G   A "C3'" 1 
ATOM   202 O  "O3'" . G   A 1 10 ? 0.125   7.444   4.749   1.00 21.43 ? 10  G   A "O3'" 1 
ATOM   203 C  "C2'" . G   A 1 10 ? -2.261  7.539   5.059   1.00 18.93 ? 10  G   A "C2'" 1 
ATOM   204 O  "O2'" . G   A 1 10 ? -2.303  8.060   3.744   1.00 18.04 ? 10  G   A "O2'" 1 
ATOM   205 C  "C1'" . G   A 1 10 ? -2.278  6.016   5.049   1.00 17.92 ? 10  G   A "C1'" 1 
ATOM   206 N  N9    . G   A 1 10 ? -3.586  5.361   4.995   1.00 17.87 ? 10  G   A N9    1 
ATOM   207 C  C8    . G   A 1 10 ? -4.364  4.978   6.064   1.00 17.56 ? 10  G   A C8    1 
ATOM   208 N  N7    . G   A 1 10 ? -5.474  4.392   5.712   1.00 16.85 ? 10  G   A N7    1 
ATOM   209 C  C5    . G   A 1 10 ? -5.426  4.380   4.323   1.00 17.78 ? 10  G   A C5    1 
ATOM   210 C  C6    . G   A 1 10 ? -6.357  3.872   3.380   1.00 17.43 ? 10  G   A C6    1 
ATOM   211 O  O6    . G   A 1 10 ? -7.443  3.309   3.598   1.00 17.60 ? 10  G   A O6    1 
ATOM   212 N  N1    . G   A 1 10 ? -5.937  4.069   2.065   1.00 17.15 ? 10  G   A N1    1 
ATOM   213 C  C2    . G   A 1 10 ? -4.747  4.663   1.700   1.00 16.98 ? 10  G   A C2    1 
ATOM   214 N  N2    . G   A 1 10 ? -4.514  4.761   0.383   1.00 17.45 ? 10  G   A N2    1 
ATOM   215 N  N3    . G   A 1 10 ? -3.868  5.143   2.574   1.00 17.10 ? 10  G   A N3    1 
ATOM   216 C  C4    . G   A 1 10 ? -4.266  4.971   3.865   1.00 16.70 ? 10  G   A C4    1 
ATOM   217 P  P     . U   A 1 11 ? 1.556   8.168   4.714   1.00 23.18 ? 11  U   A P     1 
ATOM   218 O  OP1   . U   A 1 11 ? 2.438   7.272   3.936   1.00 23.45 ? 11  U   A OP1   1 
ATOM   219 O  OP2   . U   A 1 11 ? 1.924   8.610   6.070   1.00 23.24 ? 11  U   A OP2   1 
ATOM   220 O  "O5'" . U   A 1 11 ? 1.257   9.480   3.840   1.00 21.37 ? 11  U   A "O5'" 1 
ATOM   221 C  "C5'" . U   A 1 11 ? 0.355   10.502  4.291   1.00 19.17 ? 11  U   A "C5'" 1 
ATOM   222 C  "C4'" . U   A 1 11 ? 0.207   11.557  3.207   1.00 18.06 ? 11  U   A "C4'" 1 
ATOM   223 O  "O4'" . U   A 1 11 ? 1.427   12.342  3.142   1.00 17.36 ? 11  U   A "O4'" 1 
ATOM   224 C  "C3'" . U   A 1 11 ? -0.002  10.989  1.807   1.00 16.36 ? 11  U   A "C3'" 1 
ATOM   225 O  "O3'" . U   A 1 11 ? -0.839  11.846  1.046   1.00 15.57 ? 11  U   A "O3'" 1 
ATOM   226 C  "C2'" . U   A 1 11 ? 1.405   10.967  1.218   1.00 16.73 ? 11  U   A "C2'" 1 
ATOM   227 O  "O2'" . U   A 1 11 ? 1.390   11.068  -0.193  1.00 17.67 ? 11  U   A "O2'" 1 
ATOM   228 C  "C1'" . U   A 1 11 ? 1.973   12.232  1.842   1.00 16.97 ? 11  U   A "C1'" 1 
ATOM   229 N  N1    . U   A 1 11 ? 3.449   12.253  2.016   1.00 15.98 ? 11  U   A N1    1 
ATOM   230 C  C2    . U   A 1 11 ? 4.105   13.431  1.732   1.00 16.81 ? 11  U   A C2    1 
ATOM   231 O  O2    . U   A 1 11 ? 3.534   14.429  1.326   1.00 17.42 ? 11  U   A O2    1 
ATOM   232 N  N3    . U   A 1 11 ? 5.468   13.389  1.941   1.00 16.45 ? 11  U   A N3    1 
ATOM   233 C  C4    . U   A 1 11 ? 6.197   12.300  2.402   1.00 16.82 ? 11  U   A C4    1 
ATOM   234 O  O4    . U   A 1 11 ? 7.410   12.399  2.544   1.00 17.20 ? 11  U   A O4    1 
ATOM   235 C  C5    . U   A 1 11 ? 5.434   11.111  2.689   1.00 16.50 ? 11  U   A C5    1 
ATOM   236 C  C6    . U   A 1 11 ? 4.110   11.130  2.498   1.00 16.23 ? 11  U   A C6    1 
ATOM   237 P  P     . G   A 1 12 ? -2.417  11.562  0.993   1.00 14.53 ? 12  G   A P     1 
ATOM   238 O  OP1   . G   A 1 12 ? -3.013  12.667  0.203   1.00 14.01 ? 12  G   A OP1   1 
ATOM   239 O  OP2   . G   A 1 12 ? -2.851  11.345  2.394   1.00 14.34 ? 12  G   A OP2   1 
ATOM   240 O  "O5'" . G   A 1 12 ? -2.524  10.171  0.231   1.00 14.80 ? 12  G   A "O5'" 1 
ATOM   241 C  "C5'" . G   A 1 12 ? -1.963  9.952   -1.069  1.00 14.89 ? 12  G   A "C5'" 1 
ATOM   242 C  "C4'" . G   A 1 12 ? -3.055  9.597   -2.066  1.00 14.60 ? 12  G   A "C4'" 1 
ATOM   243 O  "O4'" . G   A 1 12 ? -3.824  8.465   -1.573  1.00 15.11 ? 12  G   A "O4'" 1 
ATOM   244 C  "C3'" . G   A 1 12 ? -4.060  10.711  -2.370  1.00 14.18 ? 12  G   A "C3'" 1 
ATOM   245 O  "O3'" . G   A 1 12 ? -4.379  10.728  -3.755  1.00 15.32 ? 12  G   A "O3'" 1 
ATOM   246 C  "C2'" . G   A 1 12 ? -5.275  10.296  -1.545  1.00 13.50 ? 12  G   A "C2'" 1 
ATOM   247 O  "O2'" . G   A 1 12 ? -6.496  10.793  -2.062  1.00 13.33 ? 12  G   A "O2'" 1 
ATOM   248 C  "C1'" . G   A 1 12 ? -5.198  8.777   -1.687  1.00 13.74 ? 12  G   A "C1'" 1 
ATOM   249 N  N9    . G   A 1 12 ? -5.979  8.139   -0.633  1.00 12.98 ? 12  G   A N9    1 
ATOM   250 C  C8    . G   A 1 12 ? -5.749  8.194   0.723   1.00 13.80 ? 12  G   A C8    1 
ATOM   251 N  N7    . G   A 1 12 ? -6.646  7.557   1.425   1.00 13.32 ? 12  G   A N7    1 
ATOM   252 C  C5    . G   A 1 12 ? -7.528  7.051   0.477   1.00 13.04 ? 12  G   A C5    1 
ATOM   253 C  C6    . G   A 1 12 ? -8.702  6.274   0.647   1.00 13.93 ? 12  G   A C6    1 
ATOM   254 O  O6    . G   A 1 12 ? -9.198  5.865   1.711   1.00 14.00 ? 12  G   A O6    1 
ATOM   255 N  N1    . G   A 1 12 ? -9.309  5.979   -0.573  1.00 13.13 ? 12  G   A N1    1 
ATOM   256 C  C2    . G   A 1 12 ? -8.839  6.375   -1.812  1.00 14.17 ? 12  G   A C2    1 
ATOM   257 N  N2    . G   A 1 12 ? -9.561  6.005   -2.882  1.00 13.72 ? 12  G   A N2    1 
ATOM   258 N  N3    . G   A 1 12 ? -7.740  7.110   -1.986  1.00 14.16 ? 12  G   A N3    1 
ATOM   259 C  C4    . G   A 1 12 ? -7.138  7.412   -0.802  1.00 13.33 ? 12  G   A C4    1 
ATOM   260 P  P     . U   A 1 13 ? -3.479  11.562  -4.788  1.00 14.47 ? 13  U   A P     1 
ATOM   261 O  OP1   . U   A 1 13 ? -3.419  10.779  -6.043  1.00 14.77 ? 13  U   A OP1   1 
ATOM   262 O  OP2   . U   A 1 13 ? -2.234  12.000  -4.127  1.00 13.82 ? 13  U   A OP2   1 
ATOM   263 O  "O5'" . U   A 1 13 ? -4.343  12.873  -5.024  1.00 14.31 ? 13  U   A "O5'" 1 
ATOM   264 C  "C5'" . U   A 1 13 ? -5.442  12.847  -5.926  1.00 13.81 ? 13  U   A "C5'" 1 
ATOM   265 C  "C4'" . U   A 1 13 ? -6.170  14.175  -5.883  1.00 14.24 ? 13  U   A "C4'" 1 
ATOM   266 O  "O4'" . U   A 1 13 ? -6.918  14.247  -4.649  1.00 13.77 ? 13  U   A "O4'" 1 
ATOM   267 C  "C3'" . U   A 1 13 ? -5.292  15.427  -5.928  1.00 13.39 ? 13  U   A "C3'" 1 
ATOM   268 O  "O3'" . U   A 1 13 ? -5.900  16.349  -6.817  1.00 13.83 ? 13  U   A "O3'" 1 
ATOM   269 C  "C2'" . U   A 1 13 ? -5.273  15.922  -4.480  1.00 13.55 ? 13  U   A "C2'" 1 
ATOM   270 O  "O2'" . U   A 1 13 ? -5.124  17.321  -4.326  1.00 12.66 ? 13  U   A "O2'" 1 
ATOM   271 C  "C1'" . U   A 1 13 ? -6.650  15.477  -4.002  1.00 13.65 ? 13  U   A "C1'" 1 
ATOM   272 N  N1    . U   A 1 13 ? -6.685  15.259  -2.540  1.00 13.21 ? 13  U   A N1    1 
ATOM   273 C  C2    . U   A 1 13 ? -7.238  16.241  -1.730  1.00 13.57 ? 13  U   A C2    1 
ATOM   274 O  O2    . U   A 1 13 ? -7.730  17.281  -2.150  1.00 13.74 ? 13  U   A O2    1 
ATOM   275 N  N3    . U   A 1 13 ? -7.219  15.947  -0.388  1.00 12.93 ? 13  U   A N3    1 
ATOM   276 C  C4    . U   A 1 13 ? -6.698  14.808  0.204   1.00 12.55 ? 13  U   A C4    1 
ATOM   277 O  O4    . U   A 1 13 ? -6.752  14.693  1.426   1.00 14.46 ? 13  U   A O4    1 
ATOM   278 C  C5    . U   A 1 13 ? -6.135  13.834  -0.701  1.00 13.71 ? 13  U   A C5    1 
ATOM   279 C  C6    . U   A 1 13 ? -6.142  14.095  -2.014  1.00 13.53 ? 13  U   A C6    1 
ATOM   280 P  P     . C   A 1 14 ? -5.037  17.006  -7.985  1.00 15.48 ? 14  C   A P     1 
ATOM   281 O  OP1   . C   A 1 14 ? -5.960  17.861  -8.769  1.00 15.79 ? 14  C   A OP1   1 
ATOM   282 O  OP2   . C   A 1 14 ? -4.249  15.955  -8.681  1.00 15.43 ? 14  C   A OP2   1 
ATOM   283 O  "O5'" . C   A 1 14 ? -4.031  17.930  -7.158  1.00 14.60 ? 14  C   A "O5'" 1 
ATOM   284 C  "C5'" . C   A 1 14 ? -2.922  18.564  -7.797  1.00 14.95 ? 14  C   A "C5'" 1 
ATOM   285 C  "C4'" . C   A 1 14 ? -2.646  19.918  -7.166  1.00 13.73 ? 14  C   A "C4'" 1 
ATOM   286 O  "O4'" . C   A 1 14 ? -3.693  20.852  -7.529  1.00 14.12 ? 14  C   A "O4'" 1 
ATOM   287 C  "C3'" . C   A 1 14 ? -2.662  19.961  -5.645  1.00 13.97 ? 14  C   A "C3'" 1 
ATOM   288 O  "O3'" . C   A 1 14 ? -1.431  19.507  -5.092  1.00 13.71 ? 14  C   A "O3'" 1 
ATOM   289 C  "C2'" . C   A 1 14 ? -2.877  21.452  -5.411  1.00 13.63 ? 14  C   A "C2'" 1 
ATOM   290 O  "O2'" . C   A 1 14 ? -1.722  22.227  -5.674  1.00 14.63 ? 14  C   A "O2'" 1 
ATOM   291 C  "C1'" . C   A 1 14 ? -3.964  21.723  -6.445  1.00 13.70 ? 14  C   A "C1'" 1 
ATOM   292 N  N1    . C   A 1 14 ? -5.342  21.481  -5.868  1.00 12.60 ? 14  C   A N1    1 
ATOM   293 C  C2    . C   A 1 14 ? -5.903  22.448  -5.012  1.00 13.60 ? 14  C   A C2    1 
ATOM   294 O  O2    . C   A 1 14 ? -5.280  23.483  -4.737  1.00 12.91 ? 14  C   A O2    1 
ATOM   295 N  N3    . C   A 1 14 ? -7.139  22.225  -4.482  1.00 13.05 ? 14  C   A N3    1 
ATOM   296 C  C4    . C   A 1 14 ? -7.802  21.100  -4.778  1.00 12.59 ? 14  C   A C4    1 
ATOM   297 N  N4    . C   A 1 14 ? -9.016  20.948  -4.230  1.00 12.61 ? 14  C   A N4    1 
ATOM   298 C  C5    . C   A 1 14 ? -7.253  20.098  -5.641  1.00 13.02 ? 14  C   A C5    1 
ATOM   299 C  C6    . C   A 1 14 ? -6.032  20.326  -6.158  1.00 13.70 ? 14  C   A C6    1 
ATOM   300 P  P     . C   A 1 15 ? -1.420  18.762  -3.675  1.00 14.37 ? 15  C   A P     1 
ATOM   301 O  OP1   . C   A 1 15 ? -0.031  18.285  -3.473  1.00 14.69 ? 15  C   A OP1   1 
ATOM   302 O  OP2   . C   A 1 15 ? -2.517  17.770  -3.637  1.00 14.63 ? 15  C   A OP2   1 
ATOM   303 O  "O5'" . C   A 1 15 ? -1.776  19.913  -2.628  1.00 14.41 ? 15  C   A "O5'" 1 
ATOM   304 C  "C5'" . C   A 1 15 ? -0.843  20.946  -2.350  1.00 14.45 ? 15  C   A "C5'" 1 
ATOM   305 C  "C4'" . C   A 1 15 ? -1.511  22.107  -1.636  1.00 14.01 ? 15  C   A "C4'" 1 
ATOM   306 O  "O4'" . C   A 1 15 ? -2.721  22.536  -2.316  1.00 14.07 ? 15  C   A "O4'" 1 
ATOM   307 C  "C3'" . C   A 1 15 ? -1.965  21.794  -0.217  1.00 14.47 ? 15  C   A "C3'" 1 
ATOM   308 O  "O3'" . C   A 1 15 ? -0.878  21.881  0.703   1.00 14.02 ? 15  C   A "O3'" 1 
ATOM   309 C  "C2'" . C   A 1 15 ? -2.954  22.921  0.016   1.00 14.07 ? 15  C   A "C2'" 1 
ATOM   310 O  "O2'" . C   A 1 15 ? -2.299  24.144  0.297   1.00 15.13 ? 15  C   A "O2'" 1 
ATOM   311 C  "C1'" . C   A 1 15 ? -3.663  22.963  -1.341  1.00 13.50 ? 15  C   A "C1'" 1 
ATOM   312 N  N1    . C   A 1 15 ? -4.907  22.107  -1.338  1.00 12.72 ? 15  C   A N1    1 
ATOM   313 C  C2    . C   A 1 15 ? -6.043  22.589  -0.669  1.00 13.39 ? 15  C   A C2    1 
ATOM   314 O  O2    . C   A 1 15 ? -5.999  23.699  -0.103  1.00 12.64 ? 15  C   A O2    1 
ATOM   315 N  N3    . C   A 1 15 ? -7.166  21.815  -0.651  1.00 12.58 ? 15  C   A N3    1 
ATOM   316 C  C4    . C   A 1 15 ? -7.177  20.623  -1.266  1.00 12.71 ? 15  C   A C4    1 
ATOM   317 N  N4    . C   A 1 15 ? -8.304  19.906  -1.209  1.00 12.64 ? 15  C   A N4    1 
ATOM   318 C  C5    . C   A 1 15 ? -6.027  20.106  -1.955  1.00 12.11 ? 15  C   A C5    1 
ATOM   319 C  C6    . C   A 1 15 ? -4.931  20.882  -1.965  1.00 12.70 ? 15  C   A C6    1 
ATOM   320 P  P     . U   A 1 16 ? -0.770  20.893  1.955   1.00 14.91 ? 16  U   A P     1 
ATOM   321 O  OP1   . U   A 1 16 ? 0.456   21.271  2.704   1.00 14.71 ? 16  U   A OP1   1 
ATOM   322 O  OP2   . U   A 1 16 ? -0.945  19.491  1.497   1.00 13.53 ? 16  U   A OP2   1 
ATOM   323 O  "O5'" . U   A 1 16 ? -2.055  21.282  2.828   1.00 14.05 ? 16  U   A "O5'" 1 
ATOM   324 C  "C5'" . U   A 1 16 ? -2.105  22.544  3.514   1.00 14.23 ? 16  U   A "C5'" 1 
ATOM   325 C  "C4'" . U   A 1 16 ? -3.396  22.691  4.290   1.00 14.95 ? 16  U   A "C4'" 1 
ATOM   326 O  "O4'" . U   A 1 16 ? -4.499  22.778  3.350   1.00 13.93 ? 16  U   A "O4'" 1 
ATOM   327 C  "C3'" . U   A 1 16 ? -3.777  21.527  5.189   1.00 15.48 ? 16  U   A "C3'" 1 
ATOM   328 O  "O3'" . U   A 1 16 ? -3.057  21.530  6.427   1.00 17.16 ? 16  U   A "O3'" 1 
ATOM   329 C  "C2'" . U   A 1 16 ? -5.259  21.837  5.386   1.00 14.38 ? 16  U   A "C2'" 1 
ATOM   330 O  "O2'" . U   A 1 16 ? -5.492  22.868  6.341   1.00 15.53 ? 16  U   A "O2'" 1 
ATOM   331 C  "C1'" . U   A 1 16 ? -5.661  22.277  3.973   1.00 14.17 ? 16  U   A "C1'" 1 
ATOM   332 N  N1    . U   A 1 16 ? -6.228  21.119  3.199   1.00 13.56 ? 16  U   A N1    1 
ATOM   333 C  C2    . U   A 1 16 ? -7.538  20.764  3.485   1.00 14.50 ? 16  U   A C2    1 
ATOM   334 O  O2    . U   A 1 16 ? -8.231  21.369  4.283   1.00 13.68 ? 16  U   A O2    1 
ATOM   335 N  N3    . U   A 1 16 ? -8.020  19.687  2.780   1.00 12.71 ? 16  U   A N3    1 
ATOM   336 C  C4    . U   A 1 16 ? -7.322  18.933  1.854   1.00 14.55 ? 16  U   A C4    1 
ATOM   337 O  O4    . U   A 1 16 ? -7.894  17.990  1.313   1.00 13.77 ? 16  U   A O4    1 
ATOM   338 C  C5    . U   A 1 16 ? -5.955  19.348  1.612   1.00 13.37 ? 16  U   A C5    1 
ATOM   339 C  C6    . U   A 1 16 ? -5.461  20.400  2.288   1.00 13.70 ? 16  U   A C6    1 
ATOM   340 P  P     . U   A 1 17 ? -2.966  20.232  7.360   1.00 19.04 ? 17  U   A P     1 
ATOM   341 O  OP1   . U   A 1 17 ? -1.858  20.475  8.326   1.00 20.23 ? 17  U   A OP1   1 
ATOM   342 O  OP2   . U   A 1 17 ? -2.934  18.997  6.548   1.00 18.42 ? 17  U   A OP2   1 
ATOM   343 O  "O5'" . U   A 1 17 ? -4.359  20.232  8.150   1.00 20.05 ? 17  U   A "O5'" 1 
ATOM   344 C  "C5'" . U   A 1 17 ? -4.618  21.055  9.295   1.00 20.58 ? 17  U   A "C5'" 1 
ATOM   345 C  "C4'" . U   A 1 17 ? -5.918  20.648  9.976   1.00 21.05 ? 17  U   A "C4'" 1 
ATOM   346 O  "O4'" . U   A 1 17 ? -7.043  20.876  9.086   1.00 20.52 ? 17  U   A "O4'" 1 
ATOM   347 C  "C3'" . U   A 1 17 ? -6.047  19.178  10.352  1.00 21.88 ? 17  U   A "C3'" 1 
ATOM   348 O  "O3'" . U   A 1 17 ? -5.429  18.879  11.603  1.00 24.02 ? 17  U   A "O3'" 1 
ATOM   349 C  "C2'" . U   A 1 17 ? -7.557  18.995  10.431  1.00 20.80 ? 17  U   A "C2'" 1 
ATOM   350 O  "O2'" . U   A 1 17 ? -8.118  19.484  11.638  1.00 23.01 ? 17  U   A "O2'" 1 
ATOM   351 C  "C1'" . U   A 1 17 ? -8.016  19.852  9.261   1.00 18.94 ? 17  U   A "C1'" 1 
ATOM   352 N  N1    . U   A 1 17 ? -8.193  19.066  7.984   1.00 17.92 ? 17  U   A N1    1 
ATOM   353 C  C2    . U   A 1 17 ? -9.353  18.327  7.801   1.00 17.60 ? 17  U   A C2    1 
ATOM   354 O  O2    . U   A 1 17 ? -10.278 18.269  8.609   1.00 16.78 ? 17  U   A O2    1 
ATOM   355 N  N3    . U   A 1 17 ? -9.414  17.656  6.600   1.00 16.16 ? 17  U   A N3    1 
ATOM   356 C  C4    . U   A 1 17 ? -8.456  17.641  5.598   1.00 16.96 ? 17  U   A C4    1 
ATOM   357 O  O4    . U   A 1 17 ? -8.661  16.991  4.582   1.00 15.91 ? 17  U   A O4    1 
ATOM   358 C  C5    . U   A 1 17 ? -7.269  18.418  5.865   1.00 16.40 ? 17  U   A C5    1 
ATOM   359 C  C6    . U   A 1 17 ? -7.188  19.092  7.023   1.00 16.92 ? 17  U   A C6    1 
ATOM   360 P  P     . G   A 1 18 ? -4.642  17.504  11.802  1.00 25.84 ? 18  G   A P     1 
ATOM   361 O  OP1   . G   A 1 18 ? -4.162  17.459  13.204  1.00 26.70 ? 18  G   A OP1   1 
ATOM   362 O  OP2   . G   A 1 18 ? -3.652  17.391  10.706  1.00 25.86 ? 18  G   A OP2   1 
ATOM   363 O  "O5'" . G   A 1 18 ? -5.746  16.361  11.583  1.00 25.28 ? 18  G   A "O5'" 1 
ATOM   364 C  "C5'" . G   A 1 18 ? -6.837  16.199  12.495  1.00 25.40 ? 18  G   A "C5'" 1 
ATOM   365 C  "C4'" . G   A 1 18 ? -7.865  15.229  11.935  1.00 24.52 ? 18  G   A "C4'" 1 
ATOM   366 O  "O4'" . G   A 1 18 ? -8.208  15.593  10.558  1.00 22.04 ? 18  G   A "O4'" 1 
ATOM   367 C  "C3'" . G   A 1 18 ? -7.396  13.773  11.924  1.00 25.18 ? 18  G   A "C3'" 1 
ATOM   368 O  "O3'" . G   A 1 18 ? -8.404  12.882  12.432  1.00 28.72 ? 18  G   A "O3'" 1 
ATOM   369 C  "C2'" . G   A 1 18 ? -7.175  13.554  10.435  1.00 23.34 ? 18  G   A "C2'" 1 
ATOM   370 O  "O2'" . G   A 1 18 ? -7.235  12.192  10.052  1.00 24.00 ? 18  G   A "O2'" 1 
ATOM   371 C  "C1'" . G   A 1 18 ? -8.315  14.384  9.843   1.00 19.08 ? 18  G   A "C1'" 1 
ATOM   372 N  N9    . G   A 1 18 ? -8.113  14.495  8.401   1.00 17.43 ? 18  G   A N9    1 
ATOM   373 C  C8    . G   A 1 18 ? -7.042  15.071  7.749   1.00 16.84 ? 18  G   A C8    1 
ATOM   374 N  N7    . G   A 1 18 ? -7.100  14.960  6.451   1.00 16.41 ? 18  G   A N7    1 
ATOM   375 C  C5    . G   A 1 18 ? -8.276  14.258  6.225   1.00 16.54 ? 18  G   A C5    1 
ATOM   376 C  C6    . G   A 1 18 ? -8.863  13.844  5.005   1.00 17.00 ? 18  G   A C6    1 
ATOM   377 O  O6    . G   A 1 18 ? -8.428  14.037  3.860   1.00 16.13 ? 18  G   A O6    1 
ATOM   378 N  N1    . G   A 1 18 ? -10.056 13.145  5.199   1.00 15.94 ? 18  G   A N1    1 
ATOM   379 C  C2    . G   A 1 18 ? -10.613 12.884  6.432   1.00 16.86 ? 18  G   A C2    1 
ATOM   380 N  N2    . G   A 1 18 ? -11.769 12.205  6.432   1.00 16.36 ? 18  G   A N2    1 
ATOM   381 N  N3    . G   A 1 18 ? -10.074 13.274  7.590   1.00 16.07 ? 18  G   A N3    1 
ATOM   382 C  C4    . G   A 1 18 ? -8.906  13.946  7.414   1.00 16.99 ? 18  G   A C4    1 
ATOM   383 P  P     . G   A 1 19 ? -8.030  11.545  13.237  1.00 31.14 ? 19  G   A P     1 
ATOM   384 O  OP1   . G   A 1 19 ? -9.311  10.983  13.729  1.00 31.02 ? 19  G   A OP1   1 
ATOM   385 O  OP2   . G   A 1 19 ? -6.939  11.857  14.184  1.00 30.84 ? 19  G   A OP2   1 
ATOM   386 O  "O5'" . G   A 1 19 ? -7.440  10.559  12.121  1.00 27.46 ? 19  G   A "O5'" 1 
ATOM   387 C  "C5'" . G   A 1 19 ? -7.252  9.181   12.383  1.00 24.38 ? 19  G   A "C5'" 1 
ATOM   388 C  "C4'" . G   A 1 19 ? -7.959  8.312   11.353  1.00 21.84 ? 19  G   A "C4'" 1 
ATOM   389 O  "O4'" . G   A 1 19 ? -7.612  8.711   9.999   1.00 19.04 ? 19  G   A "O4'" 1 
ATOM   390 C  "C3'" . G   A 1 19 ? -7.606  6.832   11.415  1.00 21.00 ? 19  G   A "C3'" 1 
ATOM   391 O  "O3'" . G   A 1 19 ? -8.728  6.062   10.973  1.00 22.73 ? 19  G   A "O3'" 1 
ATOM   392 C  "C2'" . G   A 1 19 ? -6.472  6.725   10.396  1.00 19.59 ? 19  G   A "C2'" 1 
ATOM   393 O  "O2'" . G   A 1 19 ? -6.297  5.401   9.937   1.00 19.55 ? 19  G   A "O2'" 1 
ATOM   394 C  "C1'" . G   A 1 19 ? -7.113  7.574   9.312   1.00 17.00 ? 19  G   A "C1'" 1 
ATOM   395 N  N9    . G   A 1 19 ? -6.317  8.091   8.196   1.00 16.08 ? 19  G   A N9    1 
ATOM   396 C  C8    . G   A 1 19 ? -5.245  8.956   8.240   1.00 16.75 ? 19  G   A C8    1 
ATOM   397 N  N7    . G   A 1 19 ? -4.785  9.268   7.055   1.00 16.61 ? 19  G   A N7    1 
ATOM   398 C  C5    . G   A 1 19 ? -5.615  8.579   6.172   1.00 16.31 ? 19  G   A C5    1 
ATOM   399 C  C6    . G   A 1 19 ? -5.622  8.523   4.751   1.00 16.48 ? 19  G   A C6    1 
ATOM   400 O  O6    . G   A 1 19 ? -4.859  9.098   3.965   1.00 15.87 ? 19  G   A O6    1 
ATOM   401 N  N1    . G   A 1 19 ? -6.634  7.696   4.253   1.00 15.50 ? 19  G   A N1    1 
ATOM   402 C  C2    . G   A 1 19 ? -7.545  7.016   5.037   1.00 16.31 ? 19  G   A C2    1 
ATOM   403 N  N2    . G   A 1 19 ? -8.460  6.261   4.400   1.00 15.78 ? 19  G   A N2    1 
ATOM   404 N  N3    . G   A 1 19 ? -7.546  7.064   6.364   1.00 15.52 ? 19  G   A N3    1 
ATOM   405 C  C4    . G   A 1 19 ? -6.568  7.860   6.866   1.00 15.76 ? 19  G   A C4    1 
ATOM   406 P  P     . G   A 1 20 ? -9.828  5.456   11.973  1.00 24.07 ? 20  G   A P     1 
ATOM   407 O  OP1   . G   A 1 20 ? -9.362  5.677   13.365  1.00 24.81 ? 20  G   A OP1   1 
ATOM   408 O  OP2   . G   A 1 20 ? -10.114 4.082   11.508  1.00 23.68 ? 20  G   A OP2   1 
ATOM   409 O  "O5'" . G   A 1 20 ? -11.117 6.362   11.730  1.00 23.69 ? 20  G   A "O5'" 1 
ATOM   410 C  "C5'" . G   A 1 20 ? -11.693 6.435   10.433  1.00 21.63 ? 20  G   A "C5'" 1 
ATOM   411 C  "C4'" . G   A 1 20 ? -11.542 7.859   9.960   1.00 20.21 ? 20  G   A "C4'" 1 
ATOM   412 O  "O4'" . G   A 1 20 ? -10.515 7.953   8.940   1.00 18.59 ? 20  G   A "O4'" 1 
ATOM   413 C  "C3'" . G   A 1 20 ? -12.764 8.473   9.294   1.00 19.25 ? 20  G   A "C3'" 1 
ATOM   414 O  "O3'" . G   A 1 20 ? -13.692 8.980   10.281  1.00 20.27 ? 20  G   A "O3'" 1 
ATOM   415 C  "C2'" . G   A 1 20 ? -12.108 9.583   8.461   1.00 18.04 ? 20  G   A "C2'" 1 
ATOM   416 O  "O2'" . G   A 1 20 ? -12.403 10.889  8.915   1.00 18.60 ? 20  G   A "O2'" 1 
ATOM   417 C  "C1'" . G   A 1 20 ? -10.602 9.300   8.584   1.00 16.64 ? 20  G   A "C1'" 1 
ATOM   418 N  N9    . G   A 1 20 ? -9.854  9.641   7.370   1.00 15.98 ? 20  G   A N9    1 
ATOM   419 C  C8    . G   A 1 20 ? -8.721  10.422  7.359   1.00 15.96 ? 20  G   A C8    1 
ATOM   420 N  N7    . G   A 1 20 ? -8.247  10.631  6.164   1.00 15.27 ? 20  G   A N7    1 
ATOM   421 C  C5    . G   A 1 20 ? -9.115  9.941   5.326   1.00 15.26 ? 20  G   A C5    1 
ATOM   422 C  C6    . G   A 1 20 ? -9.094  9.808   3.915   1.00 15.84 ? 20  G   A C6    1 
ATOM   423 O  O6    . G   A 1 20 ? -8.278  10.296  3.123   1.00 15.67 ? 20  G   A O6    1 
ATOM   424 N  N1    . G   A 1 20 ? -10.152 9.028   3.437   1.00 15.57 ? 20  G   A N1    1 
ATOM   425 C  C2    . G   A 1 20 ? -11.112 8.440   4.236   1.00 16.04 ? 20  G   A C2    1 
ATOM   426 N  N2    . G   A 1 20 ? -12.065 7.718   3.615   1.00 15.76 ? 20  G   A N2    1 
ATOM   427 N  N3    . G   A 1 20 ? -11.136 8.556   5.560   1.00 14.77 ? 20  G   A N3    1 
ATOM   428 C  C4    . G   A 1 20 ? -10.120 9.324   6.048   1.00 15.81 ? 20  G   A C4    1 
ATOM   429 P  P     . A   A 1 21 ? -15.205 9.356   9.882   1.00 20.75 ? 21  A   A P     1 
ATOM   430 O  OP1   . A   A 1 21 ? -15.196 10.163  8.643   1.00 20.83 ? 21  A   A OP1   1 
ATOM   431 O  OP2   . A   A 1 21 ? -15.892 9.903   11.072  1.00 21.93 ? 21  A   A OP2   1 
ATOM   432 O  "O5'" . A   A 1 21 ? -15.804 7.915   9.551   1.00 19.73 ? 21  A   A "O5'" 1 
ATOM   433 C  "C5'" . A   A 1 21 ? -16.092 6.961   10.564  1.00 19.58 ? 21  A   A "C5'" 1 
ATOM   434 C  "C4'" . A   A 1 21 ? -17.043 5.914   10.017  1.00 19.40 ? 21  A   A "C4'" 1 
ATOM   435 O  "O4'" . A   A 1 21 ? -18.295 6.564   9.668   1.00 18.25 ? 21  A   A "O4'" 1 
ATOM   436 C  "C3'" . A   A 1 21 ? -16.611 5.228   8.729   1.00 19.56 ? 21  A   A "C3'" 1 
ATOM   437 O  "O3'" . A   A 1 21 ? -15.699 4.158   8.971   1.00 21.20 ? 21  A   A "O3'" 1 
ATOM   438 C  "C2'" . A   A 1 21 ? -17.975 4.747   8.234   1.00 18.53 ? 21  A   A "C2'" 1 
ATOM   439 O  "O2'" . A   A 1 21 ? -18.450 3.642   8.973   1.00 19.13 ? 21  A   A "O2'" 1 
ATOM   440 C  "C1'" . A   A 1 21 ? -18.831 5.981   8.492   1.00 17.48 ? 21  A   A "C1'" 1 
ATOM   441 N  N9    . A   A 1 21 ? -18.753 6.933   7.382   1.00 17.11 ? 21  A   A N9    1 
ATOM   442 C  C8    . A   A 1 21 ? -18.023 8.089   7.329   1.00 17.38 ? 21  A   A C8    1 
ATOM   443 N  N7    . A   A 1 21 ? -18.124 8.743   6.197   1.00 17.41 ? 21  A   A N7    1 
ATOM   444 C  C5    . A   A 1 21 ? -18.981 7.953   5.442   1.00 17.18 ? 21  A   A C5    1 
ATOM   445 C  C6    . A   A 1 21 ? -19.493 8.095   4.135   1.00 16.81 ? 21  A   A C6    1 
ATOM   446 N  N6    . A   A 1 21 ? -19.192 9.127   3.333   1.00 16.18 ? 21  A   A N6    1 
ATOM   447 N  N1    . A   A 1 21 ? -20.329 7.130   3.685   1.00 16.49 ? 21  A   A N1    1 
ATOM   448 C  C2    . A   A 1 21 ? -20.630 6.098   4.489   1.00 16.62 ? 21  A   A C2    1 
ATOM   449 N  N3    . A   A 1 21 ? -20.203 5.856   5.734   1.00 16.78 ? 21  A   A N3    1 
ATOM   450 C  C4    . A   A 1 21 ? -19.377 6.833   6.158   1.00 17.43 ? 21  A   A C4    1 
ATOM   451 P  P     . A   A 1 22 ? -14.753 3.580   7.803   1.00 23.57 ? 22  A   A P     1 
ATOM   452 O  OP1   . A   A 1 22 ? -13.675 2.799   8.449   1.00 24.35 ? 22  A   A OP1   1 
ATOM   453 O  OP2   . A   A 1 22 ? -14.414 4.681   6.864   1.00 23.59 ? 22  A   A OP2   1 
ATOM   454 O  "O5'" . A   A 1 22 ? -15.699 2.584   6.989   1.00 23.67 ? 22  A   A "O5'" 1 
ATOM   455 C  "C5'" . A   A 1 22 ? -16.413 1.515   7.610   1.00 24.47 ? 22  A   A "C5'" 1 
ATOM   456 C  "C4'" . A   A 1 22 ? -17.559 1.081   6.714   1.00 25.05 ? 22  A   A "C4'" 1 
ATOM   457 O  "O4'" . A   A 1 22 ? -18.418 2.205   6.374   1.00 25.42 ? 22  A   A "O4'" 1 
ATOM   458 C  "C3'" . A   A 1 22 ? -17.117 0.538   5.364   1.00 25.23 ? 22  A   A "C3'" 1 
ATOM   459 O  "O3'" . A   A 1 22 ? -16.792 -0.837  5.490   1.00 25.31 ? 22  A   A "O3'" 1 
ATOM   460 C  "C2'" . A   A 1 22 ? -18.362 0.773   4.517   1.00 26.20 ? 22  A   A "C2'" 1 
ATOM   461 O  "O2'" . A   A 1 22 ? -19.383 -0.161  4.813   1.00 27.52 ? 22  A   A "O2'" 1 
ATOM   462 C  "C1'" . A   A 1 22 ? -18.791 2.157   5.002   1.00 25.21 ? 22  A   A "C1'" 1 
ATOM   463 N  N9    . A   A 1 22 ? -18.234 3.316   4.278   1.00 25.15 ? 22  A   A N9    1 
ATOM   464 C  C8    . A   A 1 22 ? -17.188 4.105   4.677   1.00 25.16 ? 22  A   A C8    1 
ATOM   465 N  N7    . A   A 1 22 ? -16.902 5.086   3.851   1.00 25.15 ? 22  A   A N7    1 
ATOM   466 C  C5    . A   A 1 22 ? -17.827 4.949   2.828   1.00 25.00 ? 22  A   A C5    1 
ATOM   467 C  C6    . A   A 1 22 ? -18.058 5.684   1.629   1.00 25.07 ? 22  A   A C6    1 
ATOM   468 N  N6    . A   A 1 22 ? -17.344 6.754   1.250   1.00 25.22 ? 22  A   A N6    1 
ATOM   469 N  N1    . A   A 1 22 ? -19.067 5.279   0.821   1.00 24.73 ? 22  A   A N1    1 
ATOM   470 C  C2    . A   A 1 22 ? -19.792 4.213   1.193   1.00 25.06 ? 22  A   A C2    1 
ATOM   471 N  N3    . A   A 1 22 ? -19.661 3.453   2.285   1.00 25.66 ? 22  A   A N3    1 
ATOM   472 C  C4    . A   A 1 22 ? -18.653 3.864   3.074   1.00 25.23 ? 22  A   A C4    1 
ATOM   473 P  P     . A   A 1 23 ? -15.529 -1.440  4.707   1.00 24.62 ? 23  A   A P     1 
ATOM   474 O  OP1   . A   A 1 23 ? -15.441 -2.881  5.029   1.00 24.92 ? 23  A   A OP1   1 
ATOM   475 O  OP2   . A   A 1 23 ? -14.364 -0.582  4.999   1.00 24.56 ? 23  A   A OP2   1 
ATOM   476 O  "O5'" . A   A 1 23 ? -15.899 -1.266  3.172   1.00 23.88 ? 23  A   A "O5'" 1 
ATOM   477 C  "C5'" . A   A 1 23 ? -16.864 -2.090  2.526   1.00 23.34 ? 23  A   A "C5'" 1 
ATOM   478 C  "C4'" . A   A 1 23 ? -17.243 -1.459  1.205   1.00 22.66 ? 23  A   A "C4'" 1 
ATOM   479 O  "O4'" . A   A 1 23 ? -17.758 -0.122  1.439   1.00 22.21 ? 23  A   A "O4'" 1 
ATOM   480 C  "C3'" . A   A 1 23 ? -16.070 -1.212  0.269   1.00 22.69 ? 23  A   A "C3'" 1 
ATOM   481 O  "O3'" . A   A 1 23 ? -15.696 -2.384  -0.421  1.00 23.75 ? 23  A   A "O3'" 1 
ATOM   482 C  "C2'" . A   A 1 23 ? -16.636 -0.136  -0.654  1.00 21.60 ? 23  A   A "C2'" 1 
ATOM   483 O  "O2'" . A   A 1 23 ? -17.536 -0.626  -1.637  1.00 22.27 ? 23  A   A "O2'" 1 
ATOM   484 C  "C1'" . A   A 1 23 ? -17.333 0.735   0.385   1.00 19.97 ? 23  A   A "C1'" 1 
ATOM   485 N  N9    . A   A 1 23 ? -16.439 1.759   0.936   1.00 18.65 ? 23  A   A N9    1 
ATOM   486 C  C8    . A   A 1 23 ? -15.827 1.765   2.159   1.00 18.51 ? 23  A   A C8    1 
ATOM   487 N  N7    . A   A 1 23 ? -15.090 2.826   2.387   1.00 18.09 ? 23  A   A N7    1 
ATOM   488 C  C5    . A   A 1 23 ? -15.216 3.567   1.228   1.00 17.37 ? 23  A   A C5    1 
ATOM   489 C  C6    . A   A 1 23 ? -14.670 4.811   0.834   1.00 17.97 ? 23  A   A C6    1 
ATOM   490 N  N6    . A   A 1 23 ? -13.854 5.527   1.615   1.00 18.04 ? 23  A   A N6    1 
ATOM   491 N  N1    . A   A 1 23 ? -14.996 5.277   -0.390  1.00 17.75 ? 23  A   A N1    1 
ATOM   492 C  C2    . A   A 1 23 ? -15.816 4.550   -1.172  1.00 18.66 ? 23  A   A C2    1 
ATOM   493 N  N3    . A   A 1 23 ? -16.389 3.372   -0.907  1.00 17.50 ? 23  A   A N3    1 
ATOM   494 C  C4    . A   A 1 23 ? -16.050 2.933   0.322   1.00 18.08 ? 23  A   A C4    1 
ATOM   495 P  P     . C   A 1 24 ? -14.157 -2.633  -0.781  1.00 24.23 ? 24  C   A P     1 
ATOM   496 O  OP1   . C   A 1 24 ? -14.112 -3.864  -1.599  1.00 25.53 ? 24  C   A OP1   1 
ATOM   497 O  OP2   . C   A 1 24 ? -13.342 -2.506  0.446   1.00 24.14 ? 24  C   A OP2   1 
ATOM   498 O  "O5'" . C   A 1 24 ? -13.787 -1.383  -1.720  1.00 22.95 ? 24  C   A "O5'" 1 
ATOM   499 C  "C5'" . C   A 1 24 ? -14.270 -1.312  -3.053  1.00 21.19 ? 24  C   A "C5'" 1 
ATOM   500 C  "C4'" . C   A 1 24 ? -13.843 -0.008  -3.692  1.00 19.85 ? 24  C   A "C4'" 1 
ATOM   501 O  "O4'" . C   A 1 24 ? -14.238 1.112   -2.858  1.00 19.04 ? 24  C   A "O4'" 1 
ATOM   502 C  "C3'" . C   A 1 24 ? -12.341 0.177   -3.811  1.00 19.27 ? 24  C   A "C3'" 1 
ATOM   503 O  "O3'" . C   A 1 24 ? -11.834 -0.555  -4.905  1.00 21.25 ? 24  C   A "O3'" 1 
ATOM   504 C  "C2'" . C   A 1 24 ? -12.255 1.683   -4.036  1.00 18.57 ? 24  C   A "C2'" 1 
ATOM   505 O  "O2'" . C   A 1 24 ? -12.625 2.112   -5.337  1.00 18.25 ? 24  C   A "O2'" 1 
ATOM   506 C  "C1'" . C   A 1 24 ? -13.296 2.160   -3.024  1.00 17.86 ? 24  C   A "C1'" 1 
ATOM   507 N  N1    . C   A 1 24 ? -12.688 2.541   -1.708  1.00 16.42 ? 24  C   A N1    1 
ATOM   508 C  C2    . C   A 1 24 ? -11.990 3.759   -1.613  1.00 15.32 ? 24  C   A C2    1 
ATOM   509 O  O2    . C   A 1 24 ? -11.890 4.481   -2.621  1.00 14.67 ? 24  C   A O2    1 
ATOM   510 N  N3    . C   A 1 24 ? -11.442 4.103   -0.420  1.00 15.61 ? 24  C   A N3    1 
ATOM   511 C  C4    . C   A 1 24 ? -11.571 3.292   0.643   1.00 16.56 ? 24  C   A C4    1 
ATOM   512 N  N4    . C   A 1 24 ? -11.020 3.668   1.795   1.00 15.43 ? 24  C   A N4    1 
ATOM   513 C  C5    . C   A 1 24 ? -12.277 2.052   0.566   1.00 15.88 ? 24  C   A C5    1 
ATOM   514 C  C6    . C   A 1 24 ? -12.812 1.725   -0.614  1.00 16.26 ? 24  C   A C6    1 
ATOM   515 P  P     . C   A 1 25 ? -10.423 -1.294  -4.782  1.00 22.43 ? 25  C   A P     1 
ATOM   516 O  OP1   . C   A 1 25 ? -10.291 -2.097  -6.018  1.00 23.04 ? 25  C   A OP1   1 
ATOM   517 O  OP2   . C   A 1 25 ? -10.278 -1.931  -3.455  1.00 22.15 ? 25  C   A OP2   1 
ATOM   518 O  "O5'" . C   A 1 25 ? -9.380  -0.083  -4.802  1.00 21.83 ? 25  C   A "O5'" 1 
ATOM   519 C  "C5'" . C   A 1 25 ? -9.178  0.706   -5.970  1.00 21.03 ? 25  C   A "C5'" 1 
ATOM   520 C  "C4'" . C   A 1 25 ? -8.261  1.873   -5.652  1.00 20.07 ? 25  C   A "C4'" 1 
ATOM   521 O  "O4'" . C   A 1 25 ? -8.842  2.660   -4.583  1.00 18.52 ? 25  C   A "O4'" 1 
ATOM   522 C  "C3'" . C   A 1 25 ? -6.887  1.485   -5.117  1.00 20.09 ? 25  C   A "C3'" 1 
ATOM   523 O  "O3'" . C   A 1 25 ? -5.968  1.201   -6.167  1.00 22.36 ? 25  C   A "O3'" 1 
ATOM   524 C  "C2'" . C   A 1 25 ? -6.481  2.741   -4.359  1.00 18.73 ? 25  C   A "C2'" 1 
ATOM   525 O  "O2'" . C   A 1 25 ? -6.032  3.762   -5.235  1.00 19.47 ? 25  C   A "O2'" 1 
ATOM   526 C  "C1'" . C   A 1 25 ? -7.813  3.140   -3.729  1.00 18.29 ? 25  C   A "C1'" 1 
ATOM   527 N  N1    . C   A 1 25 ? -8.037  2.663   -2.314  1.00 17.01 ? 25  C   A N1    1 
ATOM   528 C  C2    . C   A 1 25 ? -7.362  3.279   -1.248  1.00 17.16 ? 25  C   A C2    1 
ATOM   529 O  O2    . C   A 1 25 ? -6.560  4.198   -1.479  1.00 16.79 ? 25  C   A O2    1 
ATOM   530 N  N3    . C   A 1 25 ? -7.592  2.841   0.020   1.00 16.25 ? 25  C   A N3    1 
ATOM   531 C  C4    . C   A 1 25 ? -8.458  1.843   0.246   1.00 17.42 ? 25  C   A C4    1 
ATOM   532 N  N4    . C   A 1 25 ? -8.657  1.449   1.511   1.00 17.24 ? 25  C   A N4    1 
ATOM   533 C  C5    . C   A 1 25 ? -9.155  1.203   -0.820  1.00 16.74 ? 25  C   A C5    1 
ATOM   534 C  C6    . C   A 1 25 ? -8.919  1.644   -2.065  1.00 17.78 ? 25  C   A C6    1 
ATOM   535 P  P     . G   A 1 26 ? -4.852  0.067   -5.954  1.00 24.79 ? 26  G   A P     1 
ATOM   536 O  OP1   . G   A 1 26 ? -3.992  0.086   -7.159  1.00 25.01 ? 26  G   A OP1   1 
ATOM   537 O  OP2   . G   A 1 26 ? -5.534  -1.183  -5.558  1.00 24.34 ? 26  G   A OP2   1 
ATOM   538 O  "O5'" . G   A 1 26 ? -3.994  0.532   -4.689  1.00 23.93 ? 26  G   A "O5'" 1 
ATOM   539 C  "C5'" . G   A 1 26 ? -3.117  1.663   -4.754  1.00 23.32 ? 26  G   A "C5'" 1 
ATOM   540 C  "C4'" . G   A 1 26 ? -2.546  1.976   -3.381  1.00 23.20 ? 26  G   A "C4'" 1 
ATOM   541 O  "O4'" . G   A 1 26 ? -3.605  2.411   -2.488  1.00 21.76 ? 26  G   A "O4'" 1 
ATOM   542 C  "C3'" . G   A 1 26 ? -1.904  0.803   -2.648  1.00 23.04 ? 26  G   A "C3'" 1 
ATOM   543 O  "O3'" . G   A 1 26 ? -0.573  0.582   -3.104  1.00 24.48 ? 26  G   A "O3'" 1 
ATOM   544 C  "C2'" . G   A 1 26 ? -1.982  1.273   -1.198  1.00 22.46 ? 26  G   A "C2'" 1 
ATOM   545 O  "O2'" . G   A 1 26 ? -1.008  2.240   -0.847  1.00 21.97 ? 26  G   A "O2'" 1 
ATOM   546 C  "C1'" . G   A 1 26 ? -3.377  1.900   -1.186  1.00 21.37 ? 26  G   A "C1'" 1 
ATOM   547 N  N9    . G   A 1 26 ? -4.426  0.939   -0.841  1.00 20.65 ? 26  G   A N9    1 
ATOM   548 C  C8    . G   A 1 26 ? -5.173  0.175   -1.706  1.00 21.08 ? 26  G   A C8    1 
ATOM   549 N  N7    . G   A 1 26 ? -6.036  -0.598  -1.111  1.00 20.72 ? 26  G   A N7    1 
ATOM   550 C  C5    . G   A 1 26 ? -5.840  -0.337  0.235   1.00 20.80 ? 26  G   A C5    1 
ATOM   551 C  C6    . G   A 1 26 ? -6.492  -0.880  1.366   1.00 20.61 ? 26  G   A C6    1 
ATOM   552 O  O6    . G   A 1 26 ? -7.385  -1.731  1.368   1.00 21.13 ? 26  G   A O6    1 
ATOM   553 N  N1    . G   A 1 26 ? -6.018  -0.351  2.566   1.00 20.91 ? 26  G   A N1    1 
ATOM   554 C  C2    . G   A 1 26 ? -5.020  0.592   2.659   1.00 20.72 ? 26  G   A C2    1 
ATOM   555 N  N2    . G   A 1 26 ? -4.688  0.985   3.893   1.00 20.66 ? 26  G   A N2    1 
ATOM   556 N  N3    . G   A 1 26 ? -4.398  1.111   1.600   1.00 20.72 ? 26  G   A N3    1 
ATOM   557 C  C4    . G   A 1 26 ? -4.856  0.606   0.426   1.00 20.03 ? 26  G   A C4    1 
ATOM   558 P  P     . A   A 1 27 ? 0.110   -0.857  -2.955  1.00 25.67 ? 27  A   A P     1 
ATOM   559 O  OP1   . A   A 1 27 ? 1.241   -0.906  -3.904  1.00 26.05 ? 27  A   A OP1   1 
ATOM   560 O  OP2   . A   A 1 27 ? -0.918  -1.916  -2.991  1.00 26.21 ? 27  A   A OP2   1 
ATOM   561 O  "O5'" . A   A 1 27 ? 0.654   -0.801  -1.452  1.00 25.70 ? 27  A   A "O5'" 1 
ATOM   562 C  "C5'" . A   A 1 27 ? 2.053   -0.761  -1.200  1.00 23.47 ? 27  A   A "C5'" 1 
ATOM   563 C  "C4'" . A   A 1 27 ? 2.558   0.667   -1.240  1.00 21.81 ? 27  A   A "C4'" 1 
ATOM   564 O  "O4'" . A   A 1 27 ? 1.601   1.536   -0.572  1.00 20.09 ? 27  A   A "O4'" 1 
ATOM   565 C  "C3'" . A   A 1 27 ? 3.850   0.848   -0.469  1.00 21.91 ? 27  A   A "C3'" 1 
ATOM   566 O  "O3'" . A   A 1 27 ? 4.994   0.715   -1.311  1.00 22.22 ? 27  A   A "O3'" 1 
ATOM   567 C  "C2'" . A   A 1 27 ? 3.702   2.252   0.098   1.00 21.14 ? 27  A   A "C2'" 1 
ATOM   568 O  "O2'" . A   A 1 27 ? 3.922   3.248   -0.883  1.00 22.20 ? 27  A   A "O2'" 1 
ATOM   569 C  "C1'" . A   A 1 27 ? 2.236   2.191   0.506   1.00 20.92 ? 27  A   A "C1'" 1 
ATOM   570 N  N9    . A   A 1 27 ? 1.943   1.453   1.748   1.00 20.79 ? 27  A   A N9    1 
ATOM   571 C  C8    . A   A 1 27 ? 0.878   0.613   1.951   1.00 21.29 ? 27  A   A C8    1 
ATOM   572 N  N7    . A   A 1 27 ? 0.829   0.089   3.156   1.00 21.16 ? 27  A   A N7    1 
ATOM   573 C  C5    . A   A 1 27 ? 1.935   0.618   3.792   1.00 20.34 ? 27  A   A C5    1 
ATOM   574 C  C6    . A   A 1 27 ? 2.452   0.454   5.098   1.00 21.25 ? 27  A   A C6    1 
ATOM   575 N  N6    . A   A 1 27 ? 1.883   -0.331  6.026   1.00 21.46 ? 27  A   A N6    1 
ATOM   576 N  N1    . A   A 1 27 ? 3.578   1.129   5.424   1.00 21.15 ? 27  A   A N1    1 
ATOM   577 C  C2    . A   A 1 27 ? 4.156   1.914   4.504   1.00 21.22 ? 27  A   A C2    1 
ATOM   578 N  N3    . A   A 1 27 ? 3.758   2.140   3.249   1.00 20.60 ? 27  A   A N3    1 
ATOM   579 C  C4    . A   A 1 27 ? 2.637   1.460   2.941   1.00 20.58 ? 27  A   A C4    1 
ATOM   580 P  P     . G   A 1 28 ? 6.244   -0.150  -0.801  1.00 23.59 ? 28  G   A P     1 
ATOM   581 O  OP1   . G   A 1 28 ? 7.374   0.177   -1.703  1.00 23.33 ? 28  G   A OP1   1 
ATOM   582 O  OP2   . G   A 1 28 ? 5.796   -1.555  -0.687  1.00 24.05 ? 28  G   A OP2   1 
ATOM   583 O  "O5'" . G   A 1 28 ? 6.534   0.377   0.674   1.00 23.63 ? 28  G   A "O5'" 1 
ATOM   584 C  "C5'" . G   A 1 28 ? 7.096   1.654   0.912   1.00 23.28 ? 28  G   A "C5'" 1 
ATOM   585 C  "C4'" . G   A 1 28 ? 8.449   1.508   1.575   1.00 23.89 ? 28  G   A "C4'" 1 
ATOM   586 O  "O4'" . G   A 1 28 ? 9.036   2.822   1.743   1.00 24.21 ? 28  G   A "O4'" 1 
ATOM   587 C  "C3'" . G   A 1 28 ? 8.420   0.909   2.975   1.00 23.99 ? 28  G   A "C3'" 1 
ATOM   588 O  "O3'" . G   A 1 28 ? 9.670   0.268   3.235   1.00 23.83 ? 28  G   A "O3'" 1 
ATOM   589 C  "C2'" . G   A 1 28 ? 8.204   2.151   3.831   1.00 24.40 ? 28  G   A "C2'" 1 
ATOM   590 O  "O2'" . G   A 1 28 ? 8.574   2.010   5.190   1.00 24.94 ? 28  G   A "O2'" 1 
ATOM   591 C  "C1'" . G   A 1 28 ? 9.120   3.141   3.115   1.00 24.98 ? 28  G   A "C1'" 1 
ATOM   592 N  N9    . G   A 1 28 ? 8.745   4.536   3.346   1.00 25.12 ? 28  G   A N9    1 
ATOM   593 C  C8    . G   A 1 28 ? 9.604   5.554   3.672   1.00 25.38 ? 28  G   A C8    1 
ATOM   594 N  N7    . G   A 1 28 ? 9.005   6.699   3.841   1.00 25.42 ? 28  G   A N7    1 
ATOM   595 C  C5    . G   A 1 28 ? 7.663   6.428   3.612   1.00 25.41 ? 28  G   A C5    1 
ATOM   596 C  C6    . G   A 1 28 ? 6.532   7.285   3.650   1.00 25.47 ? 28  G   A C6    1 
ATOM   597 O  O6    . G   A 1 28 ? 6.500   8.491   3.910   1.00 26.09 ? 28  G   A O6    1 
ATOM   598 N  N1    . G   A 1 28 ? 5.342   6.618   3.359   1.00 24.98 ? 28  G   A N1    1 
ATOM   599 C  C2    . G   A 1 28 ? 5.254   5.279   3.066   1.00 25.18 ? 28  G   A C2    1 
ATOM   600 N  N2    . G   A 1 28 ? 4.023   4.812   2.806   1.00 24.95 ? 28  G   A N2    1 
ATOM   601 N  N3    . G   A 1 28 ? 6.306   4.461   3.025   1.00 24.98 ? 28  G   A N3    1 
ATOM   602 C  C4    . G   A 1 28 ? 7.478   5.096   3.310   1.00 24.97 ? 28  G   A C4    1 
ATOM   603 P  P     . U   A 1 29 ? 9.733   -1.325  3.359   1.00 23.93 ? 29  U   A P     1 
ATOM   604 O  OP1   . U   A 1 29 ? 11.097  -1.657  3.841   1.00 23.91 ? 29  U   A OP1   1 
ATOM   605 O  OP2   . U   A 1 29 ? 9.238   -1.928  2.113   1.00 22.86 ? 29  U   A OP2   1 
ATOM   606 O  "O5'" . U   A 1 29 ? 8.667   -1.652  4.508   1.00 24.12 ? 29  U   A "O5'" 1 
ATOM   607 C  "C5'" . U   A 1 29 ? 8.917   -1.290  5.861   1.00 24.82 ? 29  U   A "C5'" 1 
ATOM   608 C  "C4'" . U   A 1 29 ? 7.847   -1.850  6.775   1.00 25.44 ? 29  U   A "C4'" 1 
ATOM   609 O  "O4'" . U   A 1 29 ? 6.598   -1.149  6.551   1.00 25.07 ? 29  U   A "O4'" 1 
ATOM   610 C  "C3'" . U   A 1 29 ? 7.490   -3.311  6.541   1.00 26.26 ? 29  U   A "C3'" 1 
ATOM   611 O  "O3'" . U   A 1 29 ? 8.418   -4.166  7.196   1.00 27.60 ? 29  U   A "O3'" 1 
ATOM   612 C  "C2'" . U   A 1 29 ? 6.106   -3.371  7.170   1.00 25.77 ? 29  U   A "C2'" 1 
ATOM   613 O  "O2'" . U   A 1 29 ? 6.138   -3.339  8.586   1.00 26.62 ? 29  U   A "O2'" 1 
ATOM   614 C  "C1'" . U   A 1 29 ? 5.518   -2.065  6.636   1.00 24.93 ? 29  U   A "C1'" 1 
ATOM   615 N  N1    . U   A 1 29 ? 4.788   -2.180  5.310   1.00 24.39 ? 29  U   A N1    1 
ATOM   616 C  C2    . U   A 1 29 ? 3.559   -2.824  5.272   1.00 24.36 ? 29  U   A C2    1 
ATOM   617 O  O2    . U   A 1 29 ? 3.024   -3.316  6.254   1.00 24.62 ? 29  U   A O2    1 
ATOM   618 N  N3    . U   A 1 29 ? 2.954   -2.866  4.034   1.00 23.87 ? 29  U   A N3    1 
ATOM   619 C  C4    . U   A 1 29 ? 3.443   -2.346  2.845   1.00 24.12 ? 29  U   A C4    1 
ATOM   620 O  O4    . U   A 1 29 ? 2.784   -2.468  1.815   1.00 24.34 ? 29  U   A O4    1 
ATOM   621 C  C5    . U   A 1 29 ? 4.727   -1.689  2.956   1.00 24.05 ? 29  U   A C5    1 
ATOM   622 C  C6    . U   A 1 29 ? 5.330   -1.627  4.154   1.00 24.06 ? 29  U   A C6    1 
ATOM   623 P  P     . C   A 1 30 ? 8.791   -5.589  6.568   1.00 28.62 ? 30  C   A P     1 
ATOM   624 O  OP1   . C   A 1 30 ? 9.918   -6.098  7.384   1.00 28.98 ? 30  C   A OP1   1 
ATOM   625 O  OP2   . C   A 1 30 ? 8.933   -5.495  5.098   1.00 28.21 ? 30  C   A OP2   1 
ATOM   626 O  "O5'" . C   A 1 30 ? 7.487   -6.464  6.846   1.00 28.00 ? 30  C   A "O5'" 1 
ATOM   627 C  "C5'" . C   A 1 30 ? 7.089   -6.768  8.178   1.00 28.10 ? 30  C   A "C5'" 1 
ATOM   628 C  "C4'" . C   A 1 30 ? 5.744   -7.460  8.167   1.00 27.54 ? 30  C   A "C4'" 1 
ATOM   629 O  "O4'" . C   A 1 30 ? 4.740   -6.563  7.631   1.00 27.23 ? 30  C   A "O4'" 1 
ATOM   630 C  "C3'" . C   A 1 30 ? 5.647   -8.669  7.248   1.00 27.77 ? 30  C   A "C3'" 1 
ATOM   631 O  "O3'" . C   A 1 30 ? 6.241   -9.827  7.819   1.00 29.28 ? 30  C   A "O3'" 1 
ATOM   632 C  "C2'" . C   A 1 30 ? 4.138   -8.788  7.108   1.00 27.42 ? 30  C   A "C2'" 1 
ATOM   633 O  "O2'" . C   A 1 30 ? 3.515   -9.314  8.268   1.00 27.12 ? 30  C   A "O2'" 1 
ATOM   634 C  "C1'" . C   A 1 30 ? 3.780   -7.315  6.910   1.00 26.45 ? 30  C   A "C1'" 1 
ATOM   635 N  N1    . C   A 1 30 ? 3.753   -6.895  5.458   1.00 25.76 ? 30  C   A N1    1 
ATOM   636 C  C2    . C   A 1 30 ? 2.632   -7.218  4.680   1.00 25.86 ? 30  C   A C2    1 
ATOM   637 O  O2    . C   A 1 30 ? 1.690   -7.837  5.201   1.00 25.86 ? 30  C   A O2    1 
ATOM   638 N  N3    . C   A 1 30 ? 2.610   -6.837  3.372   1.00 25.48 ? 30  C   A N3    1 
ATOM   639 C  C4    . C   A 1 30 ? 3.639   -6.167  2.842   1.00 25.86 ? 30  C   A C4    1 
ATOM   640 N  N4    . C   A 1 30 ? 3.561   -5.817  1.552   1.00 25.87 ? 30  C   A N4    1 
ATOM   641 C  C5    . C   A 1 30 ? 4.793   -5.830  3.615   1.00 25.74 ? 30  C   A C5    1 
ATOM   642 C  C6    . C   A 1 30 ? 4.802   -6.207  4.901   1.00 26.12 ? 30  C   A C6    1 
ATOM   643 P  P     . C   A 1 31 ? 6.890   -10.929 6.857   1.00 29.41 ? 31  C   A P     1 
ATOM   644 O  OP1   . C   A 1 31 ? 7.643   -11.867 7.723   1.00 30.06 ? 31  C   A OP1   1 
ATOM   645 O  OP2   . C   A 1 31 ? 7.580   -10.269 5.723   1.00 30.05 ? 31  C   A OP2   1 
ATOM   646 O  "O5'" . C   A 1 31 ? 5.617   -11.676 6.253   1.00 29.71 ? 31  C   A "O5'" 1 
ATOM   647 C  "C5'" . C   A 1 31 ? 4.775   -12.475 7.082   1.00 30.09 ? 31  C   A "C5'" 1 
ATOM   648 C  "C4'" . C   A 1 31 ? 3.623   -13.016 6.263   1.00 30.09 ? 31  C   A "C4'" 1 
ATOM   649 O  "O4'" . C   A 1 31 ? 2.849   -11.918 5.707   1.00 29.49 ? 31  C   A "O4'" 1 
ATOM   650 C  "C3'" . C   A 1 31 ? 4.039   -13.803 5.032   1.00 30.86 ? 31  C   A "C3'" 1 
ATOM   651 O  "O3'" . C   A 1 31 ? 4.437   -15.126 5.368   1.00 32.64 ? 31  C   A "O3'" 1 
ATOM   652 C  "C2'" . C   A 1 31 ? 2.752   -13.761 4.221   1.00 29.93 ? 31  C   A "C2'" 1 
ATOM   653 O  "O2'" . C   A 1 31 ? 1.755   -14.641 4.706   1.00 30.56 ? 31  C   A "O2'" 1 
ATOM   654 C  "C1'" . C   A 1 31 ? 2.334   -12.308 4.441   1.00 28.59 ? 31  C   A "C1'" 1 
ATOM   655 N  N1    . C   A 1 31 ? 2.815   -11.364 3.360   1.00 27.63 ? 31  C   A N1    1 
ATOM   656 C  C2    . C   A 1 31 ? 2.216   -11.387 2.085   1.00 27.46 ? 31  C   A C2    1 
ATOM   657 O  O2    . C   A 1 31 ? 1.294   -12.173 1.841   1.00 27.28 ? 31  C   A O2    1 
ATOM   658 N  N3    . C   A 1 31 ? 2.664   -10.528 1.133   1.00 27.09 ? 31  C   A N3    1 
ATOM   659 C  C4    . C   A 1 31 ? 3.655   -9.677  1.400   1.00 27.36 ? 31  C   A C4    1 
ATOM   660 N  N4    . C   A 1 31 ? 4.054   -8.859  0.418   1.00 27.60 ? 31  C   A N4    1 
ATOM   661 C  C5    . C   A 1 31 ? 4.285   -9.633  2.682   1.00 27.26 ? 31  C   A C5    1 
ATOM   662 C  C6    . C   A 1 31 ? 3.835   -10.482 3.619   1.00 27.47 ? 31  C   A C6    1 
ATOM   663 P  P     . G   A 1 32 ? 5.528   -15.873 4.466   1.00 34.48 ? 32  G   A P     1 
ATOM   664 O  OP1   . G   A 1 32 ? 5.909   -17.115 5.181   1.00 34.96 ? 32  G   A OP1   1 
ATOM   665 O  OP2   . G   A 1 32 ? 6.574   -14.893 4.089   1.00 33.93 ? 32  G   A OP2   1 
ATOM   666 O  "O5'" . G   A 1 32 ? 4.726   -16.261 3.142   1.00 33.56 ? 32  G   A "O5'" 1 
ATOM   667 C  "C5'" . G   A 1 32 ? 3.754   -17.303 3.159   1.00 34.16 ? 32  G   A "C5'" 1 
ATOM   668 C  "C4'" . G   A 1 32 ? 3.050   -17.400 1.821   1.00 34.15 ? 32  G   A "C4'" 1 
ATOM   669 O  "O4'" . G   A 1 32 ? 2.402   -16.140 1.504   1.00 33.71 ? 32  G   A "O4'" 1 
ATOM   670 C  "C3'" . G   A 1 32 ? 3.954   -17.614 0.616   1.00 34.84 ? 32  G   A "C3'" 1 
ATOM   671 O  "O3'" . G   A 1 32 ? 4.454   -18.950 0.542   1.00 36.50 ? 32  G   A "O3'" 1 
ATOM   672 C  "C2'" . G   A 1 32 ? 2.985   -17.254 -0.504  1.00 34.11 ? 32  G   A "C2'" 1 
ATOM   673 O  "O2'" . G   A 1 32 ? 2.003   -18.245 -0.750  1.00 35.22 ? 32  G   A "O2'" 1 
ATOM   674 C  "C1'" . G   A 1 32 ? 2.355   -15.992 0.091   1.00 32.02 ? 32  G   A "C1'" 1 
ATOM   675 N  N9    . G   A 1 32 ? 3.083   -14.785 -0.308  1.00 31.27 ? 32  G   A N9    1 
ATOM   676 C  C8    . G   A 1 32 ? 3.918   -14.018 0.470   1.00 30.78 ? 32  G   A C8    1 
ATOM   677 N  N7    . G   A 1 32 ? 4.436   -13.006 -0.162  1.00 30.55 ? 32  G   A N7    1 
ATOM   678 C  C5    . G   A 1 32 ? 3.916   -13.106 -1.443  1.00 30.70 ? 32  G   A C5    1 
ATOM   679 C  C6    . G   A 1 32 ? 4.122   -12.279 -2.577  1.00 30.78 ? 32  G   A C6    1 
ATOM   680 O  O6    . G   A 1 32 ? 4.831   -11.269 -2.653  1.00 30.79 ? 32  G   A O6    1 
ATOM   681 N  N1    . G   A 1 32 ? 3.409   -12.724 -3.690  1.00 30.72 ? 32  G   A N1    1 
ATOM   682 C  C2    . G   A 1 32 ? 2.593   -13.833 -3.705  1.00 30.77 ? 32  G   A C2    1 
ATOM   683 N  N2    . G   A 1 32 ? 1.981   -14.121 -4.863  1.00 30.79 ? 32  G   A N2    1 
ATOM   684 N  N3    . G   A 1 32 ? 2.391   -14.614 -2.648  1.00 30.64 ? 32  G   A N3    1 
ATOM   685 C  C4    . G   A 1 32 ? 3.082   -14.194 -1.554  1.00 30.80 ? 32  G   A C4    1 
ATOM   686 P  P     . G   A 1 33 ? 5.957   -19.209 0.042   1.00 37.48 ? 33  G   A P     1 
ATOM   687 O  OP1   . G   A 1 33 ? 6.294   -20.614 0.377   1.00 38.03 ? 33  G   A OP1   1 
ATOM   688 O  OP2   . G   A 1 33 ? 6.840   -18.126 0.535   1.00 37.84 ? 33  G   A OP2   1 
ATOM   689 O  "O5'" . G   A 1 33 ? 5.825   -19.065 -1.545  1.00 36.66 ? 33  G   A "O5'" 1 
ATOM   690 C  "C5'" . G   A 1 33 ? 5.022   -19.975 -2.289  1.00 35.32 ? 33  G   A "C5'" 1 
ATOM   691 C  "C4'" . G   A 1 33 ? 4.729   -19.465 -3.689  1.00 34.59 ? 33  G   A "C4'" 1 
ATOM   692 O  "O4'" . G   A 1 33 ? 4.048   -18.181 -3.628  1.00 33.73 ? 33  G   A "O4'" 1 
ATOM   693 C  "C3'" . G   A 1 33 ? 5.936   -19.172 -4.574  1.00 34.38 ? 33  G   A "C3'" 1 
ATOM   694 O  "O3'" . G   A 1 33 ? 6.548   -20.355 -5.099  1.00 35.05 ? 33  G   A "O3'" 1 
ATOM   695 C  "C2'" . G   A 1 33 ? 5.265   -18.315 -5.645  1.00 33.55 ? 33  G   A "C2'" 1 
ATOM   696 O  "O2'" . G   A 1 33 ? 4.461   -19.053 -6.545  1.00 33.89 ? 33  G   A "O2'" 1 
ATOM   697 C  "C1'" . G   A 1 33 ? 4.411   -17.405 -4.762  1.00 32.09 ? 33  G   A "C1'" 1 
ATOM   698 N  N9    . G   A 1 33 ? 5.165   -16.222 -4.337  1.00 31.38 ? 33  G   A N9    1 
ATOM   699 C  C8    . G   A 1 33 ? 5.672   -15.955 -3.089  1.00 30.95 ? 33  G   A C8    1 
ATOM   700 N  N7    . G   A 1 33 ? 6.314   -14.824 -3.015  1.00 31.27 ? 33  G   A N7    1 
ATOM   701 C  C5    . G   A 1 33 ? 6.238   -14.307 -4.300  1.00 30.94 ? 33  G   A C5    1 
ATOM   702 C  C6    . G   A 1 33 ? 6.752   -13.096 -4.832  1.00 30.96 ? 33  G   A C6    1 
ATOM   703 O  O6    . G   A 1 33 ? 7.400   -12.223 -4.246  1.00 30.86 ? 33  G   A O6    1 
ATOM   704 N  N1    . G   A 1 33 ? 6.454   -12.948 -6.185  1.00 30.86 ? 33  G   A N1    1 
ATOM   705 C  C2    . G   A 1 33 ? 5.742   -13.855 -6.935  1.00 31.06 ? 33  G   A C2    1 
ATOM   706 N  N2    . G   A 1 33 ? 5.549   -13.550 -8.225  1.00 31.15 ? 33  G   A N2    1 
ATOM   707 N  N3    . G   A 1 33 ? 5.253   -14.992 -6.449  1.00 30.94 ? 33  G   A N3    1 
ATOM   708 C  C4    . G   A 1 33 ? 5.535   -15.153 -5.128  1.00 30.90 ? 33  G   A C4    1 
ATOM   709 P  P     . G   A 1 34 ? 8.124   -20.383 -5.416  1.00 35.34 ? 34  G   A P     1 
ATOM   710 O  OP1   . G   A 1 34 ? 8.465   -21.757 -5.855  1.00 35.82 ? 34  G   A OP1   1 
ATOM   711 O  OP2   . G   A 1 34 ? 8.860   -19.769 -4.286  1.00 35.33 ? 34  G   A OP2   1 
ATOM   712 O  "O5'" . G   A 1 34 ? 8.269   -19.395 -6.669  1.00 34.38 ? 34  G   A "O5'" 1 
ATOM   713 C  "C5'" . G   A 1 34 ? 7.765   -19.754 -7.952  1.00 32.84 ? 34  G   A "C5'" 1 
ATOM   714 C  "C4'" . G   A 1 34 ? 7.969   -18.624 -8.944  1.00 31.55 ? 34  G   A "C4'" 1 
ATOM   715 O  "O4'" . G   A 1 34 ? 7.371   -17.403 -8.432  1.00 30.62 ? 34  G   A "O4'" 1 
ATOM   716 C  "C3'" . G   A 1 34 ? 9.417   -18.235 -9.210  1.00 31.13 ? 34  G   A "C3'" 1 
ATOM   717 O  "O3'" . G   A 1 34 ? 10.039  -19.127 -10.140 1.00 31.86 ? 34  G   A "O3'" 1 
ATOM   718 C  "C2'" . G   A 1 34 ? 9.225   -16.835 -9.780  1.00 30.30 ? 34  G   A "C2'" 1 
ATOM   719 O  "O2'" . G   A 1 34 ? 8.732   -16.845 -11.107 1.00 30.98 ? 34  G   A "O2'" 1 
ATOM   720 C  "C1'" . G   A 1 34 ? 8.152   -16.291 -8.841  1.00 28.63 ? 34  G   A "C1'" 1 
ATOM   721 N  N9    . G   A 1 34 ? 8.682   -15.570 -7.675  1.00 27.97 ? 34  G   A N9    1 
ATOM   722 C  C8    . G   A 1 34 ? 8.681   -15.966 -6.358  1.00 27.35 ? 34  G   A C8    1 
ATOM   723 N  N7    . G   A 1 34 ? 9.223   -15.093 -5.552  1.00 27.17 ? 34  G   A N7    1 
ATOM   724 C  C5    . G   A 1 34 ? 9.605   -14.046 -6.383  1.00 27.40 ? 34  G   A C5    1 
ATOM   725 C  C6    . G   A 1 34 ? 10.245  -12.813 -6.084  1.00 27.21 ? 34  G   A C6    1 
ATOM   726 O  O6    . G   A 1 34 ? 10.610  -12.386 -4.982  1.00 27.20 ? 34  G   A O6    1 
ATOM   727 N  N1    . G   A 1 34 ? 10.450  -12.034 -7.227  1.00 27.29 ? 34  G   A N1    1 
ATOM   728 C  C2    . G   A 1 34 ? 10.087  -12.404 -8.502  1.00 27.50 ? 34  G   A C2    1 
ATOM   729 N  N2    . G   A 1 34 ? 10.362  -11.537 -9.491  1.00 27.63 ? 34  G   A N2    1 
ATOM   730 N  N3    . G   A 1 34 ? 9.488   -13.554 -8.793  1.00 27.55 ? 34  G   A N3    1 
ATOM   731 C  C4    . G   A 1 34 ? 9.277   -14.325 -7.691  1.00 27.50 ? 34  G   A C4    1 
ATOM   732 P  P     . C   A 1 35 ? 11.621  -19.390 -10.093 1.00 32.81 ? 35  C   A P     1 
ATOM   733 O  OP1   . C   A 1 35 ? 11.924  -20.456 -11.075 1.00 33.05 ? 35  C   A OP1   1 
ATOM   734 O  OP2   . C   A 1 35 ? 12.036  -19.566 -8.686  1.00 33.18 ? 35  C   A OP2   1 
ATOM   735 O  "O5'" . C   A 1 35 ? 12.250  -18.018 -10.623 1.00 31.08 ? 35  C   A "O5'" 1 
ATOM   736 C  "C5'" . C   A 1 35 ? 12.055  -17.591 -11.974 1.00 29.86 ? 35  C   A "C5'" 1 
ATOM   737 C  "C4'" . C   A 1 35 ? 12.772  -16.276 -12.214 1.00 28.31 ? 35  C   A "C4'" 1 
ATOM   738 O  "O4'" . C   A 1 35 ? 12.223  -15.246 -11.353 1.00 27.37 ? 35  C   A "O4'" 1 
ATOM   739 C  "C3'" . C   A 1 35 ? 14.256  -16.298 -11.872 1.00 27.82 ? 35  C   A "C3'" 1 
ATOM   740 O  "O3'" . C   A 1 35 ? 14.995  -16.858 -12.953 1.00 28.53 ? 35  C   A "O3'" 1 
ATOM   741 C  "C2'" . C   A 1 35 ? 14.547  -14.816 -11.658 1.00 27.33 ? 35  C   A "C2'" 1 
ATOM   742 O  "O2'" . C   A 1 35 ? 14.738  -14.118 -12.874 1.00 27.00 ? 35  C   A "O2'" 1 
ATOM   743 C  "C1'" . C   A 1 35 ? 13.260  -14.347 -10.980 1.00 26.89 ? 35  C   A "C1'" 1 
ATOM   744 N  N1    . C   A 1 35 ? 13.336  -14.233 -9.479  1.00 26.07 ? 35  C   A N1    1 
ATOM   745 C  C2    . C   A 1 35 ? 13.798  -13.039 -8.890  1.00 25.98 ? 35  C   A C2    1 
ATOM   746 O  O2    . C   A 1 35 ? 14.146  -12.090 -9.605  1.00 25.73 ? 35  C   A O2    1 
ATOM   747 N  N3    . C   A 1 35 ? 13.848  -12.951 -7.535  1.00 25.91 ? 35  C   A N3    1 
ATOM   748 C  C4    . C   A 1 35 ? 13.461  -13.982 -6.775  1.00 25.80 ? 35  C   A C4    1 
ATOM   749 N  N4    . C   A 1 35 ? 13.530  -13.840 -5.451  1.00 25.64 ? 35  C   A N4    1 
ATOM   750 C  C5    . C   A 1 35 ? 12.988  -15.203 -7.347  1.00 25.44 ? 35  C   A C5    1 
ATOM   751 C  C6    . C   A 1 35 ? 12.942  -15.280 -8.681  1.00 25.60 ? 35  C   A C6    1 
ATOM   752 P  P     . A   A 1 36 ? 16.204  -17.876 -12.690 1.00 29.02 ? 36  A   A P     1 
ATOM   753 O  OP1   . A   A 1 36 ? 16.583  -18.437 -14.004 1.00 28.93 ? 36  A   A OP1   1 
ATOM   754 O  OP2   . A   A 1 36 ? 15.851  -18.785 -11.573 1.00 28.60 ? 36  A   A OP2   1 
ATOM   755 O  "O5'" . A   A 1 36 ? 17.374  -16.926 -12.158 1.00 28.29 ? 36  A   A "O5'" 1 
ATOM   756 C  "C5'" . A   A 1 36 ? 18.000  -15.964 -13.003 1.00 27.85 ? 36  A   A "C5'" 1 
ATOM   757 C  "C4'" . A   A 1 36 ? 18.744  -14.969 -12.135 1.00 27.66 ? 36  A   A "C4'" 1 
ATOM   758 O  "O4'" . A   A 1 36 ? 17.825  -14.431 -11.154 1.00 26.94 ? 36  A   A "O4'" 1 
ATOM   759 C  "C3'" . A   A 1 36 ? 19.866  -15.578 -11.309 1.00 27.29 ? 36  A   A "C3'" 1 
ATOM   760 O  "O3'" . A   A 1 36 ? 21.068  -15.623 -12.074 1.00 27.00 ? 36  A   A "O3'" 1 
ATOM   761 C  "C2'" . A   A 1 36 ? 19.946  -14.637 -10.110 1.00 27.45 ? 36  A   A "C2'" 1 
ATOM   762 O  "O2'" . A   A 1 36 ? 20.703  -13.473 -10.378 1.00 28.12 ? 36  A   A "O2'" 1 
ATOM   763 C  "C1'" . A   A 1 36 ? 18.478  -14.257 -9.911  1.00 27.19 ? 36  A   A "C1'" 1 
ATOM   764 N  N9    . A   A 1 36 ? 17.781  -15.036 -8.882  1.00 26.93 ? 36  A   A N9    1 
ATOM   765 C  C8    . A   A 1 36 ? 17.303  -16.317 -8.972  1.00 27.13 ? 36  A   A C8    1 
ATOM   766 N  N7    . A   A 1 36 ? 16.718  -16.748 -7.874  1.00 27.54 ? 36  A   A N7    1 
ATOM   767 C  C5    . A   A 1 36 ? 16.817  -15.679 -7.000  1.00 26.91 ? 36  A   A C5    1 
ATOM   768 C  C6    . A   A 1 36 ? 16.394  -15.476 -5.665  1.00 27.28 ? 36  A   A C6    1 
ATOM   769 N  N6    . A   A 1 36 ? 15.753  -16.393 -4.929  1.00 26.42 ? 36  A   A N6    1 
ATOM   770 N  N1    . A   A 1 36 ? 16.655  -14.278 -5.096  1.00 26.99 ? 36  A   A N1    1 
ATOM   771 C  C2    . A   A 1 36 ? 17.296  -13.347 -5.813  1.00 27.30 ? 36  A   A C2    1 
ATOM   772 N  N3    . A   A 1 36 ? 17.738  -13.418 -7.066  1.00 26.77 ? 36  A   A N3    1 
ATOM   773 C  C4    . A   A 1 36 ? 17.468  -14.616 -7.611  1.00 27.25 ? 36  A   A C4    1 
ATOM   774 P  P     . C   A 1 37 ? 21.986  -16.938 -12.068 1.00 27.56 ? 37  C   A P     1 
ATOM   775 O  OP1   . C   A 1 37 ? 22.996  -16.797 -13.146 1.00 27.66 ? 37  C   A OP1   1 
ATOM   776 O  OP2   . C   A 1 37 ? 21.116  -18.137 -12.059 1.00 27.55 ? 37  C   A OP2   1 
ATOM   777 O  "O5'" . C   A 1 37 ? 22.707  -16.849 -10.649 1.00 26.44 ? 37  C   A "O5'" 1 
ATOM   778 C  "C5'" . C   A 1 37 ? 23.654  -15.817 -10.388 1.00 26.40 ? 37  C   A "C5'" 1 
ATOM   779 C  "C4'" . C   A 1 37 ? 24.363  -16.066 -9.072  1.00 26.07 ? 37  C   A "C4'" 1 
ATOM   780 O  "O4'" . C   A 1 37 ? 23.403  -16.048 -7.988  1.00 25.42 ? 37  C   A "O4'" 1 
ATOM   781 C  "C3'" . C   A 1 37 ? 25.092  -17.402 -8.962  1.00 26.87 ? 37  C   A "C3'" 1 
ATOM   782 O  "O3'" . C   A 1 37 ? 26.341  -17.154 -8.340  1.00 29.06 ? 37  C   A "O3'" 1 
ATOM   783 C  "C2'" . C   A 1 37 ? 24.201  -18.253 -8.057  1.00 26.27 ? 37  C   A "C2'" 1 
ATOM   784 O  "O2'" . C   A 1 37 ? 24.946  -19.199 -7.309  1.00 26.49 ? 37  C   A "O2'" 1 
ATOM   785 C  "C1'" . C   A 1 37 ? 23.653  -17.160 -7.149  1.00 25.38 ? 37  C   A "C1'" 1 
ATOM   786 N  N1    . C   A 1 37 ? 22.383  -17.444 -6.426  1.00 24.84 ? 37  C   A N1    1 
ATOM   787 C  C2    . C   A 1 37 ? 22.406  -17.626 -5.034  1.00 24.78 ? 37  C   A C2    1 
ATOM   788 O  O2    . C   A 1 37 ? 23.483  -17.584 -4.419  1.00 25.34 ? 37  C   A O2    1 
ATOM   789 N  N3    . C   A 1 37 ? 21.232  -17.855 -4.392  1.00 24.69 ? 37  C   A N3    1 
ATOM   790 C  C4    . C   A 1 37 ? 20.086  -17.907 -5.074  1.00 24.57 ? 37  C   A C4    1 
ATOM   791 N  N4    . C   A 1 37 ? 18.964  -18.143 -4.384  1.00 25.36 ? 37  C   A N4    1 
ATOM   792 C  C5    . C   A 1 37 ? 20.038  -17.721 -6.489  1.00 25.01 ? 37  C   A C5    1 
ATOM   793 C  C6    . C   A 1 37 ? 21.199  -17.488 -7.117  1.00 24.41 ? 37  C   A C6    1 
ATOM   794 P  P     . C   A 1 38 ? 27.679  -17.150 -9.207  1.00 31.00 ? 38  C   A P     1 
ATOM   795 O  OP1   . C   A 1 38 ? 28.791  -16.789 -8.296  1.00 31.78 ? 38  C   A OP1   1 
ATOM   796 O  OP2   . C   A 1 38 ? 27.433  -16.332 -10.415 1.00 31.90 ? 38  C   A OP2   1 
ATOM   797 O  "O5'" . C   A 1 38 ? 27.807  -18.689 -9.647  1.00 32.03 ? 38  C   A "O5'" 1 
ATOM   798 C  "C5'" . C   A 1 38 ? 28.910  -19.500 -9.237  1.00 33.21 ? 38  C   A "C5'" 1 
ATOM   799 C  "C4'" . C   A 1 38 ? 28.805  -20.904 -9.807  1.00 33.96 ? 38  C   A "C4'" 1 
ATOM   800 O  "O4'" . C   A 1 38 ? 27.527  -21.477 -9.438  1.00 33.48 ? 38  C   A "O4'" 1 
ATOM   801 C  "C3'" . C   A 1 38 ? 28.836  -21.007 -11.328 1.00 34.53 ? 38  C   A "C3'" 1 
ATOM   802 O  "O3'" . C   A 1 38 ? 30.174  -21.018 -11.819 1.00 35.49 ? 38  C   A "O3'" 1 
ATOM   803 C  "C2'" . C   A 1 38 ? 28.121  -22.334 -11.572 1.00 34.59 ? 38  C   A "C2'" 1 
ATOM   804 O  "O2'" . C   A 1 38 ? 28.957  -23.470 -11.445 1.00 35.61 ? 38  C   A "O2'" 1 
ATOM   805 C  "C1'" . C   A 1 38 ? 27.073  -22.350 -10.462 1.00 33.87 ? 38  C   A "C1'" 1 
ATOM   806 N  N1    . C   A 1 38 ? 25.696  -21.950 -10.926 1.00 33.43 ? 38  C   A N1    1 
ATOM   807 C  C2    . C   A 1 38 ? 24.859  -22.885 -11.570 1.00 33.21 ? 38  C   A C2    1 
ATOM   808 O  O2    . C   A 1 38 ? 25.244  -24.050 -11.759 1.00 33.42 ? 38  C   A O2    1 
ATOM   809 N  N3    . C   A 1 38 ? 23.625  -22.482 -11.980 1.00 33.27 ? 38  C   A N3    1 
ATOM   810 C  C4    . C   A 1 38 ? 23.217  -21.224 -11.774 1.00 33.41 ? 38  C   A C4    1 
ATOM   811 N  N4    . C   A 1 38 ? 21.995  -20.877 -12.194 1.00 33.57 ? 38  C   A N4    1 
ATOM   812 C  C5    . C   A 1 38 ? 24.049  -20.263 -11.128 1.00 33.19 ? 38  C   A C5    1 
ATOM   813 C  C6    . C   A 1 38 ? 25.262  -20.664 -10.726 1.00 33.39 ? 38  C   A C6    1 
HETATM 814 MG MG    . MG  B 2 .  ? -7.426  15.881  3.011   1.00 23.51 ? 100 MG  A MG    1 
HETATM 815 CL CL    . CL  C 3 .  ? -19.644 9.025   0.100   1.00 23.66 ? 101 CL  A CL    1 
HETATM 816 CA CA    . CA  D 4 .  ? -0.951  13.810  -3.493  1.00 14.90 ? 102 CA  A CA    1 
HETATM 817 CA CA    . CA  E 4 .  ? -4.344  11.607  4.004   1.00 15.57 ? 103 CA  A CA    1 
HETATM 818 CA CA    . CA  F 4 .  ? 3.048   18.553  -0.024  0.50 19.43 ? 104 CA  A CA    1 
HETATM 819 CA CA    . CA  G 4 .  ? 9.446   11.154  3.511   0.90 20.19 ? 105 CA  A CA    1 
HETATM 820 CA CA    . CA  H 4 .  ? -10.152 -5.808  7.586   1.00 23.31 ? 106 CA  A CA    1 
HETATM 821 CA CA    . CA  I 4 .  ? -9.127  2.728   7.767   0.90 27.80 ? 107 CA  A CA    1 
HETATM 822 CA CA    . CA  J 4 .  ? -9.405  -2.953  1.189   0.70 40.30 ? 108 CA  A CA    1 
HETATM 823 O  O     . HOH K 5 .  ? -3.820  13.801  4.466   1.00 24.26 ? 40  HOH A O     1 
HETATM 824 O  O     . HOH K 5 .  ? 13.464  -9.034  -0.985  1.00 38.83 ? 41  HOH A O     1 
HETATM 825 O  O     . HOH K 5 .  ? -11.522 11.224  11.568  1.00 30.84 ? 42  HOH A O     1 
HETATM 826 O  O     . HOH K 5 .  ? -17.132 13.765  9.128   1.00 25.81 ? 43  HOH A O     1 
HETATM 827 O  O     . HOH K 5 .  ? 0.553   15.661  -3.031  1.00 19.70 ? 44  HOH A O     1 
HETATM 828 O  O     . HOH K 5 .  ? -12.716 4.997   -5.328  1.00 24.97 ? 45  HOH A O     1 
HETATM 829 O  O     . HOH K 5 .  ? -0.832  12.041  7.269   1.00 32.68 ? 46  HOH A O     1 
HETATM 830 O  O     . HOH K 5 .  ? -18.178 -3.469  -1.976  1.00 48.09 ? 47  HOH A O     1 
HETATM 831 O  O     . HOH K 5 .  ? -6.274  19.553  -10.767 1.00 21.80 ? 48  HOH A O     1 
HETATM 832 O  O     . HOH K 5 .  ? 1.555   6.220   9.936   1.00 47.39 ? 49  HOH A O     1 
HETATM 833 O  O     . HOH K 5 .  ? 9.493   13.158  4.404   1.00 27.23 ? 50  HOH A O     1 
HETATM 834 O  O     . HOH K 5 .  ? -12.809 3.352   11.100  1.00 39.58 ? 51  HOH A O     1 
HETATM 835 O  O     . HOH K 5 .  ? 2.471   18.645  -2.450  0.50 18.89 ? 52  HOH A O     1 
HETATM 836 O  O     . HOH K 5 .  ? -1.735  -1.564  -7.053  1.00 34.02 ? 53  HOH A O     1 
HETATM 837 O  O     . HOH K 5 .  ? 6.622   -11.669 0.664   1.00 39.26 ? 54  HOH A O     1 
HETATM 838 O  O     . HOH K 5 .  ? -13.801 1.167   12.018  1.00 36.41 ? 55  HOH A O     1 
HETATM 839 O  O     . HOH K 5 .  ? 2.455   20.795  -0.633  1.00 23.24 ? 56  HOH A O     1 
HETATM 840 O  O     . HOH K 5 .  ? 6.705   -7.667  0.823   1.00 31.50 ? 57  HOH A O     1 
HETATM 841 O  O     . HOH K 5 .  ? 11.447  -18.386 -5.643  1.00 35.54 ? 58  HOH A O     1 
HETATM 842 O  O     . HOH K 5 .  ? 9.725   -2.006  -0.328  1.00 41.28 ? 59  HOH A O     1 
HETATM 843 O  O     . HOH K 5 .  ? -7.105  4.229   14.206  1.00 39.19 ? 60  HOH A O     1 
HETATM 844 O  O     . HOH K 5 .  ? -6.386  3.212   11.403  1.00 33.98 ? 61  HOH A O     1 
HETATM 845 O  O     . HOH K 5 .  ? 7.222   -12.165 3.519   1.00 33.04 ? 62  HOH A O     1 
HETATM 846 O  O     . HOH K 5 .  ? -4.906  13.693  15.548  1.00 45.02 ? 63  HOH A O     1 
HETATM 847 O  O     . HOH K 5 .  ? -14.519 13.055  8.822   1.00 25.83 ? 64  HOH A O     1 
HETATM 848 O  O     . HOH K 5 .  ? -2.102  14.991  1.912   1.00 23.38 ? 65  HOH A O     1 
HETATM 849 O  O     . HOH K 5 .  ? 4.283   -14.906 -10.308 1.00 43.41 ? 66  HOH A O     1 
HETATM 850 O  O     . HOH K 5 .  ? -5.556  3.852   -7.976  1.00 33.24 ? 67  HOH A O     1 
HETATM 851 O  O     . HOH K 5 .  ? -7.705  -1.447  4.489   1.00 30.35 ? 68  HOH A O     1 
HETATM 852 O  O     . HOH K 5 .  ? 2.854   -0.006  9.155   1.00 37.13 ? 69  HOH A O     1 
HETATM 853 O  O     . HOH K 5 .  ? 2.810   4.072   7.733   1.00 41.95 ? 70  HOH A O     1 
HETATM 854 O  O     . HOH K 5 .  ? -2.725  12.141  -8.274  1.00 34.13 ? 71  HOH A O     1 
HETATM 855 O  O     . HOH K 5 .  ? -0.332  -7.055  7.828   1.00 34.84 ? 72  HOH A O     1 
HETATM 856 O  O     . HOH K 5 .  ? 4.919   -10.594 10.376  1.00 43.71 ? 73  HOH A O     1 
HETATM 857 O  O     . HOH K 5 .  ? -13.132 0.550   -7.436  1.00 40.32 ? 74  HOH A O     1 
HETATM 858 O  O     . HOH K 5 .  ? 10.272  9.023   3.232   1.00 29.61 ? 75  HOH A O     1 
HETATM 859 O  O     . HOH K 5 .  ? 10.705  10.938  5.858   1.00 28.04 ? 76  HOH A O     1 
HETATM 860 O  O     . HOH K 5 .  ? -10.062 2.701   -8.871  1.00 41.17 ? 77  HOH A O     1 
HETATM 861 O  O     . HOH K 5 .  ? -4.930  13.501  -9.523  1.00 30.55 ? 78  HOH A O     1 
HETATM 862 O  O     . HOH K 5 .  ? 10.222  -21.102 -13.169 1.00 41.06 ? 79  HOH A O     1 
HETATM 863 O  O     . HOH K 5 .  ? 5.053   1.154   7.778   1.00 38.81 ? 80  HOH A O     1 
HETATM 864 O  O     . HOH K 5 .  ? -3.653  2.272   -9.022  1.00 38.88 ? 81  HOH A O     1 
HETATM 865 O  O     . HOH K 5 .  ? 1.452   15.542  2.856   1.00 40.17 ? 82  HOH A O     1 
HETATM 866 O  O     . HOH K 5 .  ? -7.885  -2.355  -2.497  1.00 31.93 ? 83  HOH A O     1 
HETATM 867 O  O     . HOH K 5 .  ? 11.513  -21.818 -7.157  1.00 38.58 ? 84  HOH A O     1 
HETATM 868 O  O     . HOH K 5 .  ? -0.941  15.134  4.773   1.00 38.99 ? 85  HOH A O     1 
HETATM 869 O  O     . HOH K 5 .  ? -10.951 1.938   3.958   1.00 27.95 ? 86  HOH A O     1 
HETATM 870 O  O     . HOH K 5 .  ? 0.913   20.222  7.617   1.00 33.80 ? 87  HOH A O     1 
HETATM 871 O  O     . HOH K 5 .  ? -5.577  8.260   -5.690  1.00 31.67 ? 88  HOH A O     1 
HETATM 872 O  O     . HOH K 5 .  ? -15.896 13.112  11.482  1.00 44.48 ? 89  HOH A O     1 
HETATM 873 O  O     . HOH K 5 .  ? 8.182   -13.481 -0.858  1.00 27.99 ? 90  HOH A O     1 
HETATM 874 O  O     . HOH K 5 .  ? -2.788  -7.692  11.591  1.00 25.18 ? 91  HOH A O     1 
HETATM 875 O  O     . HOH K 5 .  ? 7.252   15.515  4.078   1.00 21.77 ? 92  HOH A O     1 
HETATM 876 O  O     . HOH K 5 .  ? -7.898  13.208  -9.155  0.50 15.14 ? 93  HOH A O     1 
HETATM 877 O  O     . HOH K 5 .  ? 6.089   5.307   6.526   1.00 48.70 ? 94  HOH A O     1 
HETATM 878 O  O     . HOH K 5 .  ? 5.567   13.884  5.470   1.00 35.98 ? 95  HOH A O     1 
HETATM 879 O  O     . HOH K 5 .  ? -7.809  24.127  9.673   1.00 37.21 ? 96  HOH A O     1 
HETATM 880 O  O     . HOH K 5 .  ? -3.055  -2.316  -0.677  1.00 29.78 ? 97  HOH A O     1 
HETATM 881 O  O     . HOH K 5 .  ? 1.665   -6.266  -8.426  1.00 26.39 ? 98  HOH A O     1 
HETATM 882 O  O     . HOH K 5 .  ? 5.333   -5.582  -8.046  1.00 25.54 ? 99  HOH A O     1 
HETATM 883 O  O     . HOH K 5 .  ? -9.733  -3.510  8.615   1.00 35.89 ? 109 HOH A O     1 
HETATM 884 O  O     . HOH K 5 .  ? -11.587 -6.176  5.851   1.00 33.86 ? 110 HOH A O     1 
HETATM 885 O  O     . HOH K 5 .  ? -9.364  -8.055  7.232   1.00 29.66 ? 111 HOH A O     1 
HETATM 886 O  O     . HOH K 5 .  ? -2.321  -5.167  -0.690  1.00 42.96 ? 112 HOH A O     1 
HETATM 887 O  O     . HOH K 5 .  ? -14.693 7.046   4.933   1.00 22.97 ? 113 HOH A O     1 
HETATM 888 O  O     . HOH K 5 .  ? -10.090 0.617   7.206   1.00 35.57 ? 114 HOH A O     1 
HETATM 889 O  O     . HOH K 5 .  ? -8.002  -3.731  -0.352  1.00 34.01 ? 115 HOH A O     1 
HETATM 890 O  O     . HOH K 5 .  ? 8.388   -4.794  -5.941  1.00 31.76 ? 116 HOH A O     1 
HETATM 891 O  O     . HOH K 5 .  ? 12.316  -11.199 -2.199  1.00 33.95 ? 117 HOH A O     1 
HETATM 892 O  O     . HOH K 5 .  ? 9.905   -10.654 -12.946 1.00 39.68 ? 118 HOH A O     1 
HETATM 893 O  O     . HOH K 5 .  ? -4.830  -6.690  -9.258  1.00 47.43 ? 119 HOH A O     1 
HETATM 894 O  O     . HOH K 5 .  ? -1.715  -6.886  -6.300  1.00 34.76 ? 120 HOH A O     1 
HETATM 895 O  O     . HOH K 5 .  ? 9.078   -1.383  -3.144  1.00 42.71 ? 121 HOH A O     1 
HETATM 896 O  O     . HOH K 5 .  ? 0.875   -5.330  -4.270  1.00 42.94 ? 122 HOH A O     1 
HETATM 897 O  O     . HOH K 5 .  ? 2.232   -6.546  -2.438  1.00 32.04 ? 123 HOH A O     1 
HETATM 898 O  O     . HOH K 5 .  ? 3.195   -3.771  -0.704  1.00 31.86 ? 124 HOH A O     1 
HETATM 899 O  O     . HOH K 5 .  ? 4.698   -8.950  -14.881 1.00 37.49 ? 125 HOH A O     1 
HETATM 900 O  O     . HOH K 5 .  ? -16.472 -6.775  6.588   1.00 44.15 ? 126 HOH A O     1 
HETATM 901 O  O     . HOH K 5 .  ? -14.315 -5.224  4.401   1.00 47.52 ? 127 HOH A O     1 
HETATM 902 O  O     . HOH K 5 .  ? -2.092  -3.746  -4.381  1.00 29.17 ? 128 HOH A O     1 
HETATM 903 O  O     . HOH K 5 .  ? -4.520  -2.980  -3.547  1.00 39.91 ? 129 HOH A O     1 
HETATM 904 O  O     . HOH K 5 .  ? -5.444  -3.746  -1.197  1.00 36.03 ? 130 HOH A O     1 
HETATM 905 O  O     . HOH K 5 .  ? -9.867  -6.778  3.546   1.00 35.92 ? 131 HOH A O     1 
HETATM 906 O  O     . HOH K 5 .  ? 0.046   -1.462  9.795   1.00 40.43 ? 132 HOH A O     1 
HETATM 907 O  O     . HOH K 5 .  ? -1.316  7.340   1.362   1.00 28.22 ? 133 HOH A O     1 
HETATM 908 O  O     . HOH K 5 .  ? -2.365  6.234   -0.841  1.00 23.29 ? 134 HOH A O     1 
HETATM 909 O  O     . HOH K 5 .  ? 1.176   6.404   1.556   1.00 26.59 ? 135 HOH A O     1 
HETATM 910 O  O     . HOH K 5 .  ? 3.793   5.167   11.719  1.00 45.28 ? 136 HOH A O     1 
HETATM 911 O  O     . HOH K 5 .  ? 7.036   6.362   13.113  1.00 54.21 ? 137 HOH A O     1 
HETATM 912 O  O     . HOH K 5 .  ? -3.450  14.406  7.323   1.00 35.42 ? 138 HOH A O     1 
HETATM 913 O  O     . HOH K 5 .  ? -0.059  17.633  3.707   1.00 34.58 ? 139 HOH A O     1 
HETATM 914 O  O     . HOH K 5 .  ? -1.853  15.100  -7.576  1.00 20.61 ? 140 HOH A O     1 
HETATM 915 O  O     . HOH K 5 .  ? -15.589 4.701   -4.755  1.00 39.47 ? 141 HOH A O     1 
HETATM 916 O  O     . HOH K 5 .  ? -8.312  25.102  5.393   1.00 19.15 ? 142 HOH A O     1 
HETATM 917 O  O     . HOH K 5 .  ? -1.557  23.046  9.148   1.00 33.26 ? 143 HOH A O     1 
HETATM 918 O  O     . HOH K 5 .  ? 14.193  4.232   -0.010  1.00 43.82 ? 144 HOH A O     1 
HETATM 919 O  O     . HOH K 5 .  ? 11.555  2.544   0.526   1.00 39.38 ? 145 HOH A O     1 
HETATM 920 O  O     . HOH K 5 .  ? -0.568  -14.878 7.926   1.00 46.07 ? 146 HOH A O     1 
HETATM 921 O  O     . HOH K 5 .  ? 9.131   -16.400 -0.698  1.00 42.68 ? 147 HOH A O     1 
HETATM 922 O  O     . HOH K 5 .  ? 7.407   -11.088 -1.859  1.00 48.15 ? 148 HOH A O     1 
HETATM 923 O  O     . HOH K 5 .  ? 9.920   -15.133 -2.914  1.00 39.25 ? 149 HOH A O     1 
HETATM 924 O  O     . HOH K 5 .  ? 12.447  -15.982 -3.770  1.00 30.59 ? 150 HOH A O     1 
HETATM 925 O  O     . HOH K 5 .  ? 19.653  -19.178 -14.183 1.00 34.88 ? 151 HOH A O     1 
HETATM 926 O  O     . HOH K 5 .  ? 20.345  -17.406 -16.105 1.00 46.52 ? 152 HOH A O     1 
HETATM 927 O  O     . HOH K 5 .  ? 5.527   -3.722  -1.507  1.00 26.93 ? 153 HOH A O     1 
HETATM 928 O  O     . HOH K 5 .  ? 4.805   -6.109  -2.034  1.00 34.85 ? 154 HOH A O     1 
HETATM 929 O  O     . HOH K 5 .  ? -10.323 17.603  12.610  1.00 47.06 ? 155 HOH A O     1 
HETATM 930 O  O     . HOH K 5 .  ? -14.635 3.346   13.542  1.00 30.00 ? 156 HOH A O     1 
HETATM 931 O  O     . HOH K 5 .  ? 28.375  -15.944 -15.331 1.00 44.20 ? 157 HOH A O     1 
HETATM 932 O  O     . HOH K 5 .  ? 27.663  -16.259 -12.773 1.00 26.95 ? 158 HOH A O     1 
HETATM 933 O  O     . HOH K 5 .  ? 6.645   11.806  6.722   1.00 47.46 ? 159 HOH A O     1 
HETATM 934 O  O     . HOH K 5 .  ? 9.792   -12.237 -2.459  1.00 29.16 ? 160 HOH A O     1 
HETATM 935 O  O     . HOH K 5 .  ? 13.714  -19.070 -6.781  1.00 53.20 ? 161 HOH A O     1 
HETATM 936 O  O     . HOH K 5 .  ? -1.960  15.410  -4.880  1.00 14.53 ? 162 HOH A O     1 
HETATM 937 O  O     . HOH K 5 .  ? -8.108  23.098  7.115   1.00 20.51 ? 163 HOH A O     1 
HETATM 938 O  O     . HOH K 5 .  ? -5.642  15.818  4.294   1.00 18.27 ? 164 HOH A O     1 
HETATM 939 O  O     . HOH K 5 .  ? -4.315  25.920  0.445   1.00 13.80 ? 165 HOH A O     1 
HETATM 940 O  O     . HOH K 5 .  ? -2.784  10.922  5.799   1.00 17.01 ? 166 HOH A O     1 
HETATM 941 O  O     . HOH K 5 .  ? -4.250  16.845  7.936   1.00 19.09 ? 167 HOH A O     1 
HETATM 942 O  O     . HOH K 5 .  ? -21.748 3.638   6.434   1.00 21.47 ? 168 HOH A O     1 
HETATM 943 O  O     . HOH K 5 .  ? -3.745  16.719  -1.234  1.00 17.06 ? 169 HOH A O     1 
HETATM 944 O  O     . HOH K 5 .  ? -5.882  11.856  5.820   1.00 16.09 ? 170 HOH A O     1 
HETATM 945 O  O     . HOH K 5 .  ? -12.824 -0.584  2.448   1.00 30.69 ? 171 HOH A O     1 
HETATM 946 O  O     . HOH K 5 .  ? 0.413   12.937  -1.745  1.00 19.73 ? 172 HOH A O     1 
HETATM 947 O  O     . HOH K 5 .  ? -4.199  18.033  4.207   1.00 14.97 ? 173 HOH A O     1 
HETATM 948 O  O     . HOH K 5 .  ? 7.441   -8.168  3.774   1.00 30.71 ? 174 HOH A O     1 
HETATM 949 O  O     . HOH K 5 .  ? -8.670  17.880  -8.002  1.00 26.21 ? 175 HOH A O     1 
HETATM 950 O  O     . HOH K 5 .  ? -3.217  16.728  -11.164 1.00 36.98 ? 176 HOH A O     1 
HETATM 951 O  O     . HOH K 5 .  ? 0.836   21.537  -6.202  1.00 19.14 ? 177 HOH A O     1 
HETATM 952 O  O     . HOH K 5 .  ? 1.566   18.760  -5.821  0.50 16.32 ? 178 HOH A O     1 
HETATM 953 O  O     . HOH K 5 .  ? -2.501  14.327  -1.811  1.00 16.32 ? 179 HOH A O     1 
HETATM 954 O  O     . HOH K 5 .  ? -1.384  18.884  10.451  1.00 32.49 ? 180 HOH A O     1 
HETATM 955 O  O     . HOH K 5 .  ? -6.272  11.981  2.597   1.00 12.85 ? 181 HOH A O     1 
HETATM 956 O  O     . HOH K 5 .  ? -3.034  17.720  1.567   1.00 17.11 ? 182 HOH A O     1 
HETATM 957 O  O     . HOH K 5 .  ? 10.720  -4.961  -2.744  1.00 34.70 ? 183 HOH A O     1 
HETATM 958 O  O     . HOH K 5 .  ? -17.457 11.289  7.120   1.00 22.75 ? 184 HOH A O     1 
HETATM 959 O  O     . HOH K 5 .  ? 2.381   -6.987  -5.608  1.00 29.81 ? 185 HOH A O     1 
HETATM 960 O  O     . HOH K 5 .  ? -4.172  24.255  8.262   1.00 41.43 ? 186 HOH A O     1 
HETATM 961 O  O     . HOH K 5 .  ? 2.673   19.729  2.171   1.00 18.90 ? 187 HOH A O     1 
HETATM 962 O  O     . HOH K 5 .  ? -4.788  12.489  8.442   1.00 22.59 ? 188 HOH A O     1 
HETATM 963 O  O     . HOH K 5 .  ? -5.430  5.944   -3.792  1.00 31.01 ? 189 HOH A O     1 
HETATM 964 O  O     . HOH K 5 .  ? 11.278  1.841   5.763   1.00 36.08 ? 190 HOH A O     1 
HETATM 965 O  O     . HOH K 5 .  ? -12.088 6.053   6.884   1.00 21.39 ? 191 HOH A O     1 
HETATM 966 O  O     . HOH K 5 .  ? -13.395 3.993   4.409   1.00 22.77 ? 192 HOH A O     1 
HETATM 967 O  O     . HOH K 5 .  ? 0.084   15.216  0.431   1.00 20.06 ? 193 HOH A O     1 
HETATM 968 O  O     . HOH K 5 .  ? 0.599   13.032  -5.113  1.00 19.55 ? 194 HOH A O     1 
HETATM 969 O  O     . HOH K 5 .  ? 7.942   10.365  4.994   1.00 27.69 ? 195 HOH A O     1 
HETATM 970 O  O     . HOH K 5 .  ? 8.010   -4.149  2.784   1.00 32.39 ? 196 HOH A O     1 
HETATM 971 O  O     . HOH K 5 .  ? -7.060  3.856   7.712   1.00 25.75 ? 197 HOH A O     1 
HETATM 972 O  O     . HOH K 5 .  ? -2.795  -6.829  8.952   1.00 31.78 ? 198 HOH A O     1 
HETATM 973 O  O     . HOH K 5 .  ? -13.049 -4.323  2.278   1.00 36.97 ? 199 HOH A O     1 
HETATM 974 O  O     . HOH K 5 .  ? 0.690   18.006  0.026   1.00 18.01 ? 200 HOH A O     1 
HETATM 975 O  O     . HOH K 5 .  ? 5.289   -6.705  -5.313  1.00 39.07 ? 201 HOH A O     1 
HETATM 976 O  O     . HOH K 5 .  ? 11.601  -8.618  -11.833 1.00 27.22 ? 202 HOH A O     1 
HETATM 977 O  O     . HOH K 5 .  ? -8.201  1.891   5.619   1.00 26.66 ? 203 HOH A O     1 
HETATM 978 O  O     . HOH K 5 .  ? -9.462  5.410   7.698   1.00 33.13 ? 204 HOH A O     1 
HETATM 979 O  O     . HOH K 5 .  ? -8.429  2.626   9.960   1.00 33.19 ? 205 HOH A O     1 
HETATM 980 O  O     . HOH K 5 .  ? -10.222 -0.933  2.106   1.00 23.53 ? 206 HOH A O     1 
HETATM 981 O  O     . HOH K 5 .  ? -10.837 -2.061  -0.594  1.00 27.25 ? 207 HOH A O     1 
HETATM 982 O  O     . HOH K 5 .  ? 12.591  3.090   2.994   1.00 40.69 ? 208 HOH A O     1 
HETATM 983 O  O     . HOH K 5 .  ? 14.260  -21.096 -12.222 1.00 36.06 ? 209 HOH A O     1 
# 
